data_7JLQ
#
_entry.id   7JLQ
#
_cell.length_a   1.00
_cell.length_b   1.00
_cell.length_c   1.00
_cell.angle_alpha   90.00
_cell.angle_beta   90.00
_cell.angle_gamma   90.00
#
_symmetry.space_group_name_H-M   'P 1'
#
_entity_poly.entity_id   1
_entity_poly.type   'polypeptide(L)'
_entity_poly.pdbx_seq_one_letter_code
;MAQFDTEYQRLEASYSDSPPGEEDLLVHVAEGSKSPWHHIENLDLFFSRVYNLHQKNGFTCMLIGEIFELMQFLFVVAFT
TFLVSCVDYDILFANKMVNHSLHPTEPVKVTLPDAFLPAQVCSARIQENGSLITILVIAGVFWIHRLIKFIYNICCYWEI
HSFYLHALRIPMSALPYCTWQEVQARIVQTQKEHQICIHKRELTELDIYHRILRFQNYMVALVNKSLLPLRFRLPGLGEA
VFFTRGLKYNFELILFWGPGSLFLNEWSLKAEYKRGGQRLELAQRLSNRILWIGIANFLLCPLILIWQILYAFFSYAEVL
KREPGALGARCWSLYGRCYLRHFNELEHELQSRLNRGYKPASKYMNCFLSPLLTLLAKNGAFFAGSILAVLIALTIYDED
VLAVEHVLTTVTLLGVTVTVCRSFIPDQHMVFCPEQLLRVILAHIHYMPDHWQGNAHRSQTRDEFAQLFQYKAVFILEEL
LSPIVTPLILIFCLRPRALEIIDFFRNFTVEVVGVGDTCSFAQMDVRQHGHPQWLSAGQTEASVYQQAEDGKTELSLMHF
AITNPGWQPPRESTAFLG
;
_entity_poly.pdbx_strand_id   A,B,C
#
# COMPACT_ATOMS: atom_id res chain seq x y z
N PRO A 36 -1.06 41.48 -37.83
CA PRO A 36 -2.34 41.44 -37.12
C PRO A 36 -2.13 41.64 -35.62
N TRP A 37 -0.99 41.18 -35.14
CA TRP A 37 -0.63 41.27 -33.73
C TRP A 37 0.15 42.56 -33.45
N HIS A 38 -0.43 43.68 -33.88
CA HIS A 38 0.10 44.99 -33.55
C HIS A 38 -0.87 45.87 -32.79
N HIS A 39 -2.15 45.90 -33.17
CA HIS A 39 -3.13 46.72 -32.45
C HIS A 39 -3.80 45.83 -31.41
N ILE A 40 -3.15 45.70 -30.27
CA ILE A 40 -3.65 44.93 -29.14
C ILE A 40 -4.04 45.85 -27.99
N GLU A 41 -3.09 46.69 -27.55
CA GLU A 41 -3.24 47.68 -26.48
C GLU A 41 -3.52 47.05 -25.12
N ASN A 42 -3.59 45.72 -25.04
CA ASN A 42 -3.89 45.03 -23.79
C ASN A 42 -2.95 43.85 -23.61
N LEU A 43 -1.65 44.09 -23.80
CA LEU A 43 -0.68 42.99 -23.75
C LEU A 43 -0.76 42.19 -22.47
N ASP A 44 -1.17 42.83 -21.38
CA ASP A 44 -1.35 42.13 -20.11
C ASP A 44 -2.36 41.01 -20.22
N LEU A 45 -3.58 41.31 -20.69
CA LEU A 45 -4.61 40.29 -20.81
C LEU A 45 -4.22 39.25 -21.84
N PHE A 46 -3.55 39.69 -22.90
CA PHE A 46 -3.11 38.76 -23.95
C PHE A 46 -2.15 37.71 -23.42
N PHE A 47 -1.14 38.14 -22.67
CA PHE A 47 -0.18 37.16 -22.18
C PHE A 47 -0.80 36.22 -21.16
N SER A 48 -1.71 36.71 -20.33
CA SER A 48 -2.43 35.84 -19.41
C SER A 48 -3.21 34.78 -20.17
N ARG A 49 -3.84 35.16 -21.28
CA ARG A 49 -4.59 34.18 -22.05
C ARG A 49 -3.66 33.20 -22.74
N VAL A 50 -2.50 33.68 -23.22
CA VAL A 50 -1.53 32.78 -23.84
C VAL A 50 -1.05 31.73 -22.85
N TYR A 51 -0.88 32.11 -21.59
CA TYR A 51 -0.46 31.16 -20.56
C TYR A 51 -1.57 30.20 -20.19
N ASN A 52 -2.80 30.68 -20.08
CA ASN A 52 -3.89 29.81 -19.61
C ASN A 52 -4.22 28.73 -20.63
N LEU A 53 -4.04 28.99 -21.91
CA LEU A 53 -4.32 27.95 -22.88
C LEU A 53 -3.28 26.85 -22.77
N HIS A 54 -2.06 27.20 -22.39
CA HIS A 54 -1.08 26.14 -22.16
C HIS A 54 -1.40 25.42 -20.88
N GLN A 55 -1.92 26.13 -19.89
CA GLN A 55 -2.28 25.47 -18.65
C GLN A 55 -3.55 24.67 -18.87
N LYS A 56 -4.30 24.95 -19.92
CA LYS A 56 -5.50 24.19 -20.21
C LYS A 56 -5.26 23.10 -21.23
N ASN A 57 -4.02 22.86 -21.64
CA ASN A 57 -3.70 21.73 -22.50
C ASN A 57 -4.37 21.83 -23.86
N GLY A 58 -4.36 23.02 -24.44
CA GLY A 58 -4.86 23.24 -25.78
C GLY A 58 -6.12 24.07 -25.81
N PHE A 59 -6.77 24.08 -26.96
CA PHE A 59 -7.95 24.89 -27.15
C PHE A 59 -9.26 24.15 -26.89
N THR A 60 -9.40 22.93 -27.41
CA THR A 60 -10.64 22.20 -27.21
C THR A 60 -10.86 21.89 -25.74
N CYS A 61 -9.80 21.59 -25.01
CA CYS A 61 -9.95 21.31 -23.59
C CYS A 61 -10.42 22.55 -22.86
N MET A 62 -9.90 23.72 -23.23
CA MET A 62 -10.37 24.93 -22.59
C MET A 62 -11.85 25.13 -22.88
N LEU A 63 -12.23 25.02 -24.16
CA LEU A 63 -13.64 25.13 -24.50
C LEU A 63 -14.46 24.08 -23.79
N ILE A 64 -13.98 22.84 -23.79
CA ILE A 64 -14.74 21.77 -23.17
C ILE A 64 -14.77 21.94 -21.65
N GLY A 65 -13.65 22.39 -21.08
CA GLY A 65 -13.63 22.66 -19.66
C GLY A 65 -14.57 23.76 -19.22
N GLU A 66 -14.60 24.86 -19.99
CA GLU A 66 -15.50 25.95 -19.66
C GLU A 66 -16.96 25.52 -19.74
N ILE A 67 -17.31 24.75 -20.76
CA ILE A 67 -18.69 24.29 -20.90
C ILE A 67 -19.10 23.43 -19.71
N PHE A 68 -18.24 22.53 -19.28
CA PHE A 68 -18.62 21.70 -18.14
C PHE A 68 -18.68 22.51 -16.86
N GLU A 69 -17.88 23.55 -16.75
CA GLU A 69 -17.97 24.43 -15.59
C GLU A 69 -19.34 25.08 -15.54
N LEU A 70 -19.78 25.64 -16.66
CA LEU A 70 -21.11 26.22 -16.73
C LEU A 70 -22.17 25.18 -16.41
N MET A 71 -22.00 23.97 -16.94
CA MET A 71 -22.93 22.88 -16.73
C MET A 71 -23.00 22.41 -15.28
N GLN A 72 -21.91 22.51 -14.53
CA GLN A 72 -21.99 22.11 -13.13
C GLN A 72 -22.95 22.98 -12.35
N PHE A 73 -22.86 24.29 -12.51
CA PHE A 73 -23.79 25.16 -11.82
C PHE A 73 -25.22 24.87 -12.23
N LEU A 74 -25.46 24.78 -13.54
CA LEU A 74 -26.81 24.55 -14.00
C LEU A 74 -27.35 23.24 -13.46
N PHE A 75 -26.51 22.20 -13.45
CA PHE A 75 -26.98 20.92 -12.95
C PHE A 75 -27.31 21.00 -11.47
N VAL A 76 -26.45 21.66 -10.70
CA VAL A 76 -26.69 21.79 -9.28
C VAL A 76 -28.03 22.47 -9.06
N VAL A 77 -28.25 23.58 -9.74
CA VAL A 77 -29.48 24.33 -9.56
C VAL A 77 -30.66 23.49 -10.01
N ALA A 78 -30.55 22.89 -11.19
CA ALA A 78 -31.68 22.15 -11.72
C ALA A 78 -32.01 20.93 -10.88
N PHE A 79 -31.00 20.19 -10.42
CA PHE A 79 -31.32 19.02 -9.63
C PHE A 79 -31.93 19.40 -8.29
N THR A 80 -31.40 20.44 -7.66
CA THR A 80 -31.99 20.87 -6.39
C THR A 80 -33.41 21.36 -6.62
N THR A 81 -33.61 22.12 -7.69
CA THR A 81 -34.94 22.61 -8.00
C THR A 81 -35.88 21.45 -8.30
N PHE A 82 -35.40 20.48 -9.07
CA PHE A 82 -36.23 19.32 -9.40
C PHE A 82 -36.58 18.54 -8.14
N LEU A 83 -35.59 18.36 -7.27
CA LEU A 83 -35.81 17.67 -6.01
C LEU A 83 -36.77 18.45 -5.13
N VAL A 84 -36.69 19.78 -5.18
CA VAL A 84 -37.52 20.60 -4.31
C VAL A 84 -38.98 20.55 -4.76
N SER A 85 -39.22 20.58 -6.06
CA SER A 85 -40.57 20.77 -6.59
C SER A 85 -41.18 19.47 -7.10
N CYS A 86 -40.49 18.79 -8.04
CA CYS A 86 -41.11 17.67 -8.74
C CYS A 86 -41.39 16.49 -7.81
N VAL A 87 -40.33 15.94 -7.21
CA VAL A 87 -40.50 14.74 -6.40
C VAL A 87 -41.40 15.04 -5.19
N ASP A 88 -42.18 14.03 -4.78
CA ASP A 88 -43.16 14.21 -3.72
C ASP A 88 -42.79 13.58 -2.40
N TYR A 89 -41.96 12.52 -2.39
CA TYR A 89 -41.45 11.91 -1.17
C TYR A 89 -42.57 11.30 -0.32
N ASP A 90 -43.79 11.33 -0.86
CA ASP A 90 -44.95 10.70 -0.23
C ASP A 90 -45.08 9.25 -0.69
N ILE A 91 -45.18 9.04 -2.00
CA ILE A 91 -45.20 7.69 -2.55
C ILE A 91 -43.81 7.09 -2.60
N LEU A 92 -42.78 7.79 -2.11
CA LEU A 92 -41.48 7.15 -2.01
C LEU A 92 -41.32 6.42 -0.68
N PHE A 93 -41.70 7.06 0.43
CA PHE A 93 -41.68 6.40 1.73
C PHE A 93 -42.92 5.54 1.93
N ALA A 94 -43.75 5.40 0.91
CA ALA A 94 -44.97 4.60 0.98
C ALA A 94 -45.86 5.09 2.12
N ASN A 95 -46.26 6.36 2.00
CA ASN A 95 -47.19 6.97 2.95
C ASN A 95 -47.88 8.21 2.37
N VAL A 108 -47.48 -4.57 -5.12
CA VAL A 108 -46.78 -4.43 -6.39
C VAL A 108 -45.60 -3.49 -6.23
N LYS A 109 -44.48 -3.83 -6.86
CA LYS A 109 -43.27 -3.02 -6.73
C LYS A 109 -43.46 -1.71 -7.50
N VAL A 110 -42.96 -0.62 -6.90
CA VAL A 110 -43.15 0.74 -7.42
C VAL A 110 -41.92 1.17 -8.21
N THR A 111 -42.15 1.77 -9.38
CA THR A 111 -41.06 2.22 -10.23
C THR A 111 -40.59 3.61 -9.79
N LEU A 112 -39.42 4.00 -10.29
CA LEU A 112 -38.92 5.37 -10.12
C LEU A 112 -39.79 6.43 -10.80
N PRO A 113 -40.20 6.27 -12.06
CA PRO A 113 -41.01 7.32 -12.72
C PRO A 113 -42.33 7.67 -12.02
N ASP A 114 -42.86 6.81 -11.13
CA ASP A 114 -44.07 7.19 -10.40
C ASP A 114 -43.83 8.36 -9.47
N ALA A 115 -42.70 8.40 -8.76
CA ALA A 115 -42.43 9.51 -7.87
C ALA A 115 -42.21 10.83 -8.60
N PHE A 116 -41.84 10.81 -9.88
CA PHE A 116 -41.64 12.04 -10.63
C PHE A 116 -42.97 12.60 -11.13
N LEU A 117 -43.26 13.84 -10.74
CA LEU A 117 -44.44 14.52 -11.24
C LEU A 117 -44.30 14.90 -12.72
N PRO A 118 -45.41 14.91 -13.46
CA PRO A 118 -45.37 15.37 -14.86
C PRO A 118 -44.93 16.83 -14.95
N ALA A 119 -44.46 17.19 -16.14
CA ALA A 119 -43.82 18.49 -16.35
C ALA A 119 -44.76 19.65 -15.99
N GLN A 120 -46.05 19.52 -16.29
CA GLN A 120 -46.98 20.63 -16.12
C GLN A 120 -47.18 20.97 -14.64
N VAL A 121 -47.44 19.98 -13.80
CA VAL A 121 -47.69 20.24 -12.38
C VAL A 121 -46.40 20.67 -11.68
N CYS A 122 -45.26 20.19 -12.13
CA CYS A 122 -43.98 20.61 -11.55
C CYS A 122 -43.69 22.07 -11.87
N SER A 123 -43.98 22.50 -13.09
CA SER A 123 -43.81 23.90 -13.45
C SER A 123 -44.73 24.81 -12.65
N ALA A 124 -45.96 24.38 -12.40
CA ALA A 124 -46.88 25.19 -11.60
C ALA A 124 -46.43 25.36 -10.16
N ARG A 125 -45.86 24.31 -9.56
CA ARG A 125 -45.37 24.43 -8.19
C ARG A 125 -44.09 25.27 -8.11
N ILE A 126 -43.26 25.26 -9.14
CA ILE A 126 -42.06 26.10 -9.10
C ILE A 126 -42.46 27.57 -9.17
N GLN A 127 -43.27 27.92 -10.15
CA GLN A 127 -43.63 29.31 -10.37
C GLN A 127 -44.65 29.82 -9.36
N GLU A 128 -44.93 29.03 -8.32
CA GLU A 128 -45.84 29.47 -7.27
C GLU A 128 -45.20 29.42 -5.89
N ASN A 129 -43.92 29.04 -5.81
CA ASN A 129 -43.27 28.92 -4.51
C ASN A 129 -42.95 30.27 -3.92
N GLY A 130 -42.65 31.26 -4.77
CA GLY A 130 -42.37 32.60 -4.32
C GLY A 130 -40.99 32.69 -3.68
N SER A 131 -40.79 31.91 -2.63
CA SER A 131 -39.51 31.84 -1.95
C SER A 131 -38.50 30.97 -2.68
N LEU A 132 -38.90 30.40 -3.82
CA LEU A 132 -38.00 29.60 -4.65
C LEU A 132 -37.68 30.27 -5.97
N ILE A 133 -38.64 30.99 -6.55
CA ILE A 133 -38.42 31.70 -7.80
C ILE A 133 -37.49 32.89 -7.60
N THR A 134 -37.50 33.48 -6.41
CA THR A 134 -36.59 34.59 -6.14
C THR A 134 -35.14 34.17 -6.04
N ILE A 135 -34.87 32.91 -5.70
CA ILE A 135 -33.50 32.44 -5.75
C ILE A 135 -33.11 32.05 -7.17
N LEU A 136 -34.05 31.47 -7.91
CA LEU A 136 -33.77 31.05 -9.29
C LEU A 136 -33.47 32.23 -10.18
N VAL A 137 -34.14 33.36 -9.95
CA VAL A 137 -33.88 34.54 -10.77
C VAL A 137 -32.44 35.00 -10.60
N ILE A 138 -31.96 35.02 -9.37
CA ILE A 138 -30.60 35.47 -9.12
C ILE A 138 -29.60 34.46 -9.66
N ALA A 139 -29.87 33.17 -9.46
CA ALA A 139 -29.01 32.14 -10.01
C ALA A 139 -29.05 32.11 -11.53
N GLY A 140 -30.05 32.72 -12.14
CA GLY A 140 -30.10 32.82 -13.58
C GLY A 140 -29.34 33.99 -14.16
N VAL A 141 -29.42 35.15 -13.51
CA VAL A 141 -28.72 36.32 -14.01
C VAL A 141 -27.21 36.20 -13.88
N PHE A 142 -26.71 35.55 -12.83
CA PHE A 142 -25.27 35.36 -12.75
C PHE A 142 -24.77 34.47 -13.88
N TRP A 143 -25.49 33.38 -14.15
CA TRP A 143 -25.08 32.50 -15.24
C TRP A 143 -25.19 33.19 -16.59
N ILE A 144 -26.17 34.08 -16.76
CA ILE A 144 -26.26 34.79 -18.02
C ILE A 144 -25.04 35.69 -18.18
N HIS A 145 -24.66 36.39 -17.11
CA HIS A 145 -23.45 37.17 -17.15
C HIS A 145 -22.25 36.30 -17.44
N ARG A 146 -22.18 35.14 -16.78
CA ARG A 146 -21.07 34.25 -17.03
C ARG A 146 -21.05 33.73 -18.46
N LEU A 147 -22.22 33.37 -18.99
CA LEU A 147 -22.27 32.84 -20.35
C LEU A 147 -21.87 33.90 -21.37
N ILE A 148 -22.27 35.15 -21.17
CA ILE A 148 -21.87 36.21 -22.09
C ILE A 148 -20.36 36.43 -22.01
N LYS A 149 -19.82 36.43 -20.80
CA LYS A 149 -18.38 36.54 -20.63
C LYS A 149 -17.66 35.38 -21.30
N PHE A 150 -18.24 34.19 -21.19
CA PHE A 150 -17.64 33.01 -21.82
C PHE A 150 -17.62 33.11 -23.34
N ILE A 151 -18.73 33.54 -23.93
CA ILE A 151 -18.78 33.69 -25.38
C ILE A 151 -17.76 34.71 -25.85
N TYR A 152 -17.61 35.80 -25.09
CA TYR A 152 -16.62 36.79 -25.47
C TYR A 152 -15.21 36.24 -25.30
N ASN A 153 -14.99 35.38 -24.31
CA ASN A 153 -13.64 34.88 -24.13
C ASN A 153 -13.30 33.88 -25.22
N ILE A 154 -14.30 33.16 -25.73
CA ILE A 154 -14.02 32.22 -26.80
C ILE A 154 -13.60 32.96 -28.05
N CYS A 155 -14.30 34.05 -28.36
CA CYS A 155 -13.93 34.81 -29.54
C CYS A 155 -12.59 35.49 -29.37
N CYS A 156 -12.14 35.64 -28.12
CA CYS A 156 -10.81 36.19 -27.88
C CYS A 156 -9.76 35.11 -27.75
N TYR A 157 -10.14 33.91 -27.33
CA TYR A 157 -9.15 32.84 -27.28
C TYR A 157 -8.92 32.22 -28.65
N TRP A 158 -9.92 32.28 -29.54
CA TRP A 158 -9.71 31.86 -30.92
C TRP A 158 -8.66 32.71 -31.61
N GLU A 159 -8.59 33.99 -31.28
CA GLU A 159 -7.57 34.85 -31.87
C GLU A 159 -6.20 34.45 -31.35
N ILE A 160 -6.13 34.06 -30.08
CA ILE A 160 -4.91 33.55 -29.48
C ILE A 160 -4.51 32.21 -30.07
N HIS A 161 -5.50 31.40 -30.44
CA HIS A 161 -5.25 30.13 -31.10
C HIS A 161 -4.52 30.32 -32.42
N SER A 162 -4.95 31.30 -33.20
CA SER A 162 -4.24 31.59 -34.44
C SER A 162 -2.82 32.04 -34.16
N PHE A 163 -2.60 32.79 -33.07
CA PHE A 163 -1.25 33.23 -32.76
C PHE A 163 -0.33 32.06 -32.40
N TYR A 164 -0.83 31.04 -31.72
CA TYR A 164 0.01 29.87 -31.50
C TYR A 164 0.27 29.14 -32.82
N LEU A 165 -0.77 28.97 -33.61
CA LEU A 165 -0.66 28.16 -34.82
C LEU A 165 0.25 28.82 -35.83
N HIS A 166 0.06 30.12 -36.05
CA HIS A 166 0.75 30.80 -37.14
C HIS A 166 2.05 31.42 -36.66
N ALA A 167 1.99 32.28 -35.64
CA ALA A 167 3.18 33.03 -35.26
C ALA A 167 4.23 32.12 -34.64
N LEU A 168 3.80 31.11 -33.88
CA LEU A 168 4.75 30.20 -33.24
C LEU A 168 4.94 28.89 -33.99
N ARG A 169 4.06 28.58 -34.95
CA ARG A 169 4.16 27.32 -35.70
C ARG A 169 4.14 26.12 -34.76
N ILE A 170 3.28 26.15 -33.75
CA ILE A 170 3.10 25.04 -32.83
C ILE A 170 1.70 24.50 -33.02
N PRO A 171 1.56 23.28 -33.54
CA PRO A 171 0.22 22.70 -33.73
C PRO A 171 -0.52 22.47 -32.43
N MET A 172 -1.85 22.47 -32.56
CA MET A 172 -2.77 22.26 -31.45
C MET A 172 -2.80 20.82 -30.96
N SER A 173 -2.08 19.91 -31.59
CA SER A 173 -1.99 18.54 -31.09
C SER A 173 -0.71 18.29 -30.32
N ALA A 174 0.17 19.28 -30.21
CA ALA A 174 1.40 19.16 -29.44
C ALA A 174 1.40 20.00 -28.18
N LEU A 175 0.28 20.64 -27.85
CA LEU A 175 0.25 21.44 -26.62
C LEU A 175 0.39 20.60 -25.36
N PRO A 176 -0.36 19.51 -25.15
CA PRO A 176 -0.24 18.82 -23.87
C PRO A 176 1.10 18.16 -23.67
N TYR A 177 2.00 18.32 -24.63
CA TYR A 177 3.35 17.75 -24.56
C TYR A 177 4.41 18.83 -24.70
N CYS A 178 4.05 20.10 -24.61
CA CYS A 178 5.00 21.21 -24.70
C CYS A 178 5.05 21.99 -23.39
N THR A 179 6.21 21.95 -22.74
CA THR A 179 6.46 22.72 -21.53
C THR A 179 6.38 24.22 -21.80
N TRP A 180 6.13 24.98 -20.74
CA TRP A 180 6.00 26.42 -20.89
C TRP A 180 7.31 27.02 -21.39
N GLN A 181 8.44 26.36 -21.11
CA GLN A 181 9.74 26.85 -21.57
C GLN A 181 9.83 26.84 -23.08
N GLU A 182 9.26 25.83 -23.73
CA GLU A 182 9.30 25.80 -25.19
C GLU A 182 8.47 26.94 -25.75
N VAL A 183 7.31 27.18 -25.16
CA VAL A 183 6.45 28.28 -25.59
C VAL A 183 7.10 29.62 -25.33
N GLN A 184 7.82 29.73 -24.21
CA GLN A 184 8.52 30.97 -23.88
C GLN A 184 9.63 31.32 -24.85
N ALA A 185 10.44 30.35 -25.27
CA ALA A 185 11.51 30.67 -26.21
C ALA A 185 11.01 31.13 -27.58
N ARG A 186 9.97 30.49 -28.11
CA ARG A 186 9.45 30.93 -29.41
C ARG A 186 8.73 32.26 -29.37
N ILE A 187 8.15 32.65 -28.24
CA ILE A 187 7.55 33.98 -28.16
C ILE A 187 8.62 35.06 -28.15
N VAL A 188 9.66 34.88 -27.34
CA VAL A 188 10.63 35.96 -27.13
C VAL A 188 11.56 36.08 -28.31
N GLN A 189 11.91 34.98 -28.97
CA GLN A 189 12.91 35.02 -30.01
C GLN A 189 12.33 35.53 -31.32
N THR A 190 11.03 35.36 -31.50
CA THR A 190 10.33 35.85 -32.69
C THR A 190 9.62 37.17 -32.44
N GLN A 191 10.06 37.96 -31.45
CA GLN A 191 9.37 39.22 -31.15
C GLN A 191 9.60 40.30 -32.19
N LYS A 192 10.32 40.00 -33.26
CA LYS A 192 10.53 40.95 -34.35
C LYS A 192 9.45 40.85 -35.42
N GLU A 193 8.85 39.67 -35.56
CA GLU A 193 7.83 39.41 -36.58
C GLU A 193 6.45 39.92 -36.18
N HIS A 194 5.90 39.43 -35.08
CA HIS A 194 4.56 39.85 -34.70
C HIS A 194 4.52 41.25 -34.15
N GLN A 195 5.65 41.80 -33.76
CA GLN A 195 5.83 43.19 -33.29
C GLN A 195 4.65 43.63 -32.42
N ILE A 196 4.43 42.86 -31.35
CA ILE A 196 3.33 43.15 -30.44
C ILE A 196 3.68 44.34 -29.56
N CYS A 197 4.95 44.44 -29.17
CA CYS A 197 5.43 45.48 -28.28
C CYS A 197 6.63 46.10 -28.99
N ILE A 198 6.40 47.24 -29.64
CA ILE A 198 7.45 48.00 -30.29
C ILE A 198 7.77 49.19 -29.41
N HIS A 199 6.77 49.59 -28.61
CA HIS A 199 6.93 50.70 -27.69
C HIS A 199 8.14 50.51 -26.77
N LYS A 200 8.17 49.40 -26.03
CA LYS A 200 9.39 49.04 -25.33
C LYS A 200 10.43 48.58 -26.34
N ARG A 201 11.70 48.87 -26.05
CA ARG A 201 12.75 48.60 -27.02
C ARG A 201 12.81 47.12 -27.38
N GLU A 202 12.65 46.24 -26.39
CA GLU A 202 12.69 44.80 -26.60
C GLU A 202 11.68 44.17 -25.65
N LEU A 203 11.57 42.84 -25.71
CA LEU A 203 10.77 42.07 -24.77
C LEU A 203 11.69 41.19 -23.94
N THR A 204 11.31 40.96 -22.70
CA THR A 204 12.19 40.24 -21.79
C THR A 204 11.37 39.19 -21.04
N GLU A 205 12.04 38.11 -20.64
CA GLU A 205 11.39 37.08 -19.84
C GLU A 205 10.86 37.64 -18.53
N LEU A 206 11.61 38.55 -17.91
CA LEU A 206 11.12 39.19 -16.70
C LEU A 206 9.87 40.01 -17.00
N ASP A 207 9.81 40.59 -18.19
CA ASP A 207 8.63 41.34 -18.61
C ASP A 207 7.38 40.49 -18.70
N ILE A 208 7.47 39.28 -19.28
CA ILE A 208 6.27 38.44 -19.35
C ILE A 208 5.82 38.06 -17.96
N TYR A 209 6.75 37.68 -17.09
CA TYR A 209 6.36 37.36 -15.73
C TYR A 209 5.70 38.55 -15.05
N HIS A 210 6.24 39.75 -15.28
CA HIS A 210 5.65 40.93 -14.67
C HIS A 210 4.31 41.28 -15.30
N ARG A 211 4.18 41.12 -16.61
CA ARG A 211 2.94 41.48 -17.28
C ARG A 211 1.80 40.55 -16.88
N ILE A 212 2.06 39.25 -16.77
CA ILE A 212 0.98 38.34 -16.43
C ILE A 212 0.59 38.51 -14.97
N LEU A 213 1.58 38.69 -14.09
CA LEU A 213 1.41 38.62 -12.64
C LEU A 213 1.58 39.97 -11.95
N ARG A 214 0.99 41.02 -12.51
CA ARG A 214 1.13 42.35 -11.93
C ARG A 214 0.29 42.45 -10.67
N PHE A 215 -0.83 41.73 -10.60
CA PHE A 215 -1.68 41.80 -9.44
C PHE A 215 -1.43 40.70 -8.43
N GLN A 216 -0.96 39.53 -8.85
CA GLN A 216 -0.63 38.50 -7.87
C GLN A 216 0.55 38.85 -7.00
N ASN A 217 1.52 39.57 -7.54
CA ASN A 217 2.62 40.03 -6.70
C ASN A 217 2.10 40.97 -5.63
N TYR A 218 1.13 41.80 -5.97
CA TYR A 218 0.52 42.69 -4.99
C TYR A 218 -0.18 41.87 -3.92
N MET A 219 -0.86 40.79 -4.32
CA MET A 219 -1.52 39.93 -3.34
C MET A 219 -0.51 39.28 -2.42
N VAL A 220 0.63 38.85 -2.97
CA VAL A 220 1.69 38.24 -2.18
C VAL A 220 2.24 39.21 -1.13
N ALA A 221 2.50 40.46 -1.53
CA ALA A 221 3.05 41.41 -0.58
C ALA A 221 2.08 41.75 0.55
N LEU A 222 0.77 41.73 0.30
CA LEU A 222 -0.15 42.06 1.37
C LEU A 222 -0.26 40.96 2.43
N VAL A 223 -0.25 39.68 2.04
CA VAL A 223 -0.39 38.64 3.05
C VAL A 223 0.89 38.47 3.86
N ASN A 224 2.05 38.57 3.22
CA ASN A 224 3.26 38.31 4.00
C ASN A 224 3.70 39.50 4.81
N LYS A 225 3.10 40.67 4.60
CA LYS A 225 3.35 41.82 5.46
C LYS A 225 2.24 42.04 6.47
N SER A 226 1.31 41.08 6.59
CA SER A 226 0.21 41.15 7.56
C SER A 226 -0.61 42.41 7.38
N LEU A 227 -0.79 42.80 6.13
CA LEU A 227 -1.56 43.98 5.79
C LEU A 227 -3.00 43.65 5.50
N LEU A 228 -3.37 42.39 5.61
CA LEU A 228 -4.69 41.89 5.39
C LEU A 228 -5.18 41.20 6.64
N PRO A 229 -6.45 41.33 6.95
CA PRO A 229 -6.98 40.80 8.21
C PRO A 229 -7.25 39.32 8.13
N LEU A 230 -6.21 38.54 8.40
CA LEU A 230 -6.25 37.08 8.34
C LEU A 230 -5.71 36.40 9.59
N ARG A 231 -5.63 37.10 10.73
CA ARG A 231 -5.27 36.47 12.00
C ARG A 231 -6.32 36.74 13.07
N PHE A 232 -6.77 35.70 13.77
CA PHE A 232 -7.82 35.88 14.76
C PHE A 232 -7.56 35.09 16.04
N ARG A 233 -8.08 35.63 17.14
CA ARG A 233 -8.04 34.99 18.45
C ARG A 233 -9.44 34.49 18.80
N LEU A 234 -9.61 33.19 19.02
CA LEU A 234 -10.99 32.81 19.33
C LEU A 234 -11.10 32.14 20.69
N PRO A 235 -12.14 32.47 21.46
CA PRO A 235 -12.33 31.83 22.77
C PRO A 235 -12.71 30.36 22.61
N GLY A 236 -11.86 29.48 23.13
CA GLY A 236 -12.03 28.04 23.04
C GLY A 236 -11.23 27.38 21.96
N LEU A 237 -10.67 28.15 21.04
CA LEU A 237 -9.84 27.67 19.94
C LEU A 237 -8.45 28.26 19.96
N GLY A 238 -8.32 29.52 20.35
CA GLY A 238 -7.03 30.18 20.42
C GLY A 238 -6.73 30.93 19.13
N GLU A 239 -5.54 30.71 18.58
CA GLU A 239 -5.16 31.33 17.32
C GLU A 239 -5.83 30.64 16.14
N ALA A 240 -6.39 31.43 15.23
CA ALA A 240 -7.02 30.89 14.03
C ALA A 240 -6.71 31.76 12.84
N VAL A 241 -6.20 31.16 11.77
CA VAL A 241 -5.91 31.87 10.53
C VAL A 241 -7.04 31.57 9.56
N PHE A 242 -7.87 32.57 9.27
CA PHE A 242 -9.02 32.41 8.39
C PHE A 242 -8.75 33.19 7.10
N PHE A 243 -8.23 32.51 6.08
CA PHE A 243 -7.95 33.08 4.77
C PHE A 243 -8.53 32.16 3.71
N THR A 244 -9.55 32.65 3.01
CA THR A 244 -10.28 31.88 2.04
C THR A 244 -10.21 32.57 0.68
N ARG A 245 -10.97 32.01 -0.26
CA ARG A 245 -11.04 32.55 -1.61
C ARG A 245 -11.90 33.80 -1.68
N GLY A 246 -12.95 33.88 -0.85
CA GLY A 246 -13.74 35.10 -0.85
C GLY A 246 -12.94 36.31 -0.45
N LEU A 247 -12.12 36.20 0.60
CA LEU A 247 -11.30 37.36 0.95
C LEU A 247 -10.32 37.69 -0.16
N LYS A 248 -9.69 36.68 -0.76
CA LYS A 248 -8.76 36.98 -1.84
C LYS A 248 -9.51 37.56 -3.02
N TYR A 249 -10.65 36.98 -3.37
CA TYR A 249 -11.47 37.56 -4.43
C TYR A 249 -11.92 38.97 -4.09
N ASN A 250 -12.31 39.20 -2.84
CA ASN A 250 -12.74 40.52 -2.43
C ASN A 250 -11.58 41.50 -2.39
N PHE A 251 -10.40 41.05 -1.95
CA PHE A 251 -9.25 41.92 -1.96
C PHE A 251 -8.94 42.38 -3.38
N GLU A 252 -8.92 41.45 -4.33
CA GLU A 252 -8.62 41.87 -5.69
C GLU A 252 -9.75 42.71 -6.28
N LEU A 253 -11.00 42.47 -5.84
CA LEU A 253 -12.09 43.31 -6.32
C LEU A 253 -12.03 44.69 -5.71
N ILE A 254 -11.60 44.80 -4.45
CA ILE A 254 -11.54 46.11 -3.83
C ILE A 254 -10.35 46.88 -4.37
N LEU A 255 -9.23 46.20 -4.61
CA LEU A 255 -7.99 46.88 -4.94
C LEU A 255 -7.68 46.91 -6.42
N PHE A 256 -8.05 45.89 -7.19
CA PHE A 256 -7.58 45.77 -8.56
C PHE A 256 -8.70 45.95 -9.57
N TRP A 257 -9.76 45.17 -9.47
CA TRP A 257 -10.84 45.22 -10.44
C TRP A 257 -11.86 46.30 -10.07
N GLY A 258 -12.73 46.61 -11.02
CA GLY A 258 -13.75 47.60 -10.85
C GLY A 258 -13.35 48.99 -11.30
N PRO A 259 -14.33 49.83 -11.62
CA PRO A 259 -14.03 51.20 -12.04
C PRO A 259 -13.66 52.14 -10.91
N GLY A 260 -13.77 51.70 -9.66
CA GLY A 260 -13.40 52.49 -8.51
C GLY A 260 -12.16 52.02 -7.80
N SER A 261 -11.39 51.11 -8.39
CA SER A 261 -10.24 50.57 -7.70
C SER A 261 -9.07 51.55 -7.77
N LEU A 262 -7.92 51.08 -7.32
CA LEU A 262 -6.71 51.87 -7.26
C LEU A 262 -5.99 51.94 -8.60
N PHE A 263 -6.28 51.05 -9.52
CA PHE A 263 -5.56 50.95 -10.78
C PHE A 263 -6.34 51.65 -11.88
N LEU A 264 -5.65 52.55 -12.59
CA LEU A 264 -6.29 53.43 -13.56
C LEU A 264 -6.96 52.67 -14.70
N ASN A 265 -6.18 52.05 -15.58
CA ASN A 265 -6.77 51.31 -16.69
C ASN A 265 -6.66 49.81 -16.45
N GLU A 266 -5.47 49.26 -16.51
CA GLU A 266 -5.22 47.87 -16.16
C GLU A 266 -3.87 47.65 -15.48
N TRP A 267 -2.90 48.53 -15.73
CA TRP A 267 -1.50 48.26 -15.41
C TRP A 267 -0.83 49.51 -14.83
N SER A 268 -1.63 50.43 -14.30
CA SER A 268 -1.13 51.67 -13.70
C SER A 268 -2.15 52.11 -12.67
N LEU A 269 -1.74 52.13 -11.40
CA LEU A 269 -2.60 52.72 -10.39
C LEU A 269 -2.66 54.24 -10.56
N LYS A 270 -3.84 54.80 -10.25
CA LYS A 270 -4.12 56.21 -10.48
C LYS A 270 -3.09 57.11 -9.81
N ALA A 271 -2.63 58.12 -10.56
CA ALA A 271 -1.55 59.00 -10.09
C ALA A 271 -1.90 59.70 -8.78
N GLU A 272 -3.18 59.92 -8.52
CA GLU A 272 -3.60 60.54 -7.26
C GLU A 272 -3.19 59.72 -6.05
N TYR A 273 -2.91 58.44 -6.25
CA TYR A 273 -2.47 57.54 -5.19
C TYR A 273 -0.96 57.55 -5.05
N LYS A 274 -0.27 58.43 -5.77
CA LYS A 274 1.17 58.60 -5.64
C LYS A 274 1.55 59.89 -4.94
N ARG A 275 0.59 60.62 -4.38
CA ARG A 275 0.84 61.87 -3.68
C ARG A 275 0.34 61.76 -2.25
N GLY A 276 1.24 62.00 -1.29
CA GLY A 276 0.95 61.95 0.13
C GLY A 276 0.23 63.14 0.71
N GLY A 277 -0.10 64.14 -0.10
CA GLY A 277 -0.78 65.31 0.42
C GLY A 277 -2.22 65.10 0.84
N GLN A 278 -2.83 63.99 0.45
CA GLN A 278 -4.23 63.70 0.77
C GLN A 278 -4.37 62.28 1.29
N ARG A 279 -3.52 61.90 2.23
CA ARG A 279 -3.59 60.55 2.78
C ARG A 279 -4.90 60.33 3.51
N LEU A 280 -5.32 61.29 4.33
CA LEU A 280 -6.52 61.09 5.14
C LEU A 280 -7.75 61.07 4.24
N GLU A 281 -7.78 61.98 3.28
CA GLU A 281 -8.90 62.07 2.35
C GLU A 281 -8.99 60.82 1.50
N LEU A 282 -7.85 60.33 1.01
CA LEU A 282 -7.88 59.09 0.24
C LEU A 282 -8.29 57.93 1.12
N ALA A 283 -7.80 57.92 2.37
CA ALA A 283 -8.19 56.87 3.31
C ALA A 283 -9.69 56.90 3.57
N GLN A 284 -10.28 58.09 3.71
CA GLN A 284 -11.71 58.14 3.93
C GLN A 284 -12.47 57.64 2.72
N ARG A 285 -12.01 58.03 1.53
CA ARG A 285 -12.67 57.54 0.32
C ARG A 285 -12.54 56.03 0.23
N LEU A 286 -11.35 55.50 0.55
CA LEU A 286 -11.15 54.06 0.54
C LEU A 286 -12.00 53.38 1.61
N SER A 287 -12.15 54.02 2.76
CA SER A 287 -12.98 53.45 3.81
C SER A 287 -14.43 53.36 3.37
N ASN A 288 -14.93 54.38 2.69
CA ASN A 288 -16.29 54.29 2.18
C ASN A 288 -16.40 53.15 1.19
N ARG A 289 -15.40 53.02 0.31
CA ARG A 289 -15.40 51.92 -0.66
C ARG A 289 -15.39 50.58 0.05
N ILE A 290 -14.51 50.43 1.04
CA ILE A 290 -14.44 49.19 1.79
C ILE A 290 -15.75 48.91 2.50
N LEU A 291 -16.34 49.97 3.06
CA LEU A 291 -17.62 49.81 3.75
C LEU A 291 -18.69 49.35 2.79
N TRP A 292 -18.71 49.94 1.60
CA TRP A 292 -19.72 49.58 0.61
C TRP A 292 -19.54 48.15 0.12
N ILE A 293 -18.31 47.72 -0.09
CA ILE A 293 -18.09 46.34 -0.52
C ILE A 293 -18.54 45.36 0.55
N GLY A 294 -18.29 45.71 1.81
CA GLY A 294 -18.73 44.85 2.89
C GLY A 294 -20.25 44.77 2.98
N ILE A 295 -20.93 45.88 2.72
CA ILE A 295 -22.38 45.86 2.71
C ILE A 295 -22.89 44.94 1.61
N ALA A 296 -22.25 45.00 0.44
CA ALA A 296 -22.67 44.09 -0.62
C ALA A 296 -22.46 42.64 -0.23
N ASN A 297 -21.33 42.34 0.42
CA ASN A 297 -21.11 40.98 0.89
C ASN A 297 -22.13 40.58 1.93
N PHE A 298 -22.47 41.49 2.85
CA PHE A 298 -23.48 41.15 3.84
C PHE A 298 -24.83 40.91 3.20
N LEU A 299 -25.13 41.64 2.13
CA LEU A 299 -26.38 41.40 1.42
C LEU A 299 -26.33 40.05 0.73
N LEU A 300 -25.20 39.73 0.12
CA LEU A 300 -25.05 38.47 -0.61
C LEU A 300 -24.80 37.27 0.30
N CYS A 301 -24.62 37.48 1.61
CA CYS A 301 -24.35 36.37 2.52
C CYS A 301 -25.24 35.15 2.31
N PRO A 302 -26.57 35.25 2.27
CA PRO A 302 -27.36 34.01 2.20
C PRO A 302 -27.17 33.25 0.91
N LEU A 303 -27.08 33.96 -0.21
CA LEU A 303 -26.90 33.32 -1.52
C LEU A 303 -25.56 32.61 -1.63
N ILE A 304 -24.48 33.29 -1.25
CA ILE A 304 -23.16 32.67 -1.31
C ILE A 304 -23.09 31.48 -0.39
N LEU A 305 -23.78 31.57 0.76
CA LEU A 305 -23.78 30.45 1.68
C LEU A 305 -24.42 29.23 1.04
N ILE A 306 -25.53 29.43 0.34
CA ILE A 306 -26.14 28.29 -0.36
C ILE A 306 -25.17 27.71 -1.37
N TRP A 307 -24.50 28.57 -2.16
CA TRP A 307 -23.55 28.07 -3.15
C TRP A 307 -22.39 27.31 -2.52
N GLN A 308 -21.82 27.83 -1.42
CA GLN A 308 -20.71 27.12 -0.80
C GLN A 308 -21.17 25.80 -0.19
N ILE A 309 -22.33 25.80 0.46
CA ILE A 309 -22.86 24.56 1.04
C ILE A 309 -23.10 23.53 -0.06
N LEU A 310 -23.75 23.95 -1.14
CA LEU A 310 -24.05 23.03 -2.22
C LEU A 310 -22.78 22.48 -2.85
N TYR A 311 -21.77 23.32 -3.05
CA TYR A 311 -20.55 22.85 -3.68
C TYR A 311 -19.81 21.84 -2.82
N ALA A 312 -19.70 22.09 -1.52
CA ALA A 312 -19.04 21.12 -0.65
C ALA A 312 -19.77 19.79 -0.62
N PHE A 313 -21.11 19.85 -0.54
CA PHE A 313 -21.89 18.62 -0.54
C PHE A 313 -21.75 17.85 -1.84
N PHE A 314 -22.00 18.52 -2.96
CA PHE A 314 -21.91 17.79 -4.22
C PHE A 314 -20.50 17.33 -4.53
N SER A 315 -19.48 17.95 -3.92
CA SER A 315 -18.13 17.56 -4.28
C SER A 315 -17.50 16.62 -3.26
N TYR A 316 -17.86 16.75 -1.97
CA TYR A 316 -17.16 15.97 -0.96
C TYR A 316 -18.06 15.09 -0.10
N ALA A 317 -19.38 15.21 -0.21
CA ALA A 317 -20.24 14.42 0.67
C ALA A 317 -20.33 12.95 0.28
N GLU A 318 -19.76 12.56 -0.85
CA GLU A 318 -19.70 11.16 -1.22
C GLU A 318 -18.38 10.50 -0.87
N VAL A 319 -17.28 11.26 -0.88
CA VAL A 319 -15.99 10.69 -0.50
C VAL A 319 -16.00 10.29 0.97
N LEU A 320 -16.76 11.00 1.81
CA LEU A 320 -16.90 10.60 3.21
C LEU A 320 -17.51 9.21 3.33
N LYS A 321 -18.51 8.90 2.50
CA LYS A 321 -19.14 7.60 2.61
C LYS A 321 -18.17 6.52 2.18
N ARG A 322 -17.55 6.69 1.02
CA ARG A 322 -16.76 5.60 0.47
C ARG A 322 -15.38 5.56 1.13
N GLU A 323 -14.69 6.68 1.19
CA GLU A 323 -13.31 6.73 1.70
C GLU A 323 -13.13 8.00 2.51
N PRO A 324 -13.62 8.01 3.76
CA PRO A 324 -13.51 9.22 4.58
C PRO A 324 -12.11 9.54 5.01
N GLY A 325 -11.16 8.66 4.76
CA GLY A 325 -9.81 9.03 5.09
C GLY A 325 -9.19 9.99 4.12
N ALA A 326 -9.82 10.18 2.96
CA ALA A 326 -9.26 11.14 2.02
C ALA A 326 -9.48 12.57 2.46
N LEU A 327 -10.44 12.83 3.34
CA LEU A 327 -10.64 14.17 3.84
C LEU A 327 -9.86 14.40 5.12
N GLY A 328 -9.03 13.45 5.51
CA GLY A 328 -8.14 13.61 6.63
C GLY A 328 -6.78 13.82 6.03
N ALA A 329 -6.66 13.51 4.75
CA ALA A 329 -5.40 13.76 4.07
C ALA A 329 -5.22 15.26 3.97
N ARG A 330 -4.01 15.71 4.22
CA ARG A 330 -3.84 17.15 4.26
C ARG A 330 -3.55 17.71 2.88
N CYS A 331 -3.72 19.02 2.74
CA CYS A 331 -3.43 19.73 1.49
C CYS A 331 -2.96 21.13 1.84
N TRP A 332 -2.22 21.74 0.94
CA TRP A 332 -1.72 23.08 1.19
C TRP A 332 -2.82 24.13 1.16
N SER A 333 -3.00 24.82 2.28
CA SER A 333 -4.04 25.83 2.45
C SER A 333 -3.75 27.05 1.56
N LEU A 334 -4.76 27.91 1.44
CA LEU A 334 -4.60 29.11 0.63
C LEU A 334 -3.60 30.09 1.22
N TYR A 335 -3.35 30.04 2.52
CA TYR A 335 -2.31 30.89 3.07
C TYR A 335 -0.95 30.32 2.79
N GLY A 336 -0.85 28.99 2.81
CA GLY A 336 0.41 28.42 2.42
C GLY A 336 0.70 28.61 0.97
N ARG A 337 -0.31 28.94 0.18
CA ARG A 337 0.01 29.25 -1.20
C ARG A 337 0.47 30.69 -1.33
N CYS A 338 0.04 31.58 -0.43
CA CYS A 338 0.54 32.94 -0.47
C CYS A 338 1.71 33.16 0.47
N TYR A 339 1.92 32.28 1.43
CA TYR A 339 3.08 32.49 2.28
C TYR A 339 4.31 31.84 1.69
N LEU A 340 4.14 30.71 1.01
CA LEU A 340 5.23 29.96 0.42
C LEU A 340 5.44 30.26 -1.05
N ARG A 341 4.91 31.35 -1.56
CA ARG A 341 4.99 31.63 -2.98
C ARG A 341 6.13 32.60 -3.22
N HIS A 342 6.99 32.27 -4.17
CA HIS A 342 8.03 33.21 -4.51
C HIS A 342 7.43 34.38 -5.28
N PHE A 343 8.25 35.41 -5.48
CA PHE A 343 7.87 36.48 -6.39
C PHE A 343 8.23 36.10 -7.81
N ASN A 344 7.34 36.46 -8.73
CA ASN A 344 7.43 36.15 -10.15
C ASN A 344 7.51 34.63 -10.36
N GLU A 345 6.48 33.94 -9.86
CA GLU A 345 6.37 32.49 -9.97
C GLU A 345 4.99 32.12 -10.45
N LEU A 346 4.92 31.47 -11.61
CA LEU A 346 3.68 31.07 -12.24
C LEU A 346 3.00 29.95 -11.45
N GLU A 347 1.78 29.61 -11.87
CA GLU A 347 0.97 28.67 -11.12
C GLU A 347 1.57 27.27 -11.14
N HIS A 348 2.09 26.83 -12.29
CA HIS A 348 2.65 25.49 -12.34
C HIS A 348 3.98 25.39 -11.61
N GLU A 349 4.79 26.45 -11.60
CA GLU A 349 6.05 26.38 -10.86
C GLU A 349 5.80 26.23 -9.36
N LEU A 350 4.75 26.85 -8.84
CA LEU A 350 4.42 26.67 -7.44
C LEU A 350 3.74 25.32 -7.18
N GLN A 351 2.88 24.88 -8.08
CA GLN A 351 2.19 23.62 -7.87
C GLN A 351 3.17 22.47 -7.85
N SER A 352 4.26 22.58 -8.62
CA SER A 352 5.30 21.54 -8.60
C SER A 352 5.94 21.44 -7.24
N ARG A 353 6.25 22.57 -6.62
CA ARG A 353 6.86 22.54 -5.29
C ARG A 353 5.89 21.98 -4.27
N LEU A 354 4.62 22.32 -4.36
CA LEU A 354 3.66 21.75 -3.42
C LEU A 354 3.42 20.28 -3.68
N ASN A 355 3.78 19.78 -4.87
CA ASN A 355 3.67 18.35 -5.12
C ASN A 355 4.87 17.60 -4.56
N ARG A 356 6.09 18.10 -4.78
CA ARG A 356 7.28 17.42 -4.28
C ARG A 356 7.29 17.34 -2.76
N GLY A 357 6.68 18.30 -2.09
CA GLY A 357 6.68 18.30 -0.65
C GLY A 357 5.38 17.82 -0.06
N TYR A 358 4.69 16.93 -0.75
CA TYR A 358 3.41 16.47 -0.23
C TYR A 358 3.54 15.19 0.59
N LYS A 359 4.40 14.26 0.20
CA LYS A 359 4.52 13.02 0.95
C LYS A 359 5.30 13.16 2.26
N PRO A 360 6.43 13.87 2.31
CA PRO A 360 7.03 14.13 3.63
C PRO A 360 6.10 14.88 4.57
N ALA A 361 5.27 15.77 4.04
CA ALA A 361 4.35 16.50 4.91
C ALA A 361 3.30 15.59 5.52
N SER A 362 2.79 14.62 4.77
CA SER A 362 1.85 13.71 5.41
C SER A 362 2.52 12.93 6.54
N LYS A 363 3.74 12.41 6.30
CA LYS A 363 4.47 11.73 7.36
C LYS A 363 4.73 12.62 8.56
N TYR A 364 5.14 13.87 8.33
CA TYR A 364 5.46 14.74 9.45
C TYR A 364 4.24 14.99 10.31
N MET A 365 3.13 15.34 9.70
CA MET A 365 1.94 15.55 10.50
C MET A 365 1.45 14.25 11.10
N ASN A 366 1.88 13.09 10.59
CA ASN A 366 1.42 11.84 11.16
C ASN A 366 2.36 11.24 12.22
N CYS A 367 3.46 11.90 12.56
CA CYS A 367 4.37 11.39 13.58
C CYS A 367 4.15 12.09 14.91
N PHE A 368 3.19 13.00 14.94
CA PHE A 368 2.80 13.76 16.11
C PHE A 368 1.66 13.03 16.76
N LEU A 369 1.93 12.40 17.89
CA LEU A 369 0.94 11.64 18.61
C LEU A 369 0.58 12.38 19.89
N SER A 370 0.01 11.67 20.82
CA SER A 370 -0.38 12.29 22.07
C SER A 370 -0.34 11.19 23.09
N PRO A 371 0.48 11.34 24.11
CA PRO A 371 0.58 10.30 25.14
C PRO A 371 -0.77 9.94 25.70
N LEU A 372 -1.64 10.91 25.89
CA LEU A 372 -2.96 10.57 26.41
C LEU A 372 -3.84 9.96 25.33
N LEU A 373 -3.81 10.52 24.13
CA LEU A 373 -4.63 9.95 23.07
C LEU A 373 -4.18 8.53 22.76
N THR A 374 -2.87 8.29 22.74
CA THR A 374 -2.38 6.95 22.45
C THR A 374 -2.74 5.99 23.56
N LEU A 375 -2.62 6.43 24.81
CA LEU A 375 -3.02 5.60 25.93
C LEU A 375 -4.49 5.24 25.87
N LEU A 376 -5.36 6.25 25.70
CA LEU A 376 -6.80 6.00 25.66
C LEU A 376 -7.17 5.10 24.49
N ALA A 377 -6.54 5.33 23.34
CA ALA A 377 -6.84 4.51 22.17
C ALA A 377 -6.46 3.06 22.42
N LYS A 378 -5.27 2.84 22.97
CA LYS A 378 -4.84 1.48 23.26
C LYS A 378 -5.85 0.81 24.19
N ASN A 379 -6.23 1.51 25.26
CA ASN A 379 -7.10 0.91 26.26
C ASN A 379 -8.52 0.75 25.75
N GLY A 380 -9.04 1.76 25.05
CA GLY A 380 -10.37 1.66 24.49
C GLY A 380 -10.50 0.55 23.45
N ALA A 381 -9.49 0.40 22.60
CA ALA A 381 -9.52 -0.68 21.63
C ALA A 381 -9.54 -2.02 22.32
N PHE A 382 -8.74 -2.19 23.36
CA PHE A 382 -8.74 -3.44 24.08
C PHE A 382 -10.11 -3.74 24.64
N PHE A 383 -10.70 -2.78 25.34
CA PHE A 383 -12.00 -3.01 25.97
C PHE A 383 -13.07 -3.24 24.92
N ALA A 384 -13.12 -2.38 23.90
CA ALA A 384 -14.15 -2.52 22.88
C ALA A 384 -13.98 -3.84 22.14
N GLY A 385 -12.74 -4.17 21.77
CA GLY A 385 -12.49 -5.43 21.08
C GLY A 385 -12.74 -6.64 21.96
N SER A 386 -12.48 -6.52 23.25
CA SER A 386 -12.73 -7.64 24.15
C SER A 386 -14.22 -7.92 24.28
N ILE A 387 -15.05 -6.88 24.26
CA ILE A 387 -16.49 -7.12 24.28
C ILE A 387 -16.95 -7.61 22.91
N LEU A 388 -16.41 -7.03 21.84
CA LEU A 388 -16.85 -7.40 20.51
C LEU A 388 -16.45 -8.82 20.15
N ALA A 389 -15.32 -9.29 20.66
CA ALA A 389 -14.92 -10.67 20.40
C ALA A 389 -15.90 -11.65 21.02
N VAL A 390 -16.35 -11.40 22.25
CA VAL A 390 -17.35 -12.26 22.87
C VAL A 390 -18.63 -12.21 22.06
N LEU A 391 -19.02 -11.00 21.68
CA LEU A 391 -20.24 -10.85 20.89
C LEU A 391 -20.11 -11.60 19.58
N ILE A 392 -18.94 -11.52 18.95
CA ILE A 392 -18.77 -12.19 17.67
C ILE A 392 -18.82 -13.69 17.85
N ALA A 393 -18.25 -14.20 18.95
CA ALA A 393 -18.32 -15.64 19.18
C ALA A 393 -19.76 -16.09 19.42
N LEU A 394 -20.51 -15.36 20.23
CA LEU A 394 -21.91 -15.74 20.44
C LEU A 394 -22.70 -15.61 19.14
N THR A 395 -22.33 -14.61 18.33
CA THR A 395 -22.97 -14.45 17.02
C THR A 395 -22.56 -15.57 16.08
N ILE A 396 -21.30 -15.97 16.13
CA ILE A 396 -20.80 -16.98 15.20
C ILE A 396 -21.36 -18.35 15.53
N TYR A 397 -21.46 -18.70 16.81
CA TYR A 397 -21.95 -20.03 17.15
C TYR A 397 -23.37 -20.26 16.65
N ASP A 398 -24.30 -19.47 17.16
CA ASP A 398 -25.70 -19.53 16.76
C ASP A 398 -26.16 -18.13 16.40
N GLU A 399 -26.69 -17.98 15.18
CA GLU A 399 -26.99 -16.68 14.61
C GLU A 399 -28.35 -16.15 15.02
N ASP A 400 -29.15 -16.94 15.75
CA ASP A 400 -30.38 -16.40 16.31
C ASP A 400 -30.11 -15.25 17.26
N VAL A 401 -28.87 -15.10 17.72
CA VAL A 401 -28.49 -13.94 18.52
C VAL A 401 -28.61 -12.67 17.69
N LEU A 402 -28.48 -12.79 16.36
CA LEU A 402 -28.61 -11.64 15.48
C LEU A 402 -30.02 -11.06 15.47
N ALA A 403 -31.01 -11.76 16.00
CA ALA A 403 -32.36 -11.24 16.04
C ALA A 403 -32.64 -10.43 17.30
N VAL A 404 -31.78 -10.54 18.31
CA VAL A 404 -31.94 -9.69 19.49
C VAL A 404 -31.78 -8.23 19.06
N GLU A 405 -32.50 -7.34 19.74
CA GLU A 405 -32.69 -6.00 19.22
C GLU A 405 -31.37 -5.27 19.05
N HIS A 406 -30.67 -5.03 20.16
CA HIS A 406 -29.54 -4.12 20.18
C HIS A 406 -28.21 -4.85 20.08
N VAL A 407 -28.15 -5.95 19.34
CA VAL A 407 -26.88 -6.66 19.17
C VAL A 407 -26.11 -6.17 17.96
N LEU A 408 -26.82 -5.97 16.84
CA LEU A 408 -26.19 -5.51 15.61
C LEU A 408 -25.65 -4.10 15.72
N THR A 409 -26.45 -3.18 16.27
CA THR A 409 -26.00 -1.81 16.43
C THR A 409 -24.80 -1.74 17.37
N THR A 410 -24.80 -2.55 18.42
CA THR A 410 -23.66 -2.53 19.31
C THR A 410 -22.42 -3.04 18.59
N VAL A 411 -22.56 -4.13 17.84
CA VAL A 411 -21.45 -4.67 17.08
C VAL A 411 -20.99 -3.65 16.04
N THR A 412 -21.94 -3.03 15.36
CA THR A 412 -21.60 -2.06 14.31
C THR A 412 -20.85 -0.87 14.89
N LEU A 413 -21.35 -0.29 15.97
CA LEU A 413 -20.71 0.90 16.51
C LEU A 413 -19.35 0.54 17.08
N LEU A 414 -19.25 -0.64 17.68
CA LEU A 414 -17.98 -1.08 18.24
C LEU A 414 -16.98 -1.42 17.15
N GLY A 415 -17.43 -2.00 16.04
CA GLY A 415 -16.50 -2.20 14.94
C GLY A 415 -15.98 -0.87 14.44
N VAL A 416 -16.90 0.10 14.31
CA VAL A 416 -16.48 1.43 13.93
C VAL A 416 -15.58 2.01 15.01
N THR A 417 -15.94 1.77 16.26
CA THR A 417 -15.15 2.29 17.37
C THR A 417 -13.76 1.68 17.39
N VAL A 418 -13.66 0.37 17.20
CA VAL A 418 -12.35 -0.26 17.17
C VAL A 418 -11.54 0.29 16.01
N THR A 419 -12.17 0.39 14.84
CA THR A 419 -11.43 0.84 13.66
C THR A 419 -11.00 2.29 13.82
N VAL A 420 -11.84 3.12 14.42
CA VAL A 420 -11.44 4.50 14.60
C VAL A 420 -10.36 4.60 15.65
N CYS A 421 -10.55 3.90 16.77
CA CYS A 421 -9.59 3.98 17.85
C CYS A 421 -8.28 3.35 17.46
N ARG A 422 -8.33 2.27 16.68
CA ARG A 422 -7.13 1.61 16.21
C ARG A 422 -6.46 2.38 15.10
N SER A 423 -6.96 3.57 14.79
CA SER A 423 -6.35 4.38 13.77
C SER A 423 -5.49 5.47 14.37
N PHE A 424 -5.56 5.64 15.67
CA PHE A 424 -4.70 6.58 16.37
C PHE A 424 -3.52 5.87 16.97
N ILE A 425 -3.48 4.55 16.87
CA ILE A 425 -2.41 3.74 17.43
C ILE A 425 -1.36 3.57 16.34
N PRO A 426 -0.17 4.10 16.50
CA PRO A 426 0.83 4.00 15.44
C PRO A 426 1.38 2.59 15.31
N ASP A 427 2.16 2.42 14.25
CA ASP A 427 2.90 1.20 14.01
C ASP A 427 3.96 1.08 15.09
N GLN A 428 3.97 -0.06 15.78
CA GLN A 428 4.81 -0.20 16.95
C GLN A 428 6.29 -0.12 16.62
N HIS A 429 6.67 -0.34 15.37
CA HIS A 429 8.09 -0.24 15.08
C HIS A 429 8.41 0.86 14.07
N MET A 430 7.85 2.06 14.27
CA MET A 430 8.12 3.17 13.37
C MET A 430 9.31 3.97 13.88
N VAL A 431 10.03 4.59 12.95
CA VAL A 431 11.20 5.40 13.31
C VAL A 431 10.68 6.83 13.54
N PHE A 432 10.38 7.14 14.79
CA PHE A 432 9.91 8.49 15.09
C PHE A 432 11.05 9.43 14.78
N CYS A 433 11.00 10.03 13.60
CA CYS A 433 12.01 10.95 13.13
C CYS A 433 11.33 12.19 12.57
N PRO A 434 10.73 13.00 13.44
CA PRO A 434 10.02 14.22 13.02
C PRO A 434 10.93 15.40 12.79
N GLU A 435 12.24 15.17 12.82
CA GLU A 435 13.25 16.19 12.60
C GLU A 435 13.80 16.11 11.18
N GLN A 436 13.97 14.92 10.65
CA GLN A 436 14.33 14.77 9.26
C GLN A 436 13.16 15.13 8.33
N LEU A 437 11.93 14.98 8.80
CA LEU A 437 10.77 15.29 7.96
C LEU A 437 10.71 16.78 7.60
N LEU A 438 11.01 17.65 8.56
CA LEU A 438 11.04 19.08 8.28
C LEU A 438 12.14 19.44 7.30
N ARG A 439 13.27 18.73 7.34
CA ARG A 439 14.31 18.98 6.37
C ARG A 439 13.79 18.70 4.96
N VAL A 440 13.10 17.58 4.77
CA VAL A 440 12.57 17.24 3.44
C VAL A 440 11.54 18.26 2.99
N ILE A 441 10.69 18.72 3.90
CA ILE A 441 9.65 19.67 3.52
C ILE A 441 10.26 21.04 3.19
N LEU A 442 11.13 21.55 4.04
CA LEU A 442 11.77 22.83 3.78
C LEU A 442 12.57 22.82 2.48
N ALA A 443 13.11 21.68 2.09
CA ALA A 443 13.81 21.63 0.82
C ALA A 443 12.89 21.87 -0.38
N HIS A 444 11.57 21.88 -0.20
CA HIS A 444 10.67 22.12 -1.33
C HIS A 444 9.90 23.43 -1.22
N ILE A 445 9.21 23.67 -0.12
CA ILE A 445 8.40 24.88 -0.01
C ILE A 445 9.22 26.12 0.31
N HIS A 446 10.45 25.95 0.77
CA HIS A 446 11.46 27.01 0.91
C HIS A 446 11.18 28.04 2.00
N TYR A 447 10.05 27.98 2.71
CA TYR A 447 9.72 29.02 3.69
C TYR A 447 9.24 28.38 4.99
N MET A 448 9.81 28.82 6.11
CA MET A 448 9.46 28.34 7.45
C MET A 448 9.82 29.39 8.49
N PRO A 449 8.94 29.60 9.48
CA PRO A 449 9.29 30.47 10.60
C PRO A 449 10.56 30.05 11.31
N ASP A 450 11.27 31.05 11.85
CA ASP A 450 12.59 30.79 12.41
C ASP A 450 12.53 29.92 13.64
N HIS A 451 11.40 29.92 14.36
CA HIS A 451 11.31 29.10 15.56
C HIS A 451 10.74 27.73 15.23
N TRP A 452 11.28 27.07 14.22
CA TRP A 452 10.83 25.76 13.80
C TRP A 452 12.06 24.87 13.70
N GLN A 453 13.21 25.47 13.40
CA GLN A 453 14.40 24.65 13.14
C GLN A 453 14.84 23.92 14.40
N GLY A 454 15.00 24.65 15.50
CA GLY A 454 15.44 23.95 16.69
C GLY A 454 14.38 23.03 17.27
N ASN A 455 13.29 23.63 17.75
CA ASN A 455 12.21 22.88 18.37
C ASN A 455 11.27 22.41 17.28
N ALA A 456 11.66 21.32 16.65
CA ALA A 456 10.94 20.75 15.53
C ALA A 456 9.85 19.79 15.97
N HIS A 457 9.85 19.41 17.24
CA HIS A 457 8.94 18.40 17.74
C HIS A 457 7.99 18.88 18.81
N ARG A 458 7.94 20.18 19.11
CA ARG A 458 7.01 20.56 20.15
C ARG A 458 5.59 20.44 19.63
N SER A 459 4.62 20.54 20.52
CA SER A 459 3.22 20.51 20.09
C SER A 459 2.79 21.84 19.51
N GLN A 460 3.56 22.88 19.78
CA GLN A 460 3.27 24.21 19.26
C GLN A 460 3.74 24.35 17.81
N THR A 461 4.85 23.72 17.44
CA THR A 461 5.30 23.80 16.06
C THR A 461 4.33 23.07 15.16
N ARG A 462 3.77 21.96 15.63
CA ARG A 462 2.80 21.27 14.80
C ARG A 462 1.57 22.13 14.62
N ASP A 463 1.11 22.76 15.68
CA ASP A 463 -0.08 23.60 15.62
C ASP A 463 0.16 24.88 14.84
N GLU A 464 1.42 25.21 14.56
CA GLU A 464 1.77 26.36 13.72
C GLU A 464 2.04 25.95 12.30
N PHE A 465 2.44 24.70 12.08
CA PHE A 465 2.56 24.13 10.75
C PHE A 465 1.21 23.72 10.21
N ALA A 466 0.27 23.33 11.08
CA ALA A 466 -1.03 22.93 10.59
C ALA A 466 -1.80 24.06 9.95
N GLN A 467 -1.39 25.31 10.17
CA GLN A 467 -1.98 26.44 9.48
C GLN A 467 -1.43 26.63 8.07
N LEU A 468 -0.24 26.11 7.76
CA LEU A 468 0.23 26.16 6.38
C LEU A 468 -0.22 24.94 5.61
N PHE A 469 -0.45 23.84 6.32
CA PHE A 469 -0.78 22.55 5.76
C PHE A 469 -1.97 22.05 6.56
N GLN A 470 -3.14 22.39 6.12
CA GLN A 470 -4.34 22.15 6.89
C GLN A 470 -5.01 20.87 6.44
N TYR A 471 -5.93 20.39 7.28
CA TYR A 471 -6.67 19.21 6.88
C TYR A 471 -7.48 19.54 5.66
N LYS A 472 -7.96 18.51 5.00
CA LYS A 472 -8.89 18.76 3.93
C LYS A 472 -10.28 19.00 4.50
N ALA A 473 -10.65 18.28 5.56
CA ALA A 473 -11.95 18.51 6.18
C ALA A 473 -12.02 19.91 6.77
N VAL A 474 -10.91 20.39 7.33
CA VAL A 474 -10.84 21.76 7.85
C VAL A 474 -10.92 22.77 6.72
N PHE A 475 -10.27 22.47 5.60
CA PHE A 475 -10.35 23.30 4.41
C PHE A 475 -11.79 23.45 3.96
N ILE A 476 -12.53 22.35 3.90
CA ILE A 476 -13.93 22.39 3.50
C ILE A 476 -14.72 23.25 4.47
N LEU A 477 -14.48 23.07 5.76
CA LEU A 477 -15.29 23.76 6.76
C LEU A 477 -15.11 25.27 6.67
N GLU A 478 -13.88 25.77 6.46
CA GLU A 478 -13.71 27.21 6.35
C GLU A 478 -14.03 27.76 4.97
N GLU A 479 -14.24 26.91 3.97
CA GLU A 479 -14.87 27.38 2.76
C GLU A 479 -16.35 27.59 2.98
N LEU A 480 -16.95 26.81 3.87
CA LEU A 480 -18.35 27.01 4.18
C LEU A 480 -18.54 28.29 4.99
N LEU A 481 -17.63 28.56 5.91
CA LEU A 481 -17.75 29.74 6.75
C LEU A 481 -17.24 31.01 6.07
N SER A 482 -16.61 30.91 4.90
CA SER A 482 -16.06 32.10 4.27
C SER A 482 -17.11 33.16 3.93
N PRO A 483 -18.26 32.83 3.33
CA PRO A 483 -19.24 33.88 3.02
C PRO A 483 -19.88 34.55 4.23
N ILE A 484 -19.76 33.98 5.43
CA ILE A 484 -20.32 34.63 6.61
C ILE A 484 -19.29 35.51 7.28
N VAL A 485 -18.06 35.04 7.37
CA VAL A 485 -17.03 35.76 8.12
C VAL A 485 -16.35 36.80 7.25
N THR A 486 -16.28 36.56 5.95
CA THR A 486 -15.58 37.50 5.06
C THR A 486 -16.11 38.93 5.20
N PRO A 487 -17.43 39.19 5.21
CA PRO A 487 -17.87 40.58 5.39
C PRO A 487 -17.47 41.20 6.72
N LEU A 488 -17.52 40.41 7.79
CA LEU A 488 -17.14 40.90 9.11
C LEU A 488 -15.67 41.24 9.18
N ILE A 489 -14.86 40.50 8.44
CA ILE A 489 -13.42 40.74 8.42
C ILE A 489 -13.11 42.06 7.72
N LEU A 490 -13.85 42.36 6.66
CA LEU A 490 -13.60 43.54 5.85
C LEU A 490 -14.06 44.83 6.51
N ILE A 491 -15.14 44.78 7.28
CA ILE A 491 -15.73 45.98 7.85
C ILE A 491 -15.01 46.43 9.10
N PHE A 492 -14.65 45.51 9.98
CA PHE A 492 -14.15 45.95 11.26
C PHE A 492 -12.64 45.90 11.33
N CYS A 493 -12.00 45.02 10.57
CA CYS A 493 -10.57 44.82 10.67
C CYS A 493 -9.86 45.50 9.50
N LEU A 494 -10.37 45.33 8.28
CA LEU A 494 -9.70 45.94 7.15
C LEU A 494 -10.05 47.42 7.03
N ARG A 495 -11.25 47.82 7.43
CA ARG A 495 -11.61 49.23 7.26
C ARG A 495 -10.69 50.13 8.06
N PRO A 496 -10.36 49.85 9.33
CA PRO A 496 -9.45 50.75 10.05
C PRO A 496 -8.08 50.77 9.43
N ARG A 497 -7.74 49.74 8.68
CA ARG A 497 -6.45 49.67 8.03
C ARG A 497 -6.45 50.43 6.72
N ALA A 498 -7.60 51.00 6.33
CA ALA A 498 -7.71 51.62 5.02
C ALA A 498 -6.68 52.71 4.82
N LEU A 499 -6.15 53.26 5.91
CA LEU A 499 -5.10 54.25 5.82
C LEU A 499 -3.79 53.54 5.51
N GLU A 500 -3.50 52.49 6.27
CA GLU A 500 -2.24 51.80 6.15
C GLU A 500 -2.04 51.30 4.72
N ILE A 501 -3.09 50.73 4.13
CA ILE A 501 -3.02 50.28 2.75
C ILE A 501 -2.62 51.42 1.83
N ILE A 502 -3.23 52.59 2.03
CA ILE A 502 -2.92 53.74 1.20
C ILE A 502 -1.46 54.10 1.31
N ASP A 503 -0.87 53.93 2.49
CA ASP A 503 0.55 54.16 2.63
C ASP A 503 1.32 53.09 1.87
N PHE A 504 0.87 51.85 2.02
CA PHE A 504 1.54 50.73 1.37
C PHE A 504 1.64 50.93 -0.13
N PHE A 505 0.49 51.08 -0.79
CA PHE A 505 0.46 51.29 -2.23
C PHE A 505 1.25 52.51 -2.65
N ARG A 506 1.53 53.42 -1.73
CA ARG A 506 2.32 54.60 -2.03
C ARG A 506 3.81 54.37 -1.88
N ASN A 507 4.21 53.47 -0.98
CA ASN A 507 5.64 53.29 -0.73
C ASN A 507 6.25 52.07 -1.41
N PHE A 508 5.46 51.11 -1.87
CA PHE A 508 6.02 49.89 -2.42
C PHE A 508 5.50 49.63 -3.82
N THR A 509 5.51 50.66 -4.67
CA THR A 509 5.11 50.52 -6.07
C THR A 509 6.16 51.23 -6.90
N VAL A 510 6.92 50.48 -7.70
CA VAL A 510 7.93 51.05 -8.55
C VAL A 510 7.40 51.08 -9.98
N GLU A 511 8.09 51.82 -10.85
CA GLU A 511 7.69 52.02 -12.24
C GLU A 511 8.77 51.47 -13.15
N VAL A 512 8.60 50.23 -13.58
CA VAL A 512 9.54 49.64 -14.53
C VAL A 512 9.27 50.22 -15.90
N VAL A 513 10.32 50.74 -16.53
CA VAL A 513 10.17 51.40 -17.81
C VAL A 513 9.71 50.39 -18.85
N GLY A 514 8.77 50.81 -19.70
CA GLY A 514 8.23 49.92 -20.70
C GLY A 514 7.21 48.95 -20.17
N VAL A 515 7.26 48.64 -18.88
CA VAL A 515 6.31 47.70 -18.29
C VAL A 515 5.17 48.49 -17.68
N GLY A 516 5.50 49.34 -16.71
CA GLY A 516 4.46 50.12 -16.06
C GLY A 516 4.62 50.15 -14.55
N ASP A 517 3.50 50.25 -13.86
CA ASP A 517 3.47 50.33 -12.41
C ASP A 517 3.46 48.89 -11.88
N THR A 518 4.55 48.46 -11.26
CA THR A 518 4.60 47.11 -10.72
C THR A 518 4.77 47.12 -9.21
N CYS A 519 4.60 45.92 -8.62
CA CYS A 519 4.75 45.76 -7.18
C CYS A 519 6.21 45.53 -6.82
N SER A 520 6.61 46.05 -5.67
CA SER A 520 7.96 45.82 -5.16
C SER A 520 8.20 44.36 -4.81
N PHE A 521 9.43 43.88 -5.03
CA PHE A 521 9.71 42.47 -4.82
C PHE A 521 9.85 42.23 -3.32
N PRO B 36 16.14 17.80 50.78
CA PRO B 36 15.15 16.73 50.93
C PRO B 36 15.63 15.45 50.27
N TRP B 37 16.41 15.61 49.21
CA TRP B 37 16.95 14.50 48.44
C TRP B 37 18.32 14.09 48.97
N HIS B 38 18.38 13.85 50.27
CA HIS B 38 19.58 13.32 50.90
C HIS B 38 19.35 12.00 51.62
N HIS B 39 18.25 11.85 52.36
CA HIS B 39 17.98 10.58 53.03
C HIS B 39 17.07 9.75 52.14
N ILE B 40 17.71 9.05 51.21
CA ILE B 40 17.03 8.16 50.27
C ILE B 40 17.36 6.70 50.58
N GLU B 41 18.66 6.38 50.62
CA GLU B 41 19.21 5.06 50.91
C GLU B 41 18.82 4.00 49.88
N ASN B 42 18.05 4.37 48.86
CA ASN B 42 17.62 3.42 47.85
C ASN B 42 17.78 4.02 46.46
N LEU B 43 18.96 4.58 46.19
CA LEU B 43 19.18 5.27 44.92
C LEU B 43 18.85 4.41 43.71
N ASP B 44 19.00 3.10 43.84
CA ASP B 44 18.65 2.19 42.76
C ASP B 44 17.19 2.31 42.38
N LEU B 45 16.29 2.16 43.35
CA LEU B 45 14.86 2.23 43.05
C LEU B 45 14.47 3.63 42.60
N PHE B 46 15.13 4.64 43.16
CA PHE B 46 14.85 6.02 42.80
C PHE B 46 15.16 6.29 41.33
N PHE B 47 16.32 5.86 40.86
CA PHE B 47 16.66 6.12 39.47
C PHE B 47 15.77 5.36 38.52
N SER B 48 15.40 4.13 38.87
CA SER B 48 14.45 3.38 38.05
C SER B 48 13.13 4.12 37.94
N ARG B 49 12.66 4.71 39.03
CA ARG B 49 11.41 5.44 38.98
C ARG B 49 11.56 6.72 38.17
N VAL B 50 12.71 7.38 38.28
CA VAL B 50 12.95 8.59 37.49
C VAL B 50 12.91 8.28 36.00
N TYR B 51 13.43 7.12 35.61
CA TYR B 51 13.41 6.72 34.20
C TYR B 51 12.01 6.33 33.75
N ASN B 52 11.26 5.61 34.57
CA ASN B 52 9.95 5.12 34.15
C ASN B 52 8.97 6.24 33.94
N LEU B 53 9.08 7.32 34.70
CA LEU B 53 8.16 8.42 34.49
C LEU B 53 8.44 9.09 33.16
N HIS B 54 9.69 9.10 32.72
CA HIS B 54 9.98 9.62 31.40
C HIS B 54 9.48 8.66 30.35
N GLN B 55 9.58 7.36 30.63
CA GLN B 55 9.09 6.39 29.68
C GLN B 55 7.56 6.38 29.69
N LYS B 56 6.95 6.92 30.75
CA LYS B 56 5.51 7.00 30.81
C LYS B 56 4.98 8.34 30.37
N ASN B 57 5.82 9.23 29.86
CA ASN B 57 5.36 10.49 29.27
C ASN B 57 4.67 11.38 30.31
N GLY B 58 5.24 11.47 31.48
CA GLY B 58 4.76 12.37 32.51
C GLY B 58 4.16 11.64 33.70
N PHE B 59 3.47 12.39 34.53
CA PHE B 59 2.91 11.84 35.76
C PHE B 59 1.46 11.39 35.60
N THR B 60 0.62 12.21 34.97
CA THR B 60 -0.79 11.84 34.84
C THR B 60 -0.95 10.60 33.98
N CYS B 61 -0.12 10.46 32.95
CA CYS B 61 -0.21 9.28 32.10
C CYS B 61 0.18 8.04 32.89
N MET B 62 1.19 8.15 33.76
CA MET B 62 1.53 7.00 34.57
C MET B 62 0.37 6.64 35.48
N LEU B 63 -0.18 7.64 36.17
CA LEU B 63 -1.33 7.38 37.02
C LEU B 63 -2.49 6.83 36.21
N ILE B 64 -2.76 7.43 35.06
CA ILE B 64 -3.89 6.99 34.26
C ILE B 64 -3.61 5.61 33.66
N GLY B 65 -2.36 5.37 33.26
CA GLY B 65 -2.00 4.06 32.75
C GLY B 65 -2.13 2.96 33.79
N GLU B 66 -1.66 3.24 35.01
CA GLU B 66 -1.77 2.24 36.06
C GLU B 66 -3.23 1.91 36.37
N ILE B 67 -4.08 2.94 36.43
CA ILE B 67 -5.49 2.71 36.73
C ILE B 67 -6.13 1.83 35.67
N PHE B 68 -5.84 2.10 34.41
CA PHE B 68 -6.46 1.26 33.37
C PHE B 68 -5.90 -0.15 33.39
N GLU B 69 -4.65 -0.31 33.81
CA GLU B 69 -4.09 -1.65 33.95
C GLU B 69 -4.88 -2.43 34.99
N LEU B 70 -5.09 -1.82 36.16
CA LEU B 70 -5.89 -2.44 37.19
C LEU B 70 -7.30 -2.75 36.68
N MET B 71 -7.86 -1.81 35.94
CA MET B 71 -9.21 -1.95 35.39
C MET B 71 -9.32 -3.06 34.37
N GLN B 72 -8.26 -3.34 33.61
CA GLN B 72 -8.35 -4.44 32.65
C GLN B 72 -8.58 -5.77 33.34
N PHE B 73 -7.81 -6.06 34.39
CA PHE B 73 -8.02 -7.30 35.10
C PHE B 73 -9.43 -7.37 35.69
N LEU B 74 -9.84 -6.30 36.35
CA LEU B 74 -11.17 -6.31 36.97
C LEU B 74 -12.25 -6.51 35.93
N PHE B 75 -12.10 -5.86 34.78
CA PHE B 75 -13.12 -6.02 33.75
C PHE B 75 -13.15 -7.45 33.22
N VAL B 76 -11.97 -8.02 32.99
CA VAL B 76 -11.91 -9.39 32.50
C VAL B 76 -12.63 -10.30 33.47
N VAL B 77 -12.30 -10.17 34.75
CA VAL B 77 -12.90 -11.04 35.75
C VAL B 77 -14.39 -10.81 35.83
N ALA B 78 -14.78 -9.53 35.89
CA ALA B 78 -16.20 -9.23 36.05
C ALA B 78 -17.02 -9.65 34.84
N PHE B 79 -16.51 -9.42 33.64
CA PHE B 79 -17.29 -9.82 32.48
C PHE B 79 -17.42 -11.32 32.38
N THR B 80 -16.33 -12.04 32.64
CA THR B 80 -16.42 -13.49 32.60
C THR B 80 -17.36 -14.00 33.69
N THR B 81 -17.26 -13.41 34.87
CA THR B 81 -18.15 -13.81 35.96
C THR B 81 -19.59 -13.48 35.62
N PHE B 82 -19.83 -12.30 35.04
CA PHE B 82 -21.19 -11.92 34.66
C PHE B 82 -21.73 -12.86 33.59
N LEU B 83 -20.88 -13.19 32.61
CA LEU B 83 -21.26 -14.12 31.56
C LEU B 83 -21.52 -15.51 32.13
N VAL B 84 -20.75 -15.89 33.15
CA VAL B 84 -20.87 -17.23 33.70
C VAL B 84 -22.17 -17.37 34.49
N SER B 85 -22.53 -16.33 35.25
CA SER B 85 -23.62 -16.45 36.22
C SER B 85 -24.90 -15.76 35.72
N CYS B 86 -24.82 -14.48 35.37
CA CYS B 86 -26.04 -13.71 35.13
C CYS B 86 -26.78 -14.20 33.88
N VAL B 87 -26.13 -14.14 32.72
CA VAL B 87 -26.80 -14.49 31.48
C VAL B 87 -27.22 -15.96 31.49
N ASP B 88 -28.35 -16.24 30.84
CA ASP B 88 -28.93 -17.59 30.88
C ASP B 88 -28.78 -18.37 29.59
N TYR B 89 -28.66 -17.70 28.44
CA TYR B 89 -28.40 -18.36 27.15
C TYR B 89 -29.55 -19.28 26.75
N ASP B 90 -30.62 -19.29 27.53
CA ASP B 90 -31.83 -20.03 27.23
C ASP B 90 -32.79 -19.18 26.41
N ILE B 91 -33.16 -18.01 26.92
CA ILE B 91 -33.98 -17.08 26.16
C ILE B 91 -33.17 -16.32 25.14
N LEU B 92 -31.86 -16.60 25.01
CA LEU B 92 -31.11 -15.99 23.93
C LEU B 92 -31.20 -16.83 22.65
N PHE B 93 -31.01 -18.14 22.76
CA PHE B 93 -31.18 -19.01 21.61
C PHE B 93 -32.64 -19.35 21.37
N ALA B 94 -33.55 -18.72 22.12
CA ALA B 94 -34.98 -18.95 21.97
C ALA B 94 -35.30 -20.44 22.17
N ASN B 95 -34.97 -20.92 23.36
CA ASN B 95 -35.28 -22.29 23.77
C ASN B 95 -35.26 -22.48 25.28
N VAL B 108 -42.85 -11.43 18.98
CA VAL B 108 -42.37 -10.12 19.41
C VAL B 108 -40.84 -10.16 19.55
N LYS B 109 -40.19 -9.08 19.14
CA LYS B 109 -38.74 -9.03 19.19
C LYS B 109 -38.28 -8.89 20.65
N VAL B 110 -37.20 -9.60 20.99
CA VAL B 110 -36.69 -9.70 22.35
C VAL B 110 -35.55 -8.72 22.56
N THR B 111 -35.58 -8.00 23.68
CA THR B 111 -34.54 -7.03 23.99
C THR B 111 -33.34 -7.72 24.64
N LEU B 112 -32.22 -6.99 24.69
CA LEU B 112 -31.06 -7.43 25.45
C LEU B 112 -31.29 -7.53 26.95
N PRO B 113 -31.89 -6.53 27.63
CA PRO B 113 -32.08 -6.64 29.09
C PRO B 113 -32.89 -7.85 29.56
N ASP B 114 -33.68 -8.50 28.69
CA ASP B 114 -34.38 -9.71 29.13
C ASP B 114 -33.43 -10.84 29.48
N ALA B 115 -32.37 -11.04 28.69
CA ALA B 115 -31.43 -12.10 28.99
C ALA B 115 -30.63 -11.85 30.27
N PHE B 116 -30.50 -10.61 30.71
CA PHE B 116 -29.78 -10.31 31.94
C PHE B 116 -30.64 -10.57 33.17
N LEU B 117 -30.17 -11.44 34.06
CA LEU B 117 -30.85 -11.68 35.33
C LEU B 117 -30.72 -10.47 36.26
N PRO B 118 -31.74 -10.24 37.10
CA PRO B 118 -31.65 -9.19 38.12
C PRO B 118 -30.51 -9.46 39.09
N ALA B 119 -30.09 -8.38 39.76
CA ALA B 119 -28.88 -8.43 40.59
C ALA B 119 -28.99 -9.48 41.69
N GLN B 120 -30.18 -9.65 42.28
CA GLN B 120 -30.32 -10.54 43.43
C GLN B 120 -30.09 -12.00 43.07
N VAL B 121 -30.74 -12.47 42.00
CA VAL B 121 -30.60 -13.88 41.62
C VAL B 121 -29.21 -14.16 41.07
N CYS B 122 -28.58 -13.18 40.43
CA CYS B 122 -27.22 -13.37 39.94
C CYS B 122 -26.22 -13.49 41.09
N SER B 123 -26.41 -12.69 42.13
CA SER B 123 -25.55 -12.80 43.31
C SER B 123 -25.72 -14.15 44.00
N ALA B 124 -26.95 -14.67 44.06
CA ALA B 124 -27.16 -15.97 44.69
C ALA B 124 -26.49 -17.11 43.92
N ARG B 125 -26.51 -17.05 42.59
CA ARG B 125 -25.84 -18.09 41.81
C ARG B 125 -24.32 -17.99 41.88
N ILE B 126 -23.77 -16.79 42.02
CA ILE B 126 -22.33 -16.69 42.15
C ILE B 126 -21.87 -17.27 43.47
N GLN B 127 -22.50 -16.85 44.56
CA GLN B 127 -22.06 -17.28 45.88
C GLN B 127 -22.51 -18.69 46.20
N GLU B 128 -23.02 -19.43 45.22
CA GLU B 128 -23.40 -20.82 45.42
C GLU B 128 -22.71 -21.75 44.43
N ASN B 129 -21.83 -21.22 43.58
CA ASN B 129 -21.20 -22.06 42.58
C ASN B 129 -20.11 -22.93 43.20
N GLY B 130 -19.45 -22.43 44.24
CA GLY B 130 -18.42 -23.18 44.92
C GLY B 130 -17.14 -23.25 44.11
N SER B 131 -17.26 -23.82 42.91
CA SER B 131 -16.13 -23.91 42.00
C SER B 131 -15.87 -22.60 41.27
N LEU B 132 -16.66 -21.58 41.53
CA LEU B 132 -16.46 -20.25 40.97
C LEU B 132 -16.01 -19.22 41.98
N ILE B 133 -16.50 -19.33 43.22
CA ILE B 133 -16.10 -18.41 44.28
C ILE B 133 -14.66 -18.66 44.71
N THR B 134 -14.18 -19.90 44.57
CA THR B 134 -12.79 -20.18 44.92
C THR B 134 -11.80 -19.59 43.94
N ILE B 135 -12.21 -19.35 42.70
CA ILE B 135 -11.33 -18.63 41.79
C ILE B 135 -11.41 -17.13 42.01
N LEU B 136 -12.61 -16.63 42.33
CA LEU B 136 -12.79 -15.20 42.56
C LEU B 136 -12.02 -14.72 43.78
N VAL B 137 -11.93 -15.57 44.81
CA VAL B 137 -11.20 -15.17 46.01
C VAL B 137 -9.74 -14.96 45.68
N ILE B 138 -9.16 -15.85 44.88
CA ILE B 138 -7.75 -15.71 44.54
C ILE B 138 -7.53 -14.53 43.61
N ALA B 139 -8.42 -14.36 42.64
CA ALA B 139 -8.34 -13.21 41.76
C ALA B 139 -8.60 -11.90 42.48
N GLY B 140 -9.19 -11.95 43.68
CA GLY B 140 -9.36 -10.76 44.47
C GLY B 140 -8.18 -10.38 45.34
N VAL B 141 -7.54 -11.38 45.94
CA VAL B 141 -6.38 -11.10 46.79
C VAL B 141 -5.18 -10.61 46.00
N PHE B 142 -4.98 -11.11 44.78
CA PHE B 142 -3.87 -10.59 44.00
C PHE B 142 -4.09 -9.12 43.65
N TRP B 143 -5.32 -8.77 43.24
CA TRP B 143 -5.60 -7.37 42.94
C TRP B 143 -5.50 -6.49 44.17
N ILE B 144 -5.85 -7.02 45.34
CA ILE B 144 -5.71 -6.21 46.54
C ILE B 144 -4.24 -5.94 46.80
N HIS B 145 -3.40 -6.97 46.65
CA HIS B 145 -1.98 -6.75 46.77
C HIS B 145 -1.49 -5.76 45.73
N ARG B 146 -1.97 -5.90 44.50
CA ARG B 146 -1.56 -4.97 43.46
C ARG B 146 -2.02 -3.55 43.77
N LEU B 147 -3.26 -3.40 44.24
CA LEU B 147 -3.76 -2.05 44.52
C LEU B 147 -3.01 -1.40 45.66
N ILE B 148 -2.64 -2.17 46.68
CA ILE B 148 -1.86 -1.58 47.78
C ILE B 148 -0.49 -1.17 47.27
N LYS B 149 0.14 -2.02 46.45
CA LYS B 149 1.42 -1.68 45.87
C LYS B 149 1.30 -0.44 44.99
N PHE B 150 0.19 -0.32 44.27
CA PHE B 150 -0.03 0.85 43.43
C PHE B 150 -0.17 2.13 44.23
N ILE B 151 -0.94 2.09 45.32
CA ILE B 151 -1.10 3.27 46.16
C ILE B 151 0.24 3.69 46.74
N TYR B 152 1.05 2.72 47.14
CA TYR B 152 2.36 3.06 47.67
C TYR B 152 3.25 3.62 46.58
N ASN B 153 3.11 3.14 45.35
CA ASN B 153 3.98 3.66 44.32
C ASN B 153 3.58 5.08 43.94
N ILE B 154 2.29 5.40 44.06
CA ILE B 154 1.87 6.76 43.73
C ILE B 154 2.46 7.73 44.73
N CYS B 155 2.41 7.37 46.01
CA CYS B 155 2.97 8.25 47.02
C CYS B 155 4.48 8.35 46.89
N CYS B 156 5.10 7.40 46.21
CA CYS B 156 6.53 7.48 45.96
C CYS B 156 6.84 8.13 44.63
N TYR B 157 5.94 8.05 43.66
CA TYR B 157 6.19 8.75 42.41
C TYR B 157 5.85 10.23 42.50
N TRP B 158 4.93 10.59 43.40
CA TRP B 158 4.69 12.02 43.66
C TRP B 158 5.94 12.71 44.20
N GLU B 159 6.73 12.00 45.01
CA GLU B 159 7.96 12.58 45.52
C GLU B 159 8.96 12.78 44.39
N ILE B 160 8.97 11.85 43.44
CA ILE B 160 9.80 11.95 42.25
C ILE B 160 9.32 13.07 41.34
N HIS B 161 8.01 13.30 41.32
CA HIS B 161 7.44 14.41 40.56
C HIS B 161 7.97 15.74 41.04
N SER B 162 8.04 15.93 42.35
CA SER B 162 8.61 17.15 42.88
C SER B 162 10.08 17.27 42.49
N PHE B 163 10.82 16.15 42.45
CA PHE B 163 12.21 16.23 42.07
C PHE B 163 12.40 16.68 40.61
N TYR B 164 11.51 16.25 39.71
CA TYR B 164 11.61 16.79 38.35
C TYR B 164 11.26 18.27 38.32
N LEU B 165 10.19 18.63 39.01
CA LEU B 165 9.68 19.98 38.93
C LEU B 165 10.67 20.97 39.55
N HIS B 166 11.17 20.63 40.73
CA HIS B 166 11.96 21.58 41.50
C HIS B 166 13.45 21.43 41.21
N ALA B 167 14.00 20.24 41.39
CA ALA B 167 15.44 20.08 41.28
C ALA B 167 15.91 20.26 39.83
N LEU B 168 15.12 19.79 38.87
CA LEU B 168 15.51 19.91 37.48
C LEU B 168 14.84 21.08 36.76
N ARG B 169 13.81 21.69 37.34
CA ARG B 169 13.12 22.81 36.70
C ARG B 169 12.58 22.42 35.33
N ILE B 170 12.02 21.22 35.24
CA ILE B 170 11.40 20.74 34.00
C ILE B 170 9.90 20.57 34.26
N PRO B 171 9.06 21.40 33.65
CA PRO B 171 7.62 21.27 33.86
C PRO B 171 7.05 19.96 33.36
N MET B 172 5.94 19.58 33.98
CA MET B 172 5.20 18.37 33.65
C MET B 172 4.48 18.43 32.33
N SER B 173 4.49 19.56 31.63
CA SER B 173 3.90 19.64 30.31
C SER B 173 4.92 19.53 29.20
N ALA B 174 6.20 19.42 29.53
CA ALA B 174 7.26 19.25 28.56
C ALA B 174 7.89 17.86 28.59
N LEU B 175 7.36 16.94 29.39
CA LEU B 175 7.93 15.59 29.41
C LEU B 175 7.76 14.85 28.10
N PRO B 176 6.58 14.78 27.48
CA PRO B 176 6.48 13.95 26.27
C PRO B 176 7.26 14.50 25.11
N TYR B 177 7.97 15.61 25.31
CA TYR B 177 8.79 16.24 24.29
C TYR B 177 10.24 16.39 24.74
N CYS B 178 10.63 15.72 25.82
CA CYS B 178 12.00 15.76 26.31
C CYS B 178 12.65 14.38 26.24
N THR B 179 13.68 14.26 25.41
CA THR B 179 14.47 13.04 25.31
C THR B 179 15.17 12.71 26.62
N TRP B 180 15.52 11.45 26.79
CA TRP B 180 16.17 11.03 28.02
C TRP B 180 17.51 11.73 28.18
N GLN B 181 18.13 12.13 27.06
CA GLN B 181 19.41 12.84 27.12
C GLN B 181 19.27 14.19 27.82
N GLU B 182 18.17 14.89 27.59
CA GLU B 182 17.99 16.17 28.27
C GLU B 182 17.84 15.95 29.76
N VAL B 183 17.08 14.93 30.15
CA VAL B 183 16.90 14.60 31.55
C VAL B 183 18.21 14.15 32.18
N GLN B 184 19.01 13.40 31.43
CA GLN B 184 20.31 12.95 31.92
C GLN B 184 21.30 14.07 32.20
N ALA B 185 21.39 15.07 31.32
CA ALA B 185 22.32 16.17 31.57
C ALA B 185 21.97 17.00 32.81
N ARG B 186 20.69 17.31 33.01
CA ARG B 186 20.31 18.08 34.19
C ARG B 186 20.45 17.31 35.50
N ILE B 187 20.32 15.99 35.49
CA ILE B 187 20.55 15.24 36.71
C ILE B 187 22.03 15.24 37.09
N VAL B 188 22.90 14.99 36.12
CA VAL B 188 24.31 14.78 36.44
C VAL B 188 25.01 16.11 36.72
N GLN B 189 24.60 17.18 36.05
CA GLN B 189 25.32 18.44 36.17
C GLN B 189 24.93 19.18 37.44
N THR B 190 23.73 18.92 37.95
CA THR B 190 23.25 19.50 39.20
C THR B 190 23.41 18.57 40.39
N GLN B 191 24.35 17.61 40.32
CA GLN B 191 24.49 16.66 41.42
C GLN B 191 25.12 17.26 42.67
N LYS B 192 25.42 18.56 42.66
CA LYS B 192 25.95 19.24 43.83
C LYS B 192 24.85 19.80 44.72
N GLU B 193 23.70 20.12 44.14
CA GLU B 193 22.58 20.71 44.87
C GLU B 193 21.76 19.69 45.64
N HIS B 194 21.20 18.70 44.95
CA HIS B 194 20.35 17.74 45.65
C HIS B 194 21.15 16.75 46.48
N GLN B 195 22.45 16.65 46.23
CA GLN B 195 23.40 15.82 46.99
C GLN B 195 22.77 14.48 47.40
N ILE B 196 22.32 13.74 46.38
CA ILE B 196 21.69 12.45 46.62
C ILE B 196 22.74 11.41 46.96
N CYS B 197 23.90 11.51 46.32
CA CYS B 197 24.99 10.56 46.48
C CYS B 197 26.23 11.39 46.80
N ILE B 198 26.56 11.47 48.08
CA ILE B 198 27.75 12.16 48.54
C ILE B 198 28.78 11.10 48.89
N HIS B 199 28.28 9.91 49.23
CA HIS B 199 29.13 8.78 49.56
C HIS B 199 30.16 8.50 48.46
N LYS B 200 29.69 8.26 47.25
CA LYS B 200 30.60 8.23 46.11
C LYS B 200 31.08 9.65 45.82
N ARG B 201 32.32 9.76 45.37
CA ARG B 201 32.92 11.08 45.19
C ARG B 201 32.12 11.92 44.20
N GLU B 202 31.65 11.31 43.12
CA GLU B 202 30.88 12.01 42.10
C GLU B 202 29.83 11.04 41.57
N LEU B 203 29.01 11.51 40.64
CA LEU B 203 28.05 10.68 39.93
C LEU B 203 28.46 10.61 38.46
N THR B 204 28.18 9.47 37.83
CA THR B 204 28.64 9.27 36.46
C THR B 204 27.51 8.68 35.64
N GLU B 205 27.55 8.96 34.33
CA GLU B 205 26.55 8.40 33.43
C GLU B 205 26.59 6.88 33.44
N LEU B 206 27.79 6.30 33.53
CA LEU B 206 27.89 4.85 33.63
C LEU B 206 27.25 4.36 34.93
N ASP B 207 27.35 5.16 35.98
CA ASP B 207 26.72 4.83 37.25
C ASP B 207 25.20 4.75 37.17
N ILE B 208 24.55 5.71 36.49
CA ILE B 208 23.11 5.62 36.37
C ILE B 208 22.70 4.38 35.59
N TYR B 209 23.39 4.10 34.49
CA TYR B 209 23.07 2.90 33.74
C TYR B 209 23.26 1.66 34.60
N HIS B 210 24.32 1.64 35.40
CA HIS B 210 24.56 0.48 36.27
C HIS B 210 23.54 0.41 37.39
N ARG B 211 23.18 1.56 37.97
CA ARG B 211 22.24 1.55 39.09
C ARG B 211 20.85 1.11 38.66
N ILE B 212 20.39 1.56 37.51
CA ILE B 212 19.05 1.18 37.10
C ILE B 212 19.01 -0.28 36.67
N LEU B 213 20.05 -0.73 35.98
CA LEU B 213 20.07 -2.02 35.28
C LEU B 213 21.03 -3.02 35.90
N ARG B 214 21.04 -3.11 37.23
CA ARG B 214 21.94 -4.04 37.91
C ARG B 214 21.47 -5.46 37.72
N PHE B 215 20.17 -5.67 37.60
CA PHE B 215 19.65 -7.03 37.45
C PHE B 215 19.39 -7.42 36.01
N GLN B 216 19.10 -6.48 35.11
CA GLN B 216 18.95 -6.84 33.71
C GLN B 216 20.24 -7.28 33.07
N ASN B 217 21.36 -6.71 33.48
CA ASN B 217 22.64 -7.20 32.96
C ASN B 217 22.85 -8.64 33.36
N TYR B 218 22.46 -8.98 34.58
CA TYR B 218 22.55 -10.36 35.03
C TYR B 218 21.68 -11.25 34.18
N MET B 219 20.48 -10.79 33.82
CA MET B 219 19.60 -11.57 32.97
C MET B 219 20.21 -11.77 31.60
N VAL B 220 20.86 -10.74 31.07
CA VAL B 220 21.51 -10.82 29.76
C VAL B 220 22.63 -11.84 29.78
N ALA B 221 23.46 -11.84 30.81
CA ALA B 221 24.57 -12.79 30.86
C ALA B 221 24.11 -14.24 30.97
N LEU B 222 22.97 -14.49 31.62
CA LEU B 222 22.53 -15.87 31.73
C LEU B 222 21.99 -16.45 30.42
N VAL B 223 21.25 -15.66 29.64
CA VAL B 223 20.71 -16.22 28.40
C VAL B 223 21.79 -16.39 27.34
N ASN B 224 22.73 -15.45 27.24
CA ASN B 224 23.69 -15.58 26.15
C ASN B 224 24.81 -16.54 26.49
N LYS B 225 24.92 -16.99 27.74
CA LYS B 225 25.87 -18.03 28.09
C LYS B 225 25.19 -19.39 28.23
N SER B 226 23.93 -19.51 27.82
CA SER B 226 23.17 -20.76 27.87
C SER B 226 23.15 -21.34 29.26
N LEU B 227 23.05 -20.47 30.25
CA LEU B 227 23.00 -20.87 31.65
C LEU B 227 21.58 -21.04 32.14
N LEU B 228 20.61 -20.83 31.27
CA LEU B 228 19.21 -20.95 31.54
C LEU B 228 18.59 -21.97 30.60
N PRO B 229 17.66 -22.74 31.09
CA PRO B 229 17.10 -23.84 30.30
C PRO B 229 16.06 -23.35 29.31
N LEU B 230 16.55 -22.93 28.14
CA LEU B 230 15.71 -22.40 27.08
C LEU B 230 15.97 -23.04 25.71
N ARG B 231 16.57 -24.23 25.66
CA ARG B 231 16.70 -24.98 24.41
C ARG B 231 16.11 -26.37 24.55
N PHE B 232 15.28 -26.79 23.59
CA PHE B 232 14.63 -28.10 23.68
C PHE B 232 14.60 -28.82 22.35
N ARG B 233 14.61 -30.15 22.43
CA ARG B 233 14.48 -31.05 21.29
C ARG B 233 13.09 -31.68 21.34
N LEU B 234 12.27 -31.48 20.30
CA LEU B 234 10.98 -32.12 20.44
C LEU B 234 10.70 -33.11 19.30
N PRO B 235 10.12 -34.27 19.61
CA PRO B 235 9.79 -35.24 18.56
C PRO B 235 8.65 -34.74 17.67
N GLY B 236 8.97 -34.56 16.38
CA GLY B 236 8.03 -34.06 15.40
C GLY B 236 8.20 -32.59 15.09
N LEU B 237 8.95 -31.86 15.89
CA LEU B 237 9.22 -30.44 15.71
C LEU B 237 10.70 -30.15 15.57
N GLY B 238 11.54 -30.88 16.28
CA GLY B 238 12.98 -30.68 16.23
C GLY B 238 13.46 -29.73 17.30
N GLU B 239 14.26 -28.75 16.90
CA GLU B 239 14.74 -27.74 17.83
C GLU B 239 13.65 -26.72 18.16
N ALA B 240 13.49 -26.41 19.44
CA ALA B 240 12.51 -25.43 19.87
C ALA B 240 13.08 -24.59 21.00
N VAL B 241 13.03 -23.27 20.85
CA VAL B 241 13.49 -22.33 21.87
C VAL B 241 12.26 -21.81 22.59
N PHE B 242 12.06 -22.22 23.85
CA PHE B 242 10.90 -21.82 24.64
C PHE B 242 11.37 -20.88 25.75
N PHE B 243 11.30 -19.58 25.49
CA PHE B 243 11.66 -18.54 26.46
C PHE B 243 10.54 -17.53 26.52
N THR B 244 9.87 -17.47 27.65
CA THR B 244 8.71 -16.63 27.85
C THR B 244 8.95 -15.67 29.01
N ARG B 245 7.90 -14.94 29.35
CA ARG B 245 7.94 -13.99 30.46
C ARG B 245 7.89 -14.68 31.81
N GLY B 246 7.18 -15.81 31.91
CA GLY B 246 7.18 -16.54 33.16
C GLY B 246 8.56 -17.01 33.56
N LEU B 247 9.32 -17.56 32.63
CA LEU B 247 10.67 -17.97 33.00
C LEU B 247 11.51 -16.77 33.39
N LYS B 248 11.41 -15.66 32.64
CA LYS B 248 12.20 -14.50 33.01
C LYS B 248 11.73 -13.95 34.35
N TYR B 249 10.41 -13.88 34.55
CA TYR B 249 9.91 -13.45 35.85
C TYR B 249 10.35 -14.41 36.95
N ASN B 250 10.30 -15.72 36.68
CA ASN B 250 10.73 -16.68 37.68
C ASN B 250 12.22 -16.62 37.92
N PHE B 251 13.01 -16.42 36.86
CA PHE B 251 14.45 -16.29 37.06
C PHE B 251 14.76 -15.12 37.97
N GLU B 252 14.14 -13.97 37.72
CA GLU B 252 14.43 -12.83 38.58
C GLU B 252 13.86 -13.04 39.97
N LEU B 253 12.77 -13.78 40.11
CA LEU B 253 12.24 -14.06 41.44
C LEU B 253 13.12 -15.04 42.18
N ILE B 254 13.70 -16.01 41.47
CA ILE B 254 14.55 -16.98 42.13
C ILE B 254 15.88 -16.35 42.50
N LEU B 255 16.40 -15.50 41.63
CA LEU B 255 17.76 -15.00 41.79
C LEU B 255 17.84 -13.60 42.40
N PHE B 256 16.87 -12.73 42.15
CA PHE B 256 17.02 -11.33 42.53
C PHE B 256 16.04 -10.94 43.63
N TRP B 257 14.75 -11.15 43.42
CA TRP B 257 13.76 -10.71 44.39
C TRP B 257 13.53 -11.78 45.46
N GLY B 258 12.86 -11.38 46.53
CA GLY B 258 12.57 -12.26 47.63
C GLY B 258 13.59 -12.21 48.74
N PRO B 259 13.17 -12.59 49.96
CA PRO B 259 14.11 -12.59 51.09
C PRO B 259 15.08 -13.76 51.10
N GLY B 260 14.93 -14.72 50.19
CA GLY B 260 15.82 -15.84 50.10
C GLY B 260 16.69 -15.84 48.87
N SER B 261 16.75 -14.74 48.13
CA SER B 261 17.52 -14.71 46.89
C SER B 261 19.00 -14.57 47.19
N LEU B 262 19.76 -14.37 46.14
CA LEU B 262 21.20 -14.25 46.20
C LEU B 262 21.67 -12.86 46.61
N PHE B 263 20.81 -11.86 46.49
CA PHE B 263 21.18 -10.48 46.73
C PHE B 263 20.77 -10.06 48.13
N LEU B 264 21.72 -9.50 48.88
CA LEU B 264 21.54 -9.22 50.29
C LEU B 264 20.42 -8.21 50.55
N ASN B 265 20.61 -6.95 50.18
CA ASN B 265 19.57 -5.95 50.40
C ASN B 265 18.88 -5.59 49.08
N GLU B 266 19.58 -4.91 48.19
CA GLU B 266 19.07 -4.64 46.85
C GLU B 266 20.16 -4.65 45.80
N TRP B 267 21.42 -4.39 46.17
CA TRP B 267 22.48 -4.06 45.22
C TRP B 267 23.79 -4.75 45.63
N SER B 268 23.69 -5.82 46.41
CA SER B 268 24.86 -6.57 46.85
C SER B 268 24.40 -8.01 47.12
N LEU B 269 24.91 -8.95 46.35
CA LEU B 269 24.65 -10.35 46.66
C LEU B 269 25.39 -10.74 47.94
N LYS B 270 24.76 -11.64 48.70
CA LYS B 270 25.26 -12.03 50.01
C LYS B 270 26.70 -12.55 49.95
N ALA B 271 27.53 -12.09 50.88
CA ALA B 271 28.95 -12.40 50.88
C ALA B 271 29.23 -13.90 50.93
N GLU B 272 28.31 -14.68 51.51
CA GLU B 272 28.47 -16.13 51.54
C GLU B 272 28.53 -16.74 50.15
N TYR B 273 28.05 -16.01 49.15
CA TYR B 273 28.07 -16.45 47.77
C TYR B 273 29.35 -16.03 47.07
N LYS B 274 30.30 -15.46 47.81
CA LYS B 274 31.61 -15.10 47.27
C LYS B 274 32.72 -16.02 47.75
N ARG B 275 32.39 -17.11 48.45
CA ARG B 275 33.36 -18.05 48.97
C ARG B 275 33.08 -19.44 48.39
N GLY B 276 34.09 -20.01 47.72
CA GLY B 276 34.02 -21.31 47.11
C GLY B 276 34.14 -22.50 48.05
N GLY B 277 34.29 -22.27 49.35
CA GLY B 277 34.43 -23.38 50.28
C GLY B 277 33.17 -24.20 50.51
N GLN B 278 32.02 -23.69 50.10
CA GLN B 278 30.75 -24.39 50.32
C GLN B 278 29.92 -24.39 49.04
N ARG B 279 30.56 -24.76 47.93
CA ARG B 279 29.85 -24.79 46.66
C ARG B 279 28.73 -25.83 46.68
N LEU B 280 29.02 -27.02 47.19
CA LEU B 280 28.02 -28.09 47.15
C LEU B 280 26.87 -27.76 48.08
N GLU B 281 27.20 -27.26 49.27
CA GLU B 281 26.20 -26.90 50.25
C GLU B 281 25.33 -25.76 49.74
N LEU B 282 25.94 -24.76 49.13
CA LEU B 282 25.16 -23.67 48.57
C LEU B 282 24.30 -24.18 47.42
N ALA B 283 24.87 -25.06 46.61
CA ALA B 283 24.11 -25.66 45.52
C ALA B 283 22.91 -26.44 46.03
N GLN B 284 23.10 -27.19 47.11
CA GLN B 284 21.96 -27.93 47.64
C GLN B 284 20.90 -26.98 48.18
N ARG B 285 21.32 -25.92 48.85
CA ARG B 285 20.36 -24.95 49.35
C ARG B 285 19.63 -24.30 48.18
N LEU B 286 20.37 -23.95 47.13
CA LEU B 286 19.76 -23.38 45.95
C LEU B 286 18.83 -24.37 45.25
N SER B 287 19.21 -25.65 45.25
CA SER B 287 18.35 -26.66 44.64
C SER B 287 17.04 -26.77 45.40
N ASN B 288 17.08 -26.73 46.72
CA ASN B 288 15.84 -26.76 47.46
C ASN B 288 15.00 -25.54 47.13
N ARG B 289 15.63 -24.37 47.03
CA ARG B 289 14.91 -23.16 46.66
C ARG B 289 14.29 -23.30 45.28
N ILE B 290 15.07 -23.78 44.32
CA ILE B 290 14.57 -23.97 42.97
C ILE B 290 13.43 -24.96 42.96
N LEU B 291 13.58 -26.03 43.73
CA LEU B 291 12.53 -27.04 43.82
C LEU B 291 11.26 -26.45 44.39
N TRP B 292 11.40 -25.62 45.43
CA TRP B 292 10.23 -25.02 46.05
C TRP B 292 9.54 -24.05 45.12
N ILE B 293 10.30 -23.26 44.37
CA ILE B 293 9.68 -22.32 43.45
C ILE B 293 8.93 -23.08 42.36
N GLY B 294 9.49 -24.19 41.91
CA GLY B 294 8.80 -24.98 40.91
C GLY B 294 7.52 -25.58 41.44
N ILE B 295 7.52 -26.00 42.69
CA ILE B 295 6.29 -26.53 43.29
C ILE B 295 5.23 -25.44 43.34
N ALA B 296 5.63 -24.21 43.68
CA ALA B 296 4.66 -23.13 43.69
C ALA B 296 4.09 -22.89 42.30
N ASN B 297 4.96 -22.92 41.28
CA ASN B 297 4.47 -22.77 39.91
C ASN B 297 3.54 -23.92 39.52
N PHE B 298 3.87 -25.15 39.93
CA PHE B 298 2.99 -26.26 39.60
C PHE B 298 1.65 -26.11 40.29
N LEU B 299 1.65 -25.56 41.49
CA LEU B 299 0.39 -25.32 42.18
C LEU B 299 -0.39 -24.23 41.47
N LEU B 300 0.29 -23.18 41.04
CA LEU B 300 -0.35 -22.06 40.37
C LEU B 300 -0.68 -22.33 38.91
N CYS B 301 -0.23 -23.47 38.35
CA CYS B 301 -0.49 -23.77 36.94
C CYS B 301 -1.92 -23.50 36.48
N PRO B 302 -2.98 -23.98 37.13
CA PRO B 302 -4.31 -23.78 36.54
C PRO B 302 -4.74 -22.33 36.51
N LEU B 303 -4.43 -21.58 37.57
CA LEU B 303 -4.81 -20.17 37.64
C LEU B 303 -4.09 -19.32 36.59
N ILE B 304 -2.77 -19.50 36.46
CA ILE B 304 -2.02 -18.74 35.48
C ILE B 304 -2.49 -19.10 34.08
N LEU B 305 -2.85 -20.36 33.88
CA LEU B 305 -3.33 -20.78 32.57
C LEU B 305 -4.60 -20.04 32.22
N ILE B 306 -5.53 -19.90 33.17
CA ILE B 306 -6.73 -19.14 32.90
C ILE B 306 -6.38 -17.70 32.55
N TRP B 307 -5.47 -17.09 33.31
CA TRP B 307 -5.07 -15.71 33.01
C TRP B 307 -4.43 -15.56 31.64
N GLN B 308 -3.54 -16.47 31.26
CA GLN B 308 -2.92 -16.35 29.95
C GLN B 308 -3.92 -16.58 28.83
N ILE B 309 -4.80 -17.57 29.00
CA ILE B 309 -5.83 -17.84 27.99
C ILE B 309 -6.74 -16.63 27.84
N LEU B 310 -7.19 -16.08 28.96
CA LEU B 310 -8.09 -14.93 28.91
C LEU B 310 -7.42 -13.72 28.26
N TYR B 311 -6.15 -13.48 28.58
CA TYR B 311 -5.48 -12.32 28.01
C TYR B 311 -5.29 -12.45 26.51
N ALA B 312 -4.89 -13.61 26.03
CA ALA B 312 -4.74 -13.78 24.58
C ALA B 312 -6.07 -13.62 23.85
N PHE B 313 -7.14 -14.18 24.41
CA PHE B 313 -8.45 -14.05 23.79
C PHE B 313 -8.92 -12.61 23.79
N PHE B 314 -8.92 -11.97 24.94
CA PHE B 314 -9.42 -10.59 24.97
C PHE B 314 -8.52 -9.65 24.18
N SER B 315 -7.27 -10.01 23.93
CA SER B 315 -6.41 -9.08 23.23
C SER B 315 -6.25 -9.40 21.76
N TYR B 316 -6.31 -10.68 21.37
CA TYR B 316 -6.00 -11.03 20.00
C TYR B 316 -7.11 -11.78 19.28
N ALA B 317 -8.16 -12.23 19.97
CA ALA B 317 -9.18 -13.02 19.30
C ALA B 317 -10.10 -12.21 18.41
N GLU B 318 -9.99 -10.89 18.42
CA GLU B 318 -10.75 -10.06 17.50
C GLU B 318 -9.96 -9.65 16.27
N VAL B 319 -8.64 -9.50 16.40
CA VAL B 319 -7.82 -9.16 15.24
C VAL B 319 -7.85 -10.29 14.22
N LEU B 320 -7.98 -11.54 14.67
CA LEU B 320 -8.13 -12.65 13.73
C LEU B 320 -9.37 -12.50 12.87
N LYS B 321 -10.47 -12.06 13.46
CA LYS B 321 -11.69 -11.92 12.68
C LYS B 321 -11.51 -10.82 11.64
N ARG B 322 -11.08 -9.65 12.08
CA ARG B 322 -11.08 -8.50 11.18
C ARG B 322 -9.86 -8.56 10.25
N GLU B 323 -8.67 -8.74 10.80
CA GLU B 323 -7.44 -8.69 10.01
C GLU B 323 -6.50 -9.77 10.51
N PRO B 324 -6.72 -11.03 10.11
CA PRO B 324 -5.87 -12.12 10.60
C PRO B 324 -4.47 -12.09 10.04
N GLY B 325 -4.19 -11.20 9.10
CA GLY B 325 -2.83 -11.12 8.65
C GLY B 325 -1.93 -10.40 9.61
N ALA B 326 -2.50 -9.70 10.58
CA ALA B 326 -1.65 -9.01 11.53
C ALA B 326 -0.99 -9.97 12.51
N LEU B 327 -1.54 -11.17 12.68
CA LEU B 327 -0.91 -12.15 13.55
C LEU B 327 0.04 -13.05 12.77
N GLY B 328 0.26 -12.74 11.51
CA GLY B 328 1.24 -13.43 10.71
C GLY B 328 2.41 -12.49 10.59
N ALA B 329 2.16 -11.23 10.93
CA ALA B 329 3.25 -10.28 10.93
C ALA B 329 4.19 -10.65 12.05
N ARG B 330 5.48 -10.58 11.77
CA ARG B 330 6.40 -11.05 12.78
C ARG B 330 6.77 -9.94 13.76
N CYS B 331 7.32 -10.34 14.91
CA CYS B 331 7.76 -9.42 15.93
C CYS B 331 8.95 -10.02 16.64
N TRP B 332 9.78 -9.19 17.23
CA TRP B 332 10.96 -9.69 17.93
C TRP B 332 10.60 -10.44 19.21
N SER B 333 10.98 -11.71 19.28
CA SER B 333 10.68 -12.59 20.40
C SER B 333 11.45 -12.14 21.64
N LEU B 334 11.07 -12.70 22.79
CA LEU B 334 11.74 -12.37 24.04
C LEU B 334 13.18 -12.85 24.08
N TYR B 335 13.53 -13.86 23.30
CA TYR B 335 14.93 -14.25 23.25
C TYR B 335 15.71 -13.30 22.38
N GLY B 336 15.09 -12.82 21.31
CA GLY B 336 15.77 -11.83 20.53
C GLY B 336 15.92 -10.53 21.27
N ARG B 337 15.15 -10.34 22.33
CA ARG B 337 15.39 -9.15 23.11
C ARG B 337 16.54 -9.36 24.07
N CYS B 338 16.78 -10.60 24.49
CA CYS B 338 17.92 -10.86 25.35
C CYS B 338 19.14 -11.33 24.57
N TYR B 339 18.97 -11.75 23.34
CA TYR B 339 20.16 -12.14 22.61
C TYR B 339 20.75 -10.96 21.88
N LEU B 340 19.91 -10.04 21.43
CA LEU B 340 20.34 -8.87 20.67
C LEU B 340 20.47 -7.63 21.53
N ARG B 341 20.55 -7.76 22.84
CA ARG B 341 20.58 -6.60 23.71
C ARG B 341 22.01 -6.31 24.09
N HIS B 342 22.43 -5.06 23.95
CA HIS B 342 23.74 -4.71 24.39
C HIS B 342 23.77 -4.68 25.92
N PHE B 343 24.98 -4.57 26.46
CA PHE B 343 25.12 -4.29 27.88
C PHE B 343 25.03 -2.80 28.14
N ASN B 344 24.35 -2.46 29.24
CA ASN B 344 24.07 -1.09 29.64
C ASN B 344 23.29 -0.35 28.56
N GLU B 345 22.13 -0.92 28.22
CA GLU B 345 21.24 -0.37 27.20
C GLU B 345 19.82 -0.33 27.73
N LEU B 346 19.27 0.87 27.83
CA LEU B 346 17.92 1.10 28.34
C LEU B 346 16.87 0.55 27.38
N GLU B 347 15.62 0.59 27.84
CA GLU B 347 14.53 -0.03 27.09
C GLU B 347 14.27 0.70 25.79
N HIS B 348 14.31 2.03 25.79
CA HIS B 348 14.03 2.75 24.55
C HIS B 348 15.19 2.64 23.55
N GLU B 349 16.44 2.57 24.02
CA GLU B 349 17.54 2.40 23.08
C GLU B 349 17.46 1.08 22.34
N LEU B 350 17.00 0.03 23.02
CA LEU B 350 16.83 -1.25 22.31
C LEU B 350 15.57 -1.24 21.45
N GLN B 351 14.49 -0.63 21.92
CA GLN B 351 13.26 -0.64 21.13
C GLN B 351 13.46 0.12 19.82
N SER B 352 14.31 1.15 19.83
CA SER B 352 14.62 1.87 18.60
C SER B 352 15.28 0.97 17.58
N ARG B 353 16.23 0.15 18.02
CA ARG B 353 16.91 -0.75 17.09
C ARG B 353 15.94 -1.80 16.56
N LEU B 354 15.05 -2.31 17.40
CA LEU B 354 14.07 -3.27 16.92
C LEU B 354 13.04 -2.62 16.01
N ASN B 355 12.92 -1.29 16.06
CA ASN B 355 12.02 -0.61 15.13
C ASN B 355 12.69 -0.41 13.78
N ARG B 356 13.94 0.06 13.76
CA ARG B 356 14.62 0.31 12.50
C ARG B 356 14.79 -0.97 11.69
N GLY B 357 14.91 -2.11 12.35
CA GLY B 357 15.10 -3.36 11.66
C GLY B 357 13.83 -4.17 11.54
N TYR B 358 12.69 -3.51 11.49
CA TYR B 358 11.46 -4.27 11.41
C TYR B 358 10.98 -4.50 9.98
N LYS B 359 11.14 -3.52 9.10
CA LYS B 359 10.67 -3.69 7.72
C LYS B 359 11.57 -4.58 6.87
N PRO B 360 12.89 -4.46 6.92
CA PRO B 360 13.72 -5.46 6.24
C PRO B 360 13.48 -6.87 6.73
N ALA B 361 13.19 -7.04 8.02
CA ALA B 361 12.94 -8.38 8.54
C ALA B 361 11.66 -8.96 7.99
N SER B 362 10.61 -8.19 7.82
CA SER B 362 9.42 -8.76 7.20
C SER B 362 9.72 -9.21 5.77
N LYS B 363 10.42 -8.39 4.99
CA LYS B 363 10.81 -8.78 3.63
C LYS B 363 11.66 -10.04 3.62
N TYR B 364 12.64 -10.12 4.52
CA TYR B 364 13.53 -11.27 4.51
C TYR B 364 12.78 -12.55 4.80
N MET B 365 11.95 -12.55 5.83
CA MET B 365 11.19 -13.76 6.09
C MET B 365 10.16 -13.99 5.01
N ASN B 366 9.82 -12.99 4.20
CA ASN B 366 8.84 -13.22 3.14
C ASN B 366 9.43 -13.57 1.78
N CYS B 367 10.76 -13.70 1.65
CA CYS B 367 11.38 -14.07 0.39
C CYS B 367 11.75 -15.54 0.37
N PHE B 368 11.44 -16.23 1.45
CA PHE B 368 11.71 -17.66 1.63
C PHE B 368 10.45 -18.38 1.22
N LEU B 369 10.49 -19.04 0.08
CA LEU B 369 9.35 -19.75 -0.45
C LEU B 369 9.63 -21.25 -0.34
N SER B 370 8.90 -22.01 -1.10
CA SER B 370 9.07 -23.45 -1.07
C SER B 370 8.64 -23.93 -2.44
N PRO B 371 9.55 -24.57 -3.17
CA PRO B 371 9.21 -25.05 -4.50
C PRO B 371 7.97 -25.90 -4.48
N LEU B 372 7.79 -26.73 -3.46
CA LEU B 372 6.59 -27.54 -3.43
C LEU B 372 5.39 -26.72 -3.00
N LEU B 373 5.55 -25.87 -1.99
CA LEU B 373 4.42 -25.05 -1.58
C LEU B 373 3.98 -24.12 -2.70
N THR B 374 4.93 -23.55 -3.43
CA THR B 374 4.57 -22.65 -4.51
C THR B 374 3.90 -23.40 -5.64
N LEU B 375 4.41 -24.59 -5.96
CA LEU B 375 3.79 -25.42 -6.98
C LEU B 375 2.36 -25.78 -6.60
N LEU B 376 2.16 -26.30 -5.40
CA LEU B 376 0.84 -26.71 -4.96
C LEU B 376 -0.12 -25.53 -4.91
N ALA B 377 0.37 -24.37 -4.45
CA ALA B 377 -0.49 -23.20 -4.38
C ALA B 377 -0.92 -22.77 -5.77
N LYS B 378 0.02 -22.73 -6.70
CA LYS B 378 -0.31 -22.35 -8.07
C LYS B 378 -1.38 -23.28 -8.61
N ASN B 379 -1.18 -24.59 -8.44
CA ASN B 379 -2.08 -25.56 -9.01
C ASN B 379 -3.43 -25.59 -8.30
N GLY B 380 -3.40 -25.54 -6.97
CA GLY B 380 -4.65 -25.49 -6.22
C GLY B 380 -5.48 -24.27 -6.51
N ALA B 381 -4.84 -23.11 -6.63
CA ALA B 381 -5.59 -21.91 -6.97
C ALA B 381 -6.24 -22.04 -8.33
N PHE B 382 -5.51 -22.60 -9.30
CA PHE B 382 -6.09 -22.77 -10.61
C PHE B 382 -7.32 -23.66 -10.54
N PHE B 383 -7.20 -24.82 -9.89
CA PHE B 383 -8.32 -25.76 -9.83
C PHE B 383 -9.48 -25.16 -9.05
N ALA B 384 -9.19 -24.61 -7.87
CA ALA B 384 -10.25 -24.05 -7.06
C ALA B 384 -10.93 -22.88 -7.78
N GLY B 385 -10.13 -21.99 -8.37
CA GLY B 385 -10.69 -20.87 -9.10
C GLY B 385 -11.42 -21.29 -10.36
N SER B 386 -10.98 -22.37 -10.99
CA SER B 386 -11.66 -22.84 -12.19
C SER B 386 -13.04 -23.40 -11.85
N ILE B 387 -13.17 -24.05 -10.70
CA ILE B 387 -14.50 -24.51 -10.28
C ILE B 387 -15.33 -23.34 -9.80
N LEU B 388 -14.71 -22.41 -9.07
CA LEU B 388 -15.45 -21.29 -8.51
C LEU B 388 -15.94 -20.34 -9.59
N ALA B 389 -15.18 -20.21 -10.68
CA ALA B 389 -15.63 -19.36 -11.76
C ALA B 389 -16.90 -19.90 -12.41
N VAL B 390 -16.96 -21.22 -12.63
CA VAL B 390 -18.17 -21.82 -13.18
C VAL B 390 -19.31 -21.61 -12.20
N LEU B 391 -19.05 -21.85 -10.93
CA LEU B 391 -20.07 -21.67 -9.92
C LEU B 391 -20.56 -20.23 -9.91
N ILE B 392 -19.63 -19.29 -10.04
CA ILE B 392 -20.01 -17.89 -9.99
C ILE B 392 -20.85 -17.53 -11.22
N ALA B 393 -20.50 -18.09 -12.38
CA ALA B 393 -21.31 -17.82 -13.56
C ALA B 393 -22.72 -18.39 -13.42
N LEU B 394 -22.84 -19.64 -12.94
CA LEU B 394 -24.17 -20.19 -12.74
C LEU B 394 -24.92 -19.40 -11.68
N THR B 395 -24.20 -18.92 -10.68
CA THR B 395 -24.81 -18.09 -9.65
C THR B 395 -25.21 -16.73 -10.22
N ILE B 396 -24.37 -16.17 -11.08
CA ILE B 396 -24.63 -14.83 -11.61
C ILE B 396 -25.80 -14.84 -12.58
N TYR B 397 -25.89 -15.87 -13.43
CA TYR B 397 -26.97 -15.88 -14.42
C TYR B 397 -28.33 -15.89 -13.75
N ASP B 398 -28.61 -16.95 -13.01
CA ASP B 398 -29.87 -17.09 -12.27
C ASP B 398 -29.54 -17.43 -10.83
N GLU B 399 -30.06 -16.63 -9.91
CA GLU B 399 -29.69 -16.70 -8.50
C GLU B 399 -30.48 -17.74 -7.73
N ASP B 400 -31.47 -18.39 -8.36
CA ASP B 400 -32.13 -19.51 -7.69
C ASP B 400 -31.15 -20.63 -7.39
N VAL B 401 -29.97 -20.62 -8.02
CA VAL B 401 -28.93 -21.58 -7.67
C VAL B 401 -28.44 -21.35 -6.25
N LEU B 402 -28.59 -20.12 -5.75
CA LEU B 402 -28.20 -19.81 -4.38
C LEU B 402 -29.05 -20.51 -3.34
N ALA B 403 -30.18 -21.09 -3.74
CA ALA B 403 -31.02 -21.80 -2.79
C ALA B 403 -30.64 -23.26 -2.66
N VAL B 404 -29.84 -23.80 -3.60
CA VAL B 404 -29.36 -25.15 -3.44
C VAL B 404 -28.50 -25.24 -2.19
N GLU B 405 -28.53 -26.41 -1.54
CA GLU B 405 -28.03 -26.49 -0.17
C GLU B 405 -26.56 -26.11 -0.08
N HIS B 406 -25.70 -26.90 -0.73
CA HIS B 406 -24.27 -26.82 -0.52
C HIS B 406 -23.58 -25.99 -1.60
N VAL B 407 -24.21 -24.94 -2.10
CA VAL B 407 -23.57 -24.09 -3.09
C VAL B 407 -22.83 -22.92 -2.45
N LEU B 408 -23.45 -22.30 -1.45
CA LEU B 408 -22.85 -21.16 -0.76
C LEU B 408 -21.63 -21.55 0.04
N THR B 409 -21.73 -22.63 0.81
CA THR B 409 -20.59 -23.09 1.59
C THR B 409 -19.43 -23.48 0.69
N THR B 410 -19.72 -24.10 -0.44
CA THR B 410 -18.65 -24.46 -1.35
C THR B 410 -17.98 -23.20 -1.90
N VAL B 411 -18.80 -22.24 -2.31
CA VAL B 411 -18.26 -20.97 -2.81
C VAL B 411 -17.47 -20.27 -1.73
N THR B 412 -18.02 -20.24 -0.51
CA THR B 412 -17.36 -19.56 0.59
C THR B 412 -16.01 -20.19 0.91
N LEU B 413 -15.98 -21.52 1.05
CA LEU B 413 -14.72 -22.15 1.42
C LEU B 413 -13.72 -22.03 0.29
N LEU B 414 -14.19 -22.09 -0.95
CA LEU B 414 -13.29 -21.95 -2.09
C LEU B 414 -12.79 -20.53 -2.24
N GLY B 415 -13.62 -19.53 -1.96
CA GLY B 415 -13.10 -18.18 -1.96
C GLY B 415 -12.03 -18.03 -0.91
N VAL B 416 -12.28 -18.58 0.27
CA VAL B 416 -11.27 -18.56 1.32
C VAL B 416 -10.06 -19.36 0.86
N THR B 417 -10.32 -20.49 0.20
CA THR B 417 -9.24 -21.33 -0.27
C THR B 417 -8.41 -20.63 -1.32
N VAL B 418 -9.07 -19.98 -2.28
CA VAL B 418 -8.30 -19.26 -3.29
C VAL B 418 -7.50 -18.14 -2.65
N THR B 419 -8.12 -17.40 -1.74
CA THR B 419 -7.43 -16.28 -1.13
C THR B 419 -6.27 -16.75 -0.27
N VAL B 420 -6.44 -17.86 0.43
CA VAL B 420 -5.33 -18.36 1.23
C VAL B 420 -4.24 -18.91 0.34
N CYS B 421 -4.63 -19.70 -0.66
CA CYS B 421 -3.64 -20.30 -1.52
C CYS B 421 -2.94 -19.26 -2.37
N ARG B 422 -3.68 -18.23 -2.80
CA ARG B 422 -3.10 -17.16 -3.58
C ARG B 422 -2.28 -16.22 -2.72
N SER B 423 -2.10 -16.54 -1.46
CA SER B 423 -1.29 -15.73 -0.58
C SER B 423 0.09 -16.31 -0.41
N PHE B 424 0.31 -17.52 -0.89
CA PHE B 424 1.62 -18.12 -0.85
C PHE B 424 2.31 -17.97 -2.20
N ILE B 425 1.61 -17.41 -3.17
CA ILE B 425 2.13 -17.22 -4.52
C ILE B 425 2.76 -15.83 -4.55
N PRO B 426 4.08 -15.72 -4.72
CA PRO B 426 4.70 -14.40 -4.71
C PRO B 426 4.38 -13.60 -5.95
N ASP B 427 4.80 -12.34 -5.89
CA ASP B 427 4.71 -11.43 -7.02
C ASP B 427 5.68 -11.93 -8.08
N GLN B 428 5.16 -12.12 -9.29
CA GLN B 428 5.94 -12.77 -10.32
C GLN B 428 7.17 -11.98 -10.72
N HIS B 429 7.20 -10.69 -10.44
CA HIS B 429 8.39 -9.94 -10.80
C HIS B 429 9.11 -9.34 -9.61
N MET B 430 9.33 -10.13 -8.55
CA MET B 430 10.03 -9.64 -7.38
C MET B 430 11.51 -9.93 -7.51
N VAL B 431 12.32 -9.08 -6.88
CA VAL B 431 13.77 -9.24 -6.92
C VAL B 431 14.15 -10.13 -5.73
N PHE B 432 14.25 -11.42 -5.98
CA PHE B 432 14.62 -12.32 -4.89
C PHE B 432 16.04 -11.96 -4.48
N CYS B 433 16.15 -11.17 -3.43
CA CYS B 433 17.44 -10.72 -2.92
C CYS B 433 17.45 -10.92 -1.41
N PRO B 434 17.51 -12.18 -0.97
CA PRO B 434 17.52 -12.50 0.46
C PRO B 434 18.88 -12.37 1.10
N GLU B 435 19.86 -11.83 0.37
CA GLU B 435 21.22 -11.63 0.82
C GLU B 435 21.44 -10.19 1.23
N GLN B 436 20.85 -9.25 0.49
CA GLN B 436 20.89 -7.86 0.92
C GLN B 436 19.99 -7.61 2.13
N LEU B 437 18.94 -8.42 2.31
CA LEU B 437 18.04 -8.23 3.44
C LEU B 437 18.74 -8.46 4.78
N LEU B 438 19.59 -9.48 4.85
CA LEU B 438 20.35 -9.73 6.07
C LEU B 438 21.32 -8.60 6.36
N ARG B 439 21.88 -7.98 5.33
CA ARG B 439 22.75 -6.84 5.56
C ARG B 439 21.98 -5.71 6.25
N VAL B 440 20.77 -5.41 5.76
CA VAL B 440 19.98 -4.35 6.38
C VAL B 440 19.60 -4.68 7.81
N ILE B 441 19.27 -5.95 8.08
CA ILE B 441 18.87 -6.34 9.43
C ILE B 441 20.06 -6.30 10.38
N LEU B 442 21.19 -6.89 9.99
CA LEU B 442 22.38 -6.88 10.83
C LEU B 442 22.85 -5.47 11.12
N ALA B 443 22.63 -4.53 10.22
CA ALA B 443 23.01 -3.16 10.51
C ALA B 443 22.21 -2.54 11.66
N HIS B 444 21.14 -3.18 12.13
CA HIS B 444 20.38 -2.63 13.25
C HIS B 444 20.46 -3.46 14.52
N ILE B 445 20.17 -4.76 14.46
CA ILE B 445 20.17 -5.56 15.67
C ILE B 445 21.56 -5.96 16.11
N HIS B 446 22.56 -5.86 15.24
CA HIS B 446 23.98 -5.98 15.57
C HIS B 446 24.46 -7.38 15.94
N TYR B 447 23.59 -8.39 16.03
CA TYR B 447 24.01 -9.71 16.47
C TYR B 447 23.42 -10.77 15.56
N MET B 448 24.29 -11.70 15.11
CA MET B 448 23.93 -12.81 14.24
C MET B 448 24.93 -13.94 14.37
N PRO B 449 24.46 -15.18 14.43
CA PRO B 449 25.36 -16.33 14.41
C PRO B 449 26.28 -16.33 13.19
N ASP B 450 27.49 -16.88 13.40
CA ASP B 450 28.53 -16.79 12.39
C ASP B 450 28.17 -17.58 11.14
N HIS B 451 27.33 -18.60 11.27
CA HIS B 451 26.98 -19.39 10.09
C HIS B 451 25.71 -18.85 9.44
N TRP B 452 25.68 -17.54 9.20
CA TRP B 452 24.54 -16.89 8.58
C TRP B 452 25.06 -16.04 7.44
N GLN B 453 26.30 -15.56 7.56
CA GLN B 453 26.81 -14.63 6.57
C GLN B 453 26.95 -15.29 5.21
N GLY B 454 27.63 -16.43 5.16
CA GLY B 454 27.77 -17.07 3.87
C GLY B 454 26.48 -17.63 3.33
N ASN B 455 25.97 -18.65 4.00
CA ASN B 455 24.75 -19.33 3.58
C ASN B 455 23.56 -18.56 4.15
N ALA B 456 23.21 -17.50 3.44
CA ALA B 456 22.15 -16.60 3.87
C ALA B 456 20.79 -17.03 3.37
N HIS B 457 20.76 -18.00 2.46
CA HIS B 457 19.52 -18.41 1.81
C HIS B 457 19.14 -19.86 2.07
N ARG B 458 19.84 -20.58 2.93
CA ARG B 458 19.42 -21.96 3.11
C ARG B 458 18.09 -21.98 3.87
N SER B 459 17.46 -23.15 3.91
CA SER B 459 16.23 -23.28 4.68
C SER B 459 16.52 -23.41 6.16
N GLN B 460 17.76 -23.71 6.51
CA GLN B 460 18.17 -23.83 7.90
C GLN B 460 18.43 -22.46 8.53
N THR B 461 18.96 -21.51 7.74
CA THR B 461 19.19 -20.18 8.29
C THR B 461 17.87 -19.51 8.59
N ARG B 462 16.86 -19.74 7.74
CA ARG B 462 15.57 -19.14 8.02
C ARG B 462 14.99 -19.73 9.28
N ASP B 463 15.09 -21.04 9.44
CA ASP B 463 14.55 -21.71 10.61
C ASP B 463 15.34 -21.40 11.87
N GLU B 464 16.53 -20.81 11.73
CA GLU B 464 17.32 -20.36 12.88
C GLU B 464 17.13 -18.88 13.15
N PHE B 465 16.76 -18.12 12.13
CA PHE B 465 16.38 -16.73 12.30
C PHE B 465 14.95 -16.62 12.80
N ALA B 466 14.09 -17.57 12.48
CA ALA B 466 12.71 -17.49 12.94
C ALA B 466 12.60 -17.61 14.45
N GLN B 467 13.64 -18.09 15.13
CA GLN B 467 13.67 -18.10 16.58
C GLN B 467 14.04 -16.74 17.19
N LEU B 468 14.71 -15.87 16.44
CA LEU B 468 14.94 -14.52 16.95
C LEU B 468 13.80 -13.60 16.58
N PHE B 469 13.12 -13.92 15.49
CA PHE B 469 12.06 -13.10 14.90
C PHE B 469 10.92 -14.05 14.63
N GLN B 470 10.06 -14.22 15.60
CA GLN B 470 9.04 -15.25 15.53
C GLN B 470 7.73 -14.66 15.05
N TYR B 471 6.83 -15.55 14.67
CA TYR B 471 5.53 -15.06 14.26
C TYR B 471 4.86 -14.42 15.46
N LYS B 472 3.82 -13.67 15.19
CA LYS B 472 3.02 -13.18 16.30
C LYS B 472 2.08 -14.26 16.78
N ALA B 473 1.54 -15.06 15.87
CA ALA B 473 0.67 -16.16 16.28
C ALA B 473 1.45 -17.17 17.11
N VAL B 474 2.70 -17.43 16.72
CA VAL B 474 3.56 -18.33 17.49
C VAL B 474 3.88 -17.72 18.86
N PHE B 475 4.12 -16.41 18.89
CA PHE B 475 4.33 -15.71 20.14
C PHE B 475 3.17 -15.91 21.09
N ILE B 476 1.95 -15.74 20.57
CA ILE B 476 0.75 -15.92 21.40
C ILE B 476 0.68 -17.35 21.90
N LEU B 477 0.96 -18.32 21.04
CA LEU B 477 0.80 -19.71 21.42
C LEU B 477 1.75 -20.10 22.55
N GLU B 478 3.01 -19.65 22.51
CA GLU B 478 3.92 -19.99 23.61
C GLU B 478 3.77 -19.10 24.83
N GLU B 479 3.00 -18.02 24.74
CA GLU B 479 2.57 -17.37 25.97
C GLU B 479 1.48 -18.17 26.64
N LEU B 480 0.68 -18.89 25.85
CA LEU B 480 -0.33 -19.75 26.45
C LEU B 480 0.30 -20.95 27.11
N LEU B 481 1.34 -21.51 26.48
CA LEU B 481 1.99 -22.68 27.04
C LEU B 481 3.01 -22.35 28.12
N SER B 482 3.31 -21.08 28.35
CA SER B 482 4.33 -20.75 29.35
C SER B 482 3.98 -21.22 30.76
N PRO B 483 2.76 -21.00 31.28
CA PRO B 483 2.47 -21.47 32.65
C PRO B 483 2.47 -22.98 32.83
N ILE B 484 2.42 -23.76 31.77
CA ILE B 484 2.47 -25.21 31.93
C ILE B 484 3.89 -25.73 31.84
N VAL B 485 4.68 -25.19 30.92
CA VAL B 485 6.02 -25.69 30.69
C VAL B 485 7.02 -25.06 31.62
N THR B 486 6.78 -23.83 32.04
CA THR B 486 7.75 -23.14 32.89
C THR B 486 8.10 -23.95 34.14
N PRO B 487 7.15 -24.54 34.90
CA PRO B 487 7.56 -25.33 36.05
C PRO B 487 8.40 -26.55 35.72
N LEU B 488 8.08 -27.23 34.62
CA LEU B 488 8.84 -28.38 34.18
C LEU B 488 10.26 -28.01 33.80
N ILE B 489 10.44 -26.83 33.24
CA ILE B 489 11.75 -26.37 32.85
C ILE B 489 12.62 -26.11 34.06
N LEU B 490 12.03 -25.56 35.11
CA LEU B 490 12.77 -25.20 36.31
C LEU B 490 13.17 -26.38 37.17
N ILE B 491 12.35 -27.43 37.21
CA ILE B 491 12.59 -28.55 38.11
C ILE B 491 13.60 -29.52 37.53
N PHE B 492 13.52 -29.82 36.26
CA PHE B 492 14.34 -30.90 35.75
C PHE B 492 15.59 -30.40 35.06
N CYS B 493 15.52 -29.20 34.47
CA CYS B 493 16.62 -28.68 33.69
C CYS B 493 17.42 -27.65 34.47
N LEU B 494 16.74 -26.73 35.14
CA LEU B 494 17.47 -25.72 35.88
C LEU B 494 17.97 -26.25 37.22
N ARG B 495 17.24 -27.19 37.84
CA ARG B 495 17.69 -27.66 39.15
C ARG B 495 19.04 -28.33 39.07
N PRO B 496 19.33 -29.21 38.10
CA PRO B 496 20.66 -29.80 38.06
C PRO B 496 21.73 -28.78 37.80
N ARG B 497 21.36 -27.64 37.22
CA ARG B 497 22.31 -26.59 36.95
C ARG B 497 22.54 -25.72 38.17
N ALA B 498 21.84 -26.00 39.28
CA ALA B 498 21.90 -25.13 40.45
C ALA B 498 23.33 -24.96 40.95
N LEU B 499 24.20 -25.89 40.61
CA LEU B 499 25.60 -25.78 40.98
C LEU B 499 26.27 -24.79 40.04
N GLU B 500 26.04 -24.96 38.74
CA GLU B 500 26.70 -24.15 37.74
C GLU B 500 26.40 -22.67 37.98
N ILE B 501 25.15 -22.36 38.26
CA ILE B 501 24.77 -20.98 38.56
C ILE B 501 25.60 -20.44 39.71
N ILE B 502 25.75 -21.25 40.76
CA ILE B 502 26.51 -20.81 41.93
C ILE B 502 27.93 -20.49 41.53
N ASP B 503 28.48 -21.24 40.59
CA ASP B 503 29.82 -20.91 40.09
C ASP B 503 29.77 -19.61 39.33
N PHE B 504 28.75 -19.46 38.49
CA PHE B 504 28.61 -18.28 37.67
C PHE B 504 28.60 -17.02 38.52
N PHE B 505 27.63 -16.92 39.43
CA PHE B 505 27.53 -15.77 40.31
C PHE B 505 28.79 -15.53 41.11
N ARG B 506 29.64 -16.54 41.25
CA ARG B 506 30.89 -16.40 41.97
C ARG B 506 32.02 -15.90 41.09
N ASN B 507 31.99 -16.21 39.79
CA ASN B 507 33.11 -15.85 38.94
C ASN B 507 32.88 -14.61 38.08
N PHE B 508 31.63 -14.17 37.91
CA PHE B 508 31.38 -13.06 37.00
C PHE B 508 30.60 -11.95 37.70
N THR B 509 31.05 -11.58 38.91
CA THR B 509 30.46 -10.47 39.64
C THR B 509 31.60 -9.60 40.15
N VAL B 510 31.71 -8.39 39.65
CA VAL B 510 32.74 -7.48 40.08
C VAL B 510 32.13 -6.45 41.02
N GLU B 511 32.98 -5.71 41.72
CA GLU B 511 32.58 -4.73 42.72
C GLU B 511 33.05 -3.35 42.29
N VAL B 512 32.18 -2.60 41.63
CA VAL B 512 32.51 -1.25 41.23
C VAL B 512 32.42 -0.36 42.46
N VAL B 513 33.49 0.39 42.73
CA VAL B 513 33.54 1.21 43.93
C VAL B 513 32.47 2.29 43.85
N GLY B 514 31.80 2.53 44.98
CA GLY B 514 30.74 3.50 45.01
C GLY B 514 29.44 3.01 44.44
N VAL B 515 29.48 2.02 43.55
CA VAL B 515 28.28 1.49 42.93
C VAL B 515 27.84 0.27 43.71
N GLY B 516 28.70 -0.75 43.76
CA GLY B 516 28.34 -1.96 44.47
C GLY B 516 28.71 -3.21 43.70
N ASP B 517 27.91 -4.25 43.91
CA ASP B 517 28.12 -5.54 43.27
C ASP B 517 27.41 -5.50 41.91
N THR B 518 28.18 -5.49 40.83
CA THR B 518 27.56 -5.46 39.51
C THR B 518 27.90 -6.71 38.70
N CYS B 519 27.21 -6.86 37.57
CA CYS B 519 27.43 -7.99 36.70
C CYS B 519 28.58 -7.68 35.73
N SER B 520 29.35 -8.71 35.39
CA SER B 520 30.42 -8.58 34.41
C SER B 520 29.86 -8.28 33.01
N PHE B 521 30.60 -7.48 32.24
CA PHE B 521 30.10 -7.07 30.93
C PHE B 521 30.30 -8.21 29.97
N PRO C 36 29.90 -44.07 -17.65
CA PRO C 36 28.53 -44.19 -18.14
C PRO C 36 28.15 -43.01 -19.01
N TRP C 37 28.74 -41.86 -18.68
CA TRP C 37 28.49 -40.61 -19.38
C TRP C 37 29.48 -40.42 -20.52
N HIS C 38 29.59 -41.44 -21.36
CA HIS C 38 30.39 -41.35 -22.57
C HIS C 38 29.60 -41.59 -23.84
N HIS C 39 28.71 -42.59 -23.87
CA HIS C 39 27.90 -42.83 -25.07
C HIS C 39 26.57 -42.09 -24.90
N ILE C 40 26.60 -40.82 -25.25
CA ILE C 40 25.43 -39.95 -25.20
C ILE C 40 24.96 -39.60 -26.61
N GLU C 41 25.87 -39.03 -27.41
CA GLU C 41 25.68 -38.62 -28.79
C GLU C 41 24.65 -37.51 -28.95
N ASN C 42 24.05 -37.04 -27.85
CA ASN C 42 23.04 -36.00 -27.91
C ASN C 42 23.30 -34.95 -26.84
N LEU C 43 24.55 -34.47 -26.76
CA LEU C 43 24.93 -33.55 -25.70
C LEU C 43 24.02 -32.32 -25.63
N ASP C 44 23.46 -31.93 -26.78
CA ASP C 44 22.53 -30.80 -26.81
C ASP C 44 21.32 -31.06 -25.93
N LEU C 45 20.63 -32.17 -26.14
CA LEU C 45 19.44 -32.46 -25.36
C LEU C 45 19.80 -32.71 -23.90
N PHE C 46 20.97 -33.30 -23.67
CA PHE C 46 21.42 -33.56 -22.31
C PHE C 46 21.61 -32.28 -21.52
N PHE C 47 22.28 -31.30 -22.10
CA PHE C 47 22.52 -30.07 -21.36
C PHE C 47 21.24 -29.30 -21.12
N SER C 48 20.32 -29.32 -22.09
CA SER C 48 19.01 -28.70 -21.86
C SER C 48 18.29 -29.35 -20.70
N ARG C 49 18.36 -30.67 -20.59
CA ARG C 49 17.70 -31.33 -19.48
C ARG C 49 18.40 -31.03 -18.17
N VAL C 50 19.72 -30.94 -18.18
CA VAL C 50 20.47 -30.59 -16.96
C VAL C 50 20.05 -29.20 -16.46
N TYR C 51 19.82 -28.27 -17.38
CA TYR C 51 19.39 -26.93 -16.99
C TYR C 51 17.95 -26.91 -16.50
N ASN C 52 17.06 -27.65 -17.14
CA ASN C 52 15.64 -27.60 -16.78
C ASN C 52 15.39 -28.18 -15.40
N LEU C 53 16.17 -29.16 -14.99
CA LEU C 53 15.96 -29.70 -13.66
C LEU C 53 16.37 -28.69 -12.60
N HIS C 54 17.35 -27.85 -12.91
CA HIS C 54 17.68 -26.78 -11.98
C HIS C 54 16.61 -25.72 -12.01
N GLN C 55 16.03 -25.47 -13.18
CA GLN C 55 14.97 -24.50 -13.26
C GLN C 55 13.71 -25.07 -12.65
N LYS C 56 13.63 -26.39 -12.50
CA LYS C 56 12.47 -27.00 -11.87
C LYS C 56 12.69 -27.29 -10.40
N ASN C 57 13.80 -26.84 -9.82
CA ASN C 57 13.99 -26.94 -8.37
C ASN C 57 14.04 -28.40 -7.91
N GLY C 58 14.74 -29.24 -8.66
CA GLY C 58 14.96 -30.61 -8.27
C GLY C 58 14.23 -31.59 -9.15
N PHE C 59 14.18 -32.85 -8.69
CA PHE C 59 13.58 -33.91 -9.48
C PHE C 59 12.11 -34.15 -9.15
N THR C 60 11.76 -34.20 -7.87
CA THR C 60 10.38 -34.48 -7.51
C THR C 60 9.46 -33.36 -7.98
N CYS C 61 9.93 -32.12 -7.93
CA CYS C 61 9.11 -31.02 -8.39
C CYS C 61 8.87 -31.12 -9.88
N MET C 62 9.90 -31.54 -10.64
CA MET C 62 9.68 -31.71 -12.07
C MET C 62 8.65 -32.80 -12.31
N LEU C 63 8.82 -33.94 -11.65
CA LEU C 63 7.84 -35.01 -11.79
C LEU C 63 6.47 -34.55 -11.34
N ILE C 64 6.41 -33.86 -10.20
CA ILE C 64 5.12 -33.43 -9.68
C ILE C 64 4.53 -32.33 -10.57
N GLY C 65 5.39 -31.44 -11.07
CA GLY C 65 4.91 -30.42 -11.99
C GLY C 65 4.37 -30.98 -13.28
N GLU C 66 5.07 -31.95 -13.87
CA GLU C 66 4.59 -32.55 -15.09
C GLU C 66 3.25 -33.25 -14.90
N ILE C 67 3.10 -33.96 -13.79
CA ILE C 67 1.85 -34.66 -13.52
C ILE C 67 0.69 -33.68 -13.43
N PHE C 68 0.89 -32.58 -12.73
CA PHE C 68 -0.20 -31.61 -12.61
C PHE C 68 -0.49 -30.94 -13.94
N GLU C 69 0.52 -30.77 -14.79
CA GLU C 69 0.28 -30.23 -16.10
C GLU C 69 -0.64 -31.16 -16.90
N LEU C 70 -0.33 -32.44 -16.90
CA LEU C 70 -1.18 -33.42 -17.56
C LEU C 70 -2.58 -33.39 -16.96
N MET C 71 -2.66 -33.28 -15.64
CA MET C 71 -3.94 -33.26 -14.94
C MET C 71 -4.77 -32.03 -15.24
N GLN C 72 -4.14 -30.88 -15.54
CA GLN C 72 -4.93 -29.71 -15.88
C GLN C 72 -5.74 -29.92 -17.14
N PHE C 73 -5.11 -30.45 -18.19
CA PHE C 73 -5.85 -30.71 -19.41
C PHE C 73 -6.97 -31.70 -19.16
N LEU C 74 -6.65 -32.81 -18.49
CA LEU C 74 -7.68 -33.82 -18.26
C LEU C 74 -8.83 -33.24 -17.45
N PHE C 75 -8.53 -32.42 -16.45
CA PHE C 75 -9.60 -31.86 -15.66
C PHE C 75 -10.45 -30.93 -16.49
N VAL C 76 -9.81 -30.08 -17.30
CA VAL C 76 -10.56 -29.17 -18.15
C VAL C 76 -11.52 -29.96 -19.02
N VAL C 77 -10.99 -30.97 -19.69
CA VAL C 77 -11.81 -31.75 -20.60
C VAL C 77 -12.92 -32.46 -19.83
N ALA C 78 -12.56 -33.10 -18.73
CA ALA C 78 -13.55 -33.86 -17.98
C ALA C 78 -14.64 -32.98 -17.40
N PHE C 79 -14.26 -31.83 -16.83
CA PHE C 79 -15.29 -30.98 -16.25
C PHE C 79 -16.21 -30.42 -17.31
N THR C 80 -15.65 -29.99 -18.45
CA THR C 80 -16.50 -29.49 -19.50
C THR C 80 -17.40 -30.59 -20.03
N THR C 81 -16.84 -31.78 -20.20
CA THR C 81 -17.64 -32.90 -20.66
C THR C 81 -18.72 -33.25 -19.65
N PHE C 82 -18.37 -33.26 -18.36
CA PHE C 82 -19.36 -33.56 -17.33
C PHE C 82 -20.45 -32.51 -17.31
N LEU C 83 -20.06 -31.24 -17.44
CA LEU C 83 -21.02 -30.15 -17.48
C LEU C 83 -21.89 -30.25 -18.72
N VAL C 84 -21.31 -30.71 -19.83
CA VAL C 84 -22.06 -30.77 -21.08
C VAL C 84 -23.10 -31.88 -21.04
N SER C 85 -22.74 -33.03 -20.47
CA SER C 85 -23.58 -34.22 -20.56
C SER C 85 -24.35 -34.50 -19.27
N CYS C 86 -23.65 -34.62 -18.14
CA CYS C 86 -24.29 -35.13 -16.93
C CYS C 86 -25.34 -34.15 -16.40
N VAL C 87 -24.92 -32.93 -16.06
CA VAL C 87 -25.84 -31.98 -15.45
C VAL C 87 -26.98 -31.64 -16.41
N ASP C 88 -28.17 -31.40 -15.86
CA ASP C 88 -29.36 -31.18 -16.66
C ASP C 88 -29.83 -29.74 -16.70
N TYR C 89 -29.54 -28.93 -15.67
CA TYR C 89 -29.85 -27.50 -15.67
C TYR C 89 -31.36 -27.24 -15.71
N ASP C 90 -32.14 -28.32 -15.64
CA ASP C 90 -33.60 -28.25 -15.57
C ASP C 90 -34.06 -28.18 -14.12
N ILE C 91 -33.67 -29.17 -13.32
CA ILE C 91 -33.96 -29.14 -11.89
C ILE C 91 -33.02 -28.22 -11.14
N LEU C 92 -32.10 -27.54 -11.84
CA LEU C 92 -31.30 -26.53 -11.15
C LEU C 92 -32.00 -25.18 -11.15
N PHE C 93 -32.52 -24.75 -12.28
CA PHE C 93 -33.30 -23.52 -12.33
C PHE C 93 -34.73 -23.72 -11.87
N ALA C 94 -35.05 -24.92 -11.38
CA ALA C 94 -36.39 -25.24 -10.89
C ALA C 94 -37.42 -25.02 -12.00
N ASN C 95 -37.23 -25.76 -13.09
CA ASN C 95 -38.17 -25.74 -14.22
C ASN C 95 -38.03 -26.98 -15.10
N VAL C 108 -39.33 -28.17 -0.40
CA VAL C 108 -38.17 -28.82 0.20
C VAL C 108 -36.91 -28.38 -0.52
N LYS C 109 -35.85 -28.15 0.24
CA LYS C 109 -34.60 -27.68 -0.34
C LYS C 109 -33.95 -28.81 -1.13
N VAL C 110 -33.38 -28.46 -2.28
CA VAL C 110 -32.81 -29.42 -3.24
C VAL C 110 -31.31 -29.51 -3.05
N THR C 111 -30.80 -30.75 -3.04
CA THR C 111 -29.37 -30.97 -2.87
C THR C 111 -28.64 -30.84 -4.21
N LEU C 112 -27.32 -30.74 -4.14
CA LEU C 112 -26.47 -30.81 -5.32
C LEU C 112 -26.51 -32.16 -6.03
N PRO C 113 -26.38 -33.30 -5.35
CA PRO C 113 -26.39 -34.60 -6.05
C PRO C 113 -27.65 -34.89 -6.88
N ASP C 114 -28.77 -34.20 -6.64
CA ASP C 114 -29.94 -34.41 -7.50
C ASP C 114 -29.71 -33.97 -8.93
N ALA C 115 -29.04 -32.83 -9.13
CA ALA C 115 -28.78 -32.38 -10.49
C ALA C 115 -27.80 -33.27 -11.25
N PHE C 116 -26.97 -34.04 -10.55
CA PHE C 116 -26.04 -34.93 -11.22
C PHE C 116 -26.72 -36.23 -11.66
N LEU C 117 -26.66 -36.51 -12.97
CA LEU C 117 -27.17 -37.77 -13.48
C LEU C 117 -26.30 -38.96 -13.07
N PRO C 118 -26.91 -40.13 -12.87
CA PRO C 118 -26.13 -41.33 -12.60
C PRO C 118 -25.18 -41.67 -13.74
N ALA C 119 -24.17 -42.46 -13.42
CA ALA C 119 -23.08 -42.72 -14.35
C ALA C 119 -23.56 -43.34 -15.65
N GLN C 120 -24.56 -44.22 -15.58
CA GLN C 120 -24.99 -44.97 -16.77
C GLN C 120 -25.64 -44.06 -17.81
N VAL C 121 -26.58 -43.21 -17.39
CA VAL C 121 -27.27 -42.35 -18.34
C VAL C 121 -26.35 -41.25 -18.87
N CYS C 122 -25.38 -40.81 -18.06
CA CYS C 122 -24.41 -39.83 -18.52
C CYS C 122 -23.49 -40.41 -19.59
N SER C 123 -23.06 -41.66 -19.40
CA SER C 123 -22.25 -42.32 -20.42
C SER C 123 -23.01 -42.51 -21.73
N ALA C 124 -24.30 -42.83 -21.65
CA ALA C 124 -25.09 -43.00 -22.86
C ALA C 124 -25.25 -41.70 -23.64
N ARG C 125 -25.42 -40.57 -22.95
CA ARG C 125 -25.53 -39.29 -23.64
C ARG C 125 -24.20 -38.83 -24.22
N ILE C 126 -23.07 -39.17 -23.60
CA ILE C 126 -21.79 -38.77 -24.17
C ILE C 126 -21.55 -39.54 -25.46
N GLN C 127 -21.69 -40.87 -25.40
CA GLN C 127 -21.37 -41.69 -26.55
C GLN C 127 -22.44 -41.64 -27.62
N GLU C 128 -23.41 -40.72 -27.50
CA GLU C 128 -24.44 -40.55 -28.51
C GLU C 128 -24.49 -39.13 -29.04
N ASN C 129 -23.60 -38.25 -28.57
CA ASN C 129 -23.66 -36.86 -28.99
C ASN C 129 -23.13 -36.70 -30.40
N GLY C 130 -22.17 -37.52 -30.80
CA GLY C 130 -21.61 -37.47 -32.13
C GLY C 130 -20.71 -36.28 -32.32
N SER C 131 -21.27 -35.09 -32.13
CA SER C 131 -20.52 -33.86 -32.22
C SER C 131 -19.70 -33.59 -30.97
N LEU C 132 -19.77 -34.47 -29.97
CA LEU C 132 -18.98 -34.36 -28.75
C LEU C 132 -17.90 -35.43 -28.65
N ILE C 133 -18.20 -36.64 -29.13
CA ILE C 133 -17.23 -37.73 -29.11
C ILE C 133 -16.10 -37.48 -30.10
N THR C 134 -16.37 -36.76 -31.19
CA THR C 134 -15.33 -36.45 -32.14
C THR C 134 -14.32 -35.43 -31.62
N ILE C 135 -14.70 -34.61 -30.66
CA ILE C 135 -13.72 -33.75 -30.02
C ILE C 135 -12.96 -34.50 -28.94
N LEU C 136 -13.64 -35.38 -28.22
CA LEU C 136 -13.00 -36.15 -27.16
C LEU C 136 -11.93 -37.08 -27.71
N VAL C 137 -12.16 -37.65 -28.89
CA VAL C 137 -11.17 -38.54 -29.47
C VAL C 137 -9.88 -37.79 -29.75
N ILE C 138 -9.99 -36.58 -30.29
CA ILE C 138 -8.79 -35.82 -30.60
C ILE C 138 -8.10 -35.35 -29.32
N ALA C 139 -8.90 -34.90 -28.35
CA ALA C 139 -8.33 -34.51 -27.06
C ALA C 139 -7.75 -35.69 -26.30
N GLY C 140 -8.10 -36.91 -26.68
CA GLY C 140 -7.50 -38.08 -26.08
C GLY C 140 -6.19 -38.52 -26.70
N VAL C 141 -6.10 -38.46 -28.02
CA VAL C 141 -4.87 -38.86 -28.70
C VAL C 141 -3.72 -37.90 -28.43
N PHE C 142 -3.99 -36.61 -28.30
CA PHE C 142 -2.89 -35.71 -27.98
C PHE C 142 -2.35 -36.00 -26.59
N TRP C 143 -3.23 -36.23 -25.62
CA TRP C 143 -2.77 -36.56 -24.28
C TRP C 143 -2.05 -37.88 -24.23
N ILE C 144 -2.45 -38.83 -25.06
CA ILE C 144 -1.73 -40.10 -25.08
C ILE C 144 -0.33 -39.88 -25.61
N HIS C 145 -0.20 -39.08 -26.67
CA HIS C 145 1.12 -38.74 -27.15
C HIS C 145 1.91 -38.01 -26.08
N ARG C 146 1.27 -37.08 -25.39
CA ARG C 146 1.96 -36.36 -24.34
C ARG C 146 2.37 -37.28 -23.20
N LEU C 147 1.50 -38.19 -22.80
CA LEU C 147 1.83 -39.09 -21.69
C LEU C 147 2.97 -40.03 -22.06
N ILE C 148 3.01 -40.51 -23.30
CA ILE C 148 4.13 -41.36 -23.70
C ILE C 148 5.42 -40.56 -23.71
N LYS C 149 5.37 -39.34 -24.22
CA LYS C 149 6.54 -38.47 -24.20
C LYS C 149 6.97 -38.20 -22.76
N PHE C 150 6.01 -38.02 -21.86
CA PHE C 150 6.34 -37.78 -20.47
C PHE C 150 7.02 -38.98 -19.81
N ILE C 151 6.51 -40.18 -20.06
CA ILE C 151 7.13 -41.37 -19.49
C ILE C 151 8.54 -41.54 -20.00
N TYR C 152 8.76 -41.25 -21.28
CA TYR C 152 10.11 -41.33 -21.81
C TYR C 152 11.00 -40.26 -21.21
N ASN C 153 10.45 -39.08 -20.93
CA ASN C 153 11.31 -38.05 -20.39
C ASN C 153 11.67 -38.36 -18.94
N ILE C 154 10.79 -39.05 -18.22
CA ILE C 154 11.12 -39.39 -16.85
C ILE C 154 12.26 -40.39 -16.82
N CYS C 155 12.22 -41.37 -17.71
CA CYS C 155 13.29 -42.35 -17.76
C CYS C 155 14.59 -41.72 -18.23
N CYS C 156 14.50 -40.57 -18.90
CA CYS C 156 15.71 -39.86 -19.29
C CYS C 156 16.12 -38.82 -18.27
N TYR C 157 15.19 -38.30 -17.49
CA TYR C 157 15.60 -37.36 -16.45
C TYR C 157 16.12 -38.08 -15.22
N TRP C 158 15.68 -39.32 -14.99
CA TRP C 158 16.28 -40.13 -13.93
C TRP C 158 17.75 -40.39 -14.17
N GLU C 159 18.14 -40.53 -15.43
CA GLU C 159 19.55 -40.72 -15.75
C GLU C 159 20.34 -39.46 -15.46
N ILE C 160 19.72 -38.30 -15.71
CA ILE C 160 20.29 -37.00 -15.39
C ILE C 160 20.37 -36.79 -13.89
N HIS C 161 19.40 -37.33 -13.16
CA HIS C 161 19.41 -37.28 -11.70
C HIS C 161 20.63 -37.96 -11.13
N SER C 162 20.96 -39.13 -11.65
CA SER C 162 22.17 -39.80 -11.20
C SER C 162 23.41 -38.96 -11.52
N PHE C 163 23.42 -38.28 -12.67
CA PHE C 163 24.57 -37.46 -13.00
C PHE C 163 24.76 -36.29 -12.03
N TYR C 164 23.67 -35.69 -11.55
CA TYR C 164 23.85 -34.67 -10.52
C TYR C 164 24.34 -35.28 -9.22
N LEU C 165 23.74 -36.41 -8.83
CA LEU C 165 24.03 -36.99 -7.54
C LEU C 165 25.45 -37.51 -7.49
N HIS C 166 25.87 -38.22 -8.53
CA HIS C 166 27.14 -38.93 -8.50
C HIS C 166 28.27 -38.07 -9.08
N ALA C 167 28.11 -37.61 -10.32
CA ALA C 167 29.21 -36.93 -10.98
C ALA C 167 29.50 -35.57 -10.34
N LEU C 168 28.45 -34.87 -9.90
CA LEU C 168 28.63 -33.57 -9.29
C LEU C 168 28.61 -33.60 -7.77
N ARG C 169 28.15 -34.69 -7.16
CA ARG C 169 28.08 -34.79 -5.70
C ARG C 169 27.23 -33.67 -5.10
N ILE C 170 26.11 -33.37 -5.76
CA ILE C 170 25.17 -32.38 -5.26
C ILE C 170 23.88 -33.08 -4.91
N PRO C 171 23.53 -33.16 -3.63
CA PRO C 171 22.29 -33.82 -3.22
C PRO C 171 21.04 -33.13 -3.77
N MET C 172 19.99 -33.95 -3.89
CA MET C 172 18.69 -33.53 -4.37
C MET C 172 17.93 -32.68 -3.38
N SER C 173 18.45 -32.46 -2.18
CA SER C 173 17.81 -31.56 -1.23
C SER C 173 18.46 -30.18 -1.20
N ALA C 174 19.51 -29.97 -1.98
CA ALA C 174 20.17 -28.68 -2.07
C ALA C 174 19.96 -27.99 -3.40
N LEU C 175 19.12 -28.56 -4.28
CA LEU C 175 18.88 -27.90 -5.57
C LEU C 175 18.16 -26.57 -5.43
N PRO C 176 17.05 -26.44 -4.70
CA PRO C 176 16.36 -25.15 -4.71
C PRO C 176 17.15 -24.05 -4.05
N TYR C 177 18.35 -24.35 -3.58
CA TYR C 177 19.23 -23.39 -2.94
C TYR C 177 20.57 -23.30 -3.64
N CYS C 178 20.71 -23.85 -4.84
CA CYS C 178 21.94 -23.78 -5.61
C CYS C 178 21.74 -23.01 -6.91
N THR C 179 22.41 -21.87 -7.02
CA THR C 179 22.40 -21.07 -8.24
C THR C 179 23.00 -21.84 -9.41
N TRP C 180 22.63 -21.41 -10.62
CA TRP C 180 23.13 -22.08 -11.80
C TRP C 180 24.64 -21.96 -11.89
N GLN C 181 25.21 -20.91 -11.29
CA GLN C 181 26.66 -20.74 -11.30
C GLN C 181 27.37 -21.86 -10.56
N GLU C 182 26.80 -22.32 -9.45
CA GLU C 182 27.42 -23.40 -8.72
C GLU C 182 27.39 -24.67 -9.54
N VAL C 183 26.26 -24.94 -10.22
CA VAL C 183 26.14 -26.10 -11.07
C VAL C 183 27.08 -26.00 -12.27
N GLN C 184 27.24 -24.80 -12.80
CA GLN C 184 28.14 -24.58 -13.93
C GLN C 184 29.61 -24.85 -13.60
N ALA C 185 30.09 -24.42 -12.44
CA ALA C 185 31.49 -24.67 -12.11
C ALA C 185 31.82 -26.15 -11.93
N ARG C 186 30.95 -26.91 -11.26
CA ARG C 186 31.21 -28.33 -11.08
C ARG C 186 31.10 -29.14 -12.37
N ILE C 187 30.28 -28.71 -13.32
CA ILE C 187 30.24 -29.43 -14.59
C ILE C 187 31.53 -29.21 -15.38
N VAL C 188 31.99 -27.96 -15.47
CA VAL C 188 33.09 -27.66 -16.37
C VAL C 188 34.42 -28.10 -15.77
N GLN C 189 34.56 -28.04 -14.45
CA GLN C 189 35.85 -28.32 -13.83
C GLN C 189 36.09 -29.81 -13.72
N THR C 190 35.03 -30.61 -13.67
CA THR C 190 35.12 -32.06 -13.63
C THR C 190 34.92 -32.71 -14.99
N GLN C 191 35.18 -31.98 -16.08
CA GLN C 191 34.94 -32.54 -17.41
C GLN C 191 35.98 -33.58 -17.81
N LYS C 192 36.90 -33.92 -16.94
CA LYS C 192 37.88 -34.97 -17.20
C LYS C 192 37.39 -36.34 -16.75
N GLU C 193 36.51 -36.37 -15.75
CA GLU C 193 35.99 -37.62 -15.17
C GLU C 193 34.87 -38.23 -16.01
N HIS C 194 33.78 -37.50 -16.20
CA HIS C 194 32.66 -38.07 -16.93
C HIS C 194 32.92 -38.15 -18.43
N GLN C 195 33.90 -37.43 -18.93
CA GLN C 195 34.37 -37.44 -20.32
C GLN C 195 33.19 -37.56 -21.29
N ILE C 196 32.28 -36.59 -21.18
CA ILE C 196 31.09 -36.58 -22.03
C ILE C 196 31.46 -36.13 -23.43
N CYS C 197 32.38 -35.18 -23.52
CA CYS C 197 32.81 -34.59 -24.78
C CYS C 197 34.33 -34.71 -24.79
N ILE C 198 34.83 -35.71 -25.50
CA ILE C 198 36.25 -35.90 -25.68
C ILE C 198 36.59 -35.46 -27.09
N HIS C 199 35.59 -35.53 -27.97
CA HIS C 199 35.74 -35.10 -29.36
C HIS C 199 36.30 -33.69 -29.45
N LYS C 200 35.61 -32.72 -28.86
CA LYS C 200 36.18 -31.40 -28.70
C LYS C 200 37.31 -31.46 -27.67
N ARG C 201 38.34 -30.65 -27.88
CA ARG C 201 39.52 -30.74 -27.01
C ARG C 201 39.17 -30.47 -25.56
N GLU C 202 38.29 -29.50 -25.30
CA GLU C 202 37.89 -29.16 -23.96
C GLU C 202 36.42 -28.75 -24.01
N LEU C 203 35.85 -28.41 -22.86
CA LEU C 203 34.52 -27.85 -22.76
C LEU C 203 34.60 -26.41 -22.27
N THR C 204 33.69 -25.57 -22.72
CA THR C 204 33.77 -24.16 -22.40
C THR C 204 32.38 -23.66 -21.99
N GLU C 205 32.39 -22.63 -21.15
CA GLU C 205 31.13 -22.01 -20.74
C GLU C 205 30.35 -21.47 -21.93
N LEU C 206 31.05 -20.91 -22.91
CA LEU C 206 30.38 -20.46 -24.12
C LEU C 206 29.76 -21.64 -24.87
N ASP C 207 30.43 -22.79 -24.80
CA ASP C 207 29.90 -24.00 -25.42
C ASP C 207 28.58 -24.46 -24.81
N ILE C 208 28.46 -24.44 -23.48
CA ILE C 208 27.18 -24.84 -22.89
C ILE C 208 26.08 -23.89 -23.30
N TYR C 209 26.34 -22.60 -23.27
CA TYR C 209 25.34 -21.64 -23.70
C TYR C 209 24.95 -21.89 -25.14
N HIS C 210 25.94 -22.18 -26.00
CA HIS C 210 25.63 -22.44 -27.40
C HIS C 210 24.91 -23.76 -27.58
N ARG C 211 25.30 -24.78 -26.82
CA ARG C 211 24.68 -26.09 -26.99
C ARG C 211 23.22 -26.09 -26.55
N ILE C 212 22.92 -25.41 -25.45
CA ILE C 212 21.54 -25.42 -24.99
C ILE C 212 20.67 -24.57 -25.89
N LEU C 213 21.19 -23.42 -26.33
CA LEU C 213 20.42 -22.36 -26.99
C LEU C 213 20.77 -22.19 -28.46
N ARG C 214 20.91 -23.31 -29.19
CA ARG C 214 21.27 -23.25 -30.60
C ARG C 214 20.09 -22.76 -31.42
N PHE C 215 18.87 -23.05 -30.98
CA PHE C 215 17.70 -22.65 -31.74
C PHE C 215 17.08 -21.35 -31.24
N GLN C 216 17.21 -21.03 -29.95
CA GLN C 216 16.69 -19.75 -29.47
C GLN C 216 17.44 -18.56 -30.04
N ASN C 217 18.74 -18.70 -30.28
CA ASN C 217 19.48 -17.62 -30.91
C ASN C 217 18.93 -17.39 -32.31
N TYR C 218 18.60 -18.47 -33.00
CA TYR C 218 18.00 -18.34 -34.32
C TYR C 218 16.67 -17.61 -34.25
N MET C 219 15.88 -17.91 -33.21
CA MET C 219 14.60 -17.23 -33.04
C MET C 219 14.82 -15.74 -32.78
N VAL C 220 15.83 -15.42 -31.98
CA VAL C 220 16.15 -14.02 -31.68
C VAL C 220 16.54 -13.25 -32.95
N ALA C 221 17.38 -13.84 -33.79
CA ALA C 221 17.80 -13.14 -34.99
C ALA C 221 16.66 -12.91 -35.97
N LEU C 222 15.67 -13.80 -36.02
CA LEU C 222 14.57 -13.58 -36.96
C LEU C 222 13.63 -12.45 -36.54
N VAL C 223 13.32 -12.31 -35.25
CA VAL C 223 12.40 -11.25 -34.85
C VAL C 223 13.07 -9.88 -34.91
N ASN C 224 14.34 -9.78 -34.52
CA ASN C 224 14.92 -8.44 -34.49
C ASN C 224 15.38 -7.99 -35.87
N LYS C 225 15.41 -8.87 -36.86
CA LYS C 225 15.69 -8.46 -38.22
C LYS C 225 14.42 -8.36 -39.06
N SER C 226 13.25 -8.43 -38.43
CA SER C 226 11.96 -8.31 -39.10
C SER C 226 11.83 -9.32 -40.23
N LEU C 227 12.33 -10.51 -40.00
CA LEU C 227 12.28 -11.60 -40.96
C LEU C 227 11.08 -12.48 -40.75
N LEU C 228 10.27 -12.16 -39.76
CA LEU C 228 9.07 -12.88 -39.41
C LEU C 228 7.87 -11.94 -39.48
N PRO C 229 6.75 -12.43 -39.94
CA PRO C 229 5.59 -11.57 -40.17
C PRO C 229 4.85 -11.27 -38.88
N LEU C 230 5.31 -10.23 -38.18
CA LEU C 230 4.75 -9.81 -36.91
C LEU C 230 4.43 -8.32 -36.85
N ARG C 231 4.29 -7.63 -37.99
CA ARG C 231 3.83 -6.24 -38.00
C ARG C 231 2.61 -6.09 -38.90
N PHE C 232 1.56 -5.43 -38.41
CA PHE C 232 0.34 -5.29 -39.20
C PHE C 232 -0.27 -3.90 -39.10
N ARG C 233 -0.96 -3.51 -40.17
CA ARG C 233 -1.71 -2.26 -40.25
C ARG C 233 -3.20 -2.58 -40.19
N LEU C 234 -3.91 -2.06 -39.20
CA LEU C 234 -5.32 -2.44 -39.22
C LEU C 234 -6.23 -1.22 -39.32
N PRO C 235 -7.30 -1.29 -40.12
CA PRO C 235 -8.24 -0.17 -40.22
C PRO C 235 -9.04 0.01 -38.93
N GLY C 236 -8.87 1.17 -38.30
CA GLY C 236 -9.51 1.49 -37.04
C GLY C 236 -8.64 1.32 -35.83
N LEU C 237 -7.51 0.65 -35.97
CA LEU C 237 -6.55 0.41 -34.90
C LEU C 237 -5.18 0.97 -35.23
N GLY C 238 -4.77 0.92 -36.49
CA GLY C 238 -3.47 1.43 -36.90
C GLY C 238 -2.41 0.34 -36.87
N GLU C 239 -1.27 0.65 -36.26
CA GLU C 239 -0.20 -0.34 -36.12
C GLU C 239 -0.52 -1.36 -35.05
N ALA C 240 -0.31 -2.64 -35.38
CA ALA C 240 -0.55 -3.71 -34.42
C ALA C 240 0.54 -4.77 -34.56
N VAL C 241 1.18 -5.11 -33.45
CA VAL C 241 2.21 -6.16 -33.41
C VAL C 241 1.55 -7.41 -32.86
N PHE C 242 1.35 -8.42 -33.69
CA PHE C 242 0.71 -9.67 -33.29
C PHE C 242 1.76 -10.78 -33.31
N PHE C 243 2.36 -11.05 -32.15
CA PHE C 243 3.35 -12.11 -31.97
C PHE C 243 2.96 -12.92 -30.76
N THR C 244 2.59 -14.17 -30.99
CA THR C 244 2.11 -15.06 -29.96
C THR C 244 2.98 -16.30 -29.88
N ARG C 245 2.54 -17.24 -29.05
CA ARG C 245 3.25 -18.50 -28.88
C ARG C 245 3.02 -19.44 -30.05
N GLY C 246 1.85 -19.40 -30.67
CA GLY C 246 1.63 -20.24 -31.84
C GLY C 246 2.58 -19.91 -32.97
N LEU C 247 2.79 -18.62 -33.25
CA LEU C 247 3.75 -18.30 -34.31
C LEU C 247 5.14 -18.76 -33.91
N LYS C 248 5.53 -18.53 -32.66
CA LYS C 248 6.88 -18.96 -32.27
C LYS C 248 6.96 -20.48 -32.30
N TYR C 249 5.93 -21.16 -31.80
CA TYR C 249 5.91 -22.62 -31.90
C TYR C 249 5.93 -23.08 -33.35
N ASN C 250 5.17 -22.40 -34.21
CA ASN C 250 5.13 -22.76 -35.61
C ASN C 250 6.45 -22.44 -36.29
N PHE C 251 7.07 -21.32 -35.95
CA PHE C 251 8.36 -21.00 -36.55
C PHE C 251 9.37 -22.08 -36.21
N GLU C 252 9.44 -22.49 -34.95
CA GLU C 252 10.40 -23.52 -34.60
C GLU C 252 10.02 -24.86 -35.21
N LEU C 253 8.72 -25.13 -35.39
CA LEU C 253 8.33 -26.37 -36.04
C LEU C 253 8.64 -26.33 -37.53
N ILE C 254 8.50 -25.18 -38.16
CA ILE C 254 8.79 -25.09 -39.58
C ILE C 254 10.29 -25.15 -39.82
N LEU C 255 11.06 -24.49 -38.96
CA LEU C 255 12.48 -24.31 -39.21
C LEU C 255 13.37 -25.29 -38.47
N PHE C 256 13.00 -25.75 -37.27
CA PHE C 256 13.91 -26.50 -36.44
C PHE C 256 13.47 -27.95 -36.26
N TRP C 257 12.25 -28.17 -35.79
CA TRP C 257 11.79 -29.52 -35.53
C TRP C 257 11.19 -30.15 -36.77
N GLY C 258 10.98 -31.47 -36.71
CA GLY C 258 10.42 -32.21 -37.81
C GLY C 258 11.47 -32.81 -38.73
N PRO C 259 11.09 -33.88 -39.44
CA PRO C 259 12.02 -34.52 -40.38
C PRO C 259 12.21 -33.75 -41.68
N GLY C 260 11.44 -32.70 -41.91
CA GLY C 260 11.57 -31.89 -43.11
C GLY C 260 12.12 -30.51 -42.86
N SER C 261 12.66 -30.24 -41.68
CA SER C 261 13.14 -28.91 -41.38
C SER C 261 14.50 -28.67 -42.02
N LEU C 262 15.08 -27.54 -41.67
CA LEU C 262 16.37 -27.11 -42.21
C LEU C 262 17.54 -27.77 -41.52
N PHE C 263 17.35 -28.34 -40.34
CA PHE C 263 18.43 -28.89 -39.55
C PHE C 263 18.51 -30.40 -39.72
N LEU C 264 19.71 -30.88 -40.06
CA LEU C 264 19.91 -32.27 -40.44
C LEU C 264 19.55 -33.25 -39.34
N ASN C 265 20.33 -33.30 -38.26
CA ASN C 265 20.02 -34.22 -37.17
C ASN C 265 19.45 -33.46 -35.98
N GLU C 266 20.27 -32.68 -35.30
CA GLU C 266 19.82 -31.80 -34.24
C GLU C 266 20.57 -30.48 -34.19
N TRP C 267 21.80 -30.44 -34.67
CA TRP C 267 22.74 -29.35 -34.40
C TRP C 267 23.51 -28.97 -35.66
N SER C 268 22.97 -29.31 -36.83
CA SER C 268 23.60 -29.00 -38.10
C SER C 268 22.49 -28.90 -39.14
N LEU C 269 22.31 -27.72 -39.71
CA LEU C 269 21.39 -27.61 -40.84
C LEU C 269 21.97 -28.29 -42.07
N LYS C 270 21.07 -28.87 -42.87
CA LYS C 270 21.47 -29.68 -44.02
C LYS C 270 22.37 -28.92 -44.98
N ALA C 271 23.44 -29.58 -45.42
CA ALA C 271 24.47 -28.94 -46.24
C ALA C 271 23.90 -28.36 -47.53
N GLU C 272 22.80 -28.92 -48.04
CA GLU C 272 22.16 -28.39 -49.24
C GLU C 272 21.69 -26.96 -49.05
N TYR C 273 21.54 -26.53 -47.81
CA TYR C 273 21.13 -25.17 -47.49
C TYR C 273 22.33 -24.25 -47.35
N LYS C 274 23.53 -24.73 -47.66
CA LYS C 274 24.73 -23.92 -47.66
C LYS C 274 25.23 -23.61 -49.06
N ARG C 275 24.47 -23.95 -50.10
CA ARG C 275 24.86 -23.70 -51.48
C ARG C 275 23.80 -22.82 -52.15
N GLY C 276 24.24 -21.68 -52.69
CA GLY C 276 23.39 -20.73 -53.37
C GLY C 276 23.00 -21.08 -54.78
N GLY C 277 23.43 -22.21 -55.30
CA GLY C 277 23.09 -22.58 -56.67
C GLY C 277 21.63 -22.96 -56.89
N GLN C 278 20.88 -23.22 -55.83
CA GLN C 278 19.48 -23.63 -55.94
C GLN C 278 18.61 -22.83 -54.99
N ARG C 279 18.80 -21.50 -54.99
CA ARG C 279 18.00 -20.66 -54.10
C ARG C 279 16.52 -20.73 -54.45
N LEU C 280 16.19 -20.65 -55.74
CA LEU C 280 14.79 -20.61 -56.14
C LEU C 280 14.14 -21.95 -55.86
N GLU C 281 14.85 -23.02 -56.18
CA GLU C 281 14.34 -24.36 -55.98
C GLU C 281 14.15 -24.65 -54.49
N LEU C 282 15.12 -24.24 -53.67
CA LEU C 282 14.95 -24.43 -52.24
C LEU C 282 13.82 -23.57 -51.72
N ALA C 283 13.70 -22.35 -52.24
CA ALA C 283 12.59 -21.48 -51.84
C ALA C 283 11.26 -22.09 -52.22
N GLN C 284 11.15 -22.71 -53.40
CA GLN C 284 9.89 -23.32 -53.75
C GLN C 284 9.58 -24.49 -52.84
N ARG C 285 10.60 -25.29 -52.53
CA ARG C 285 10.37 -26.41 -51.63
C ARG C 285 9.96 -25.90 -50.26
N LEU C 286 10.62 -24.84 -49.79
CA LEU C 286 10.25 -24.24 -48.51
C LEU C 286 8.84 -23.64 -48.56
N SER C 287 8.47 -23.06 -49.70
CA SER C 287 7.14 -22.50 -49.83
C SER C 287 6.08 -23.59 -49.74
N ASN C 288 6.34 -24.74 -50.37
CA ASN C 288 5.38 -25.83 -50.24
C ASN C 288 5.28 -26.26 -48.79
N ARG C 289 6.43 -26.36 -48.10
CA ARG C 289 6.42 -26.73 -46.69
C ARG C 289 5.64 -25.72 -45.88
N ILE C 290 5.90 -24.43 -46.11
CA ILE C 290 5.18 -23.38 -45.37
C ILE C 290 3.70 -23.46 -45.67
N LEU C 291 3.37 -23.70 -46.94
CA LEU C 291 1.97 -23.79 -47.32
C LEU C 291 1.30 -24.96 -46.62
N TRP C 292 2.00 -26.10 -46.55
CA TRP C 292 1.44 -27.27 -45.91
C TRP C 292 1.25 -27.06 -44.42
N ILE C 293 2.21 -26.42 -43.76
CA ILE C 293 2.06 -26.16 -42.33
C ILE C 293 0.88 -25.25 -42.07
N GLY C 294 0.69 -24.26 -42.94
CA GLY C 294 -0.45 -23.38 -42.79
C GLY C 294 -1.77 -24.09 -42.98
N ILE C 295 -1.81 -25.04 -43.92
CA ILE C 295 -3.03 -25.82 -44.10
C ILE C 295 -3.33 -26.63 -42.85
N ALA C 296 -2.30 -27.21 -42.24
CA ALA C 296 -2.52 -27.94 -41.00
C ALA C 296 -3.07 -27.03 -39.91
N ASN C 297 -2.51 -25.82 -39.79
CA ASN C 297 -3.02 -24.88 -38.82
C ASN C 297 -4.45 -24.50 -39.13
N PHE C 298 -4.79 -24.28 -40.41
CA PHE C 298 -6.16 -23.94 -40.74
C PHE C 298 -7.10 -25.08 -40.40
N LEU C 299 -6.63 -26.31 -40.57
CA LEU C 299 -7.46 -27.44 -40.20
C LEU C 299 -7.64 -27.50 -38.70
N LEU C 300 -6.56 -27.24 -37.95
CA LEU C 300 -6.60 -27.29 -36.50
C LEU C 300 -7.22 -26.06 -35.87
N CYS C 301 -7.53 -25.02 -36.65
CA CYS C 301 -8.11 -23.79 -36.09
C CYS C 301 -9.21 -24.02 -35.07
N PRO C 302 -10.26 -24.80 -35.32
CA PRO C 302 -11.35 -24.85 -34.34
C PRO C 302 -10.94 -25.49 -33.02
N LEU C 303 -10.13 -26.55 -33.09
CA LEU C 303 -9.67 -27.24 -31.88
C LEU C 303 -8.79 -26.36 -31.02
N ILE C 304 -7.80 -25.71 -31.63
CA ILE C 304 -6.90 -24.84 -30.87
C ILE C 304 -7.68 -23.68 -30.29
N LEU C 305 -8.68 -23.20 -31.01
CA LEU C 305 -9.49 -22.11 -30.49
C LEU C 305 -10.20 -22.53 -29.23
N ILE C 306 -10.76 -23.74 -29.20
CA ILE C 306 -11.40 -24.22 -27.99
C ILE C 306 -10.38 -24.28 -26.85
N TRP C 307 -9.19 -24.82 -27.12
CA TRP C 307 -8.17 -24.90 -26.08
C TRP C 307 -7.75 -23.53 -25.56
N GLN C 308 -7.55 -22.56 -26.45
CA GLN C 308 -7.14 -21.24 -25.97
C GLN C 308 -8.26 -20.56 -25.20
N ILE C 309 -9.50 -20.68 -25.67
CA ILE C 309 -10.64 -20.10 -24.97
C ILE C 309 -10.77 -20.72 -23.59
N LEU C 310 -10.70 -22.05 -23.52
CA LEU C 310 -10.84 -22.73 -22.24
C LEU C 310 -9.74 -22.35 -21.28
N TYR C 311 -8.50 -22.25 -21.76
CA TYR C 311 -7.39 -21.91 -20.87
C TYR C 311 -7.51 -20.51 -20.32
N ALA C 312 -7.88 -19.53 -21.15
CA ALA C 312 -8.04 -18.17 -20.63
C ALA C 312 -9.17 -18.09 -19.61
N PHE C 313 -10.28 -18.77 -19.88
CA PHE C 313 -11.39 -18.77 -18.93
C PHE C 313 -11.01 -19.43 -17.62
N PHE C 314 -10.51 -20.66 -17.68
CA PHE C 314 -10.19 -21.33 -16.44
C PHE C 314 -9.05 -20.66 -15.69
N SER C 315 -8.23 -19.85 -16.37
CA SER C 315 -7.11 -19.26 -15.67
C SER C 315 -7.36 -17.82 -15.26
N TYR C 316 -8.13 -17.07 -16.04
CA TYR C 316 -8.27 -15.65 -15.76
C TYR C 316 -9.70 -15.17 -15.54
N ALA C 317 -10.70 -16.00 -15.78
CA ALA C 317 -12.09 -15.51 -15.65
C ALA C 317 -12.54 -15.36 -14.21
N GLU C 318 -11.74 -15.79 -13.25
CA GLU C 318 -12.05 -15.56 -11.85
C GLU C 318 -11.35 -14.36 -11.26
N VAL C 319 -10.15 -14.04 -11.75
CA VAL C 319 -9.46 -12.86 -11.26
C VAL C 319 -10.22 -11.59 -11.63
N LEU C 320 -10.93 -11.59 -12.75
CA LEU C 320 -11.79 -10.45 -13.09
C LEU C 320 -12.86 -10.22 -12.04
N LYS C 321 -13.46 -11.29 -11.53
CA LYS C 321 -14.51 -11.11 -10.54
C LYS C 321 -13.93 -10.54 -9.27
N ARG C 322 -12.87 -11.16 -8.76
CA ARG C 322 -12.38 -10.78 -7.43
C ARG C 322 -11.54 -9.52 -7.53
N GLU C 323 -10.56 -9.49 -8.43
CA GLU C 323 -9.61 -8.37 -8.51
C GLU C 323 -9.34 -8.08 -9.98
N PRO C 324 -10.25 -7.38 -10.66
CA PRO C 324 -10.06 -7.11 -12.09
C PRO C 324 -8.95 -6.12 -12.36
N GLY C 325 -8.38 -5.51 -11.34
CA GLY C 325 -7.26 -4.66 -11.63
C GLY C 325 -5.99 -5.39 -11.90
N ALA C 326 -5.95 -6.70 -11.60
CA ALA C 326 -4.75 -7.45 -11.88
C ALA C 326 -4.58 -7.71 -13.37
N LEU C 327 -5.65 -7.64 -14.15
CA LEU C 327 -5.53 -7.82 -15.59
C LEU C 327 -5.33 -6.49 -16.29
N GLY C 328 -5.15 -5.42 -15.53
CA GLY C 328 -4.82 -4.14 -16.08
C GLY C 328 -3.36 -3.93 -15.77
N ALA C 329 -2.84 -4.74 -14.87
CA ALA C 329 -1.42 -4.67 -14.59
C ALA C 329 -0.67 -5.18 -15.81
N ARG C 330 0.40 -4.49 -16.15
CA ARG C 330 1.06 -4.85 -17.39
C ARG C 330 2.08 -5.95 -17.15
N CYS C 331 2.49 -6.60 -18.24
CA CYS C 331 3.51 -7.64 -18.21
C CYS C 331 4.27 -7.60 -19.52
N TRP C 332 5.49 -8.09 -19.50
CA TRP C 332 6.29 -8.09 -20.70
C TRP C 332 5.78 -9.07 -21.76
N SER C 333 5.42 -8.53 -22.93
CA SER C 333 4.86 -9.31 -24.03
C SER C 333 5.92 -10.25 -24.61
N LEU C 334 5.46 -11.19 -25.45
CA LEU C 334 6.38 -12.13 -26.06
C LEU C 334 7.32 -11.48 -27.05
N TYR C 335 6.97 -10.32 -27.59
CA TYR C 335 7.92 -9.63 -28.45
C TYR C 335 8.96 -8.92 -27.62
N GLY C 336 8.54 -8.40 -26.47
CA GLY C 336 9.53 -7.81 -25.61
C GLY C 336 10.45 -8.84 -25.03
N ARG C 337 10.06 -10.12 -25.09
CA ARG C 337 11.02 -11.11 -24.64
C ARG C 337 11.99 -11.45 -25.75
N CYS C 338 11.58 -11.29 -27.00
CA CYS C 338 12.52 -11.52 -28.10
C CYS C 338 13.18 -10.24 -28.57
N TYR C 339 12.63 -9.08 -28.23
CA TYR C 339 13.31 -7.88 -28.66
C TYR C 339 14.34 -7.45 -27.65
N LEU C 340 14.06 -7.69 -26.36
CA LEU C 340 14.94 -7.28 -25.28
C LEU C 340 15.83 -8.41 -24.79
N ARG C 341 16.02 -9.46 -25.56
CA ARG C 341 16.77 -10.62 -25.10
C ARG C 341 18.19 -10.51 -25.66
N HIS C 342 19.17 -10.67 -24.80
CA HIS C 342 20.52 -10.69 -25.28
C HIS C 342 20.78 -12.00 -26.01
N PHE C 343 21.92 -12.07 -26.68
CA PHE C 343 22.39 -13.34 -27.23
C PHE C 343 23.14 -14.11 -26.16
N ASN C 344 22.90 -15.43 -26.16
CA ASN C 344 23.47 -16.36 -25.19
C ASN C 344 23.05 -15.97 -23.77
N GLU C 345 21.74 -15.90 -23.56
CA GLU C 345 21.15 -15.54 -22.27
C GLU C 345 20.06 -16.54 -21.92
N LEU C 346 20.25 -17.25 -20.81
CA LEU C 346 19.33 -18.25 -20.33
C LEU C 346 18.02 -17.63 -19.85
N GLU C 347 17.06 -18.50 -19.54
CA GLU C 347 15.72 -18.04 -19.20
C GLU C 347 15.71 -17.26 -17.89
N HIS C 348 16.46 -17.70 -16.88
CA HIS C 348 16.44 -16.99 -15.62
C HIS C 348 17.20 -15.67 -15.69
N GLU C 349 18.27 -15.59 -16.49
CA GLU C 349 18.97 -14.31 -16.62
C GLU C 349 18.10 -13.25 -17.24
N LEU C 350 17.23 -13.63 -18.19
CA LEU C 350 16.31 -12.65 -18.76
C LEU C 350 15.15 -12.36 -17.82
N GLN C 351 14.64 -13.37 -17.12
CA GLN C 351 13.50 -13.15 -16.24
C GLN C 351 13.89 -12.22 -15.11
N SER C 352 15.15 -12.27 -14.67
CA SER C 352 15.61 -11.35 -13.64
C SER C 352 15.55 -9.90 -14.11
N ARG C 353 15.97 -9.64 -15.34
CA ARG C 353 15.91 -8.29 -15.87
C ARG C 353 14.48 -7.82 -16.02
N LEU C 354 13.57 -8.70 -16.45
CA LEU C 354 12.18 -8.30 -16.56
C LEU C 354 11.55 -8.12 -15.19
N ASN C 355 12.15 -8.67 -14.14
CA ASN C 355 11.64 -8.44 -12.80
C ASN C 355 12.11 -7.10 -12.25
N ARG C 356 13.41 -6.79 -12.39
CA ARG C 356 13.94 -5.53 -11.88
C ARG C 356 13.28 -4.33 -12.53
N GLY C 357 12.86 -4.46 -13.78
CA GLY C 357 12.25 -3.35 -14.48
C GLY C 357 10.76 -3.44 -14.54
N TYR C 358 10.13 -4.05 -13.54
CA TYR C 358 8.69 -4.16 -13.57
C TYR C 358 7.97 -3.04 -12.86
N LYS C 359 8.51 -2.54 -11.74
CA LYS C 359 7.83 -1.48 -11.00
C LYS C 359 7.99 -0.10 -11.65
N PRO C 360 9.16 0.30 -12.12
CA PRO C 360 9.22 1.54 -12.90
C PRO C 360 8.34 1.52 -14.12
N ALA C 361 8.19 0.36 -14.76
CA ALA C 361 7.34 0.28 -15.95
C ALA C 361 5.87 0.50 -15.61
N SER C 362 5.40 -0.01 -14.49
CA SER C 362 4.01 0.28 -14.15
C SER C 362 3.82 1.77 -13.91
N LYS C 363 4.74 2.42 -13.18
CA LYS C 363 4.65 3.87 -13.00
C LYS C 363 4.70 4.64 -14.31
N TYR C 364 5.60 4.24 -15.21
CA TYR C 364 5.72 4.98 -16.46
C TYR C 364 4.44 4.91 -17.27
N MET C 365 3.91 3.72 -17.44
CA MET C 365 2.66 3.63 -18.18
C MET C 365 1.52 4.26 -17.41
N ASN C 366 1.66 4.48 -16.11
CA ASN C 366 0.58 5.11 -15.36
C ASN C 366 0.69 6.63 -15.22
N CYS C 367 1.71 7.27 -15.80
CA CYS C 367 1.85 8.72 -15.73
C CYS C 367 1.38 9.38 -17.00
N PHE C 368 0.90 8.58 -17.93
CA PHE C 368 0.39 9.02 -19.23
C PHE C 368 -1.12 9.15 -19.07
N LEU C 369 -1.59 10.38 -19.04
CA LEU C 369 -2.99 10.67 -18.86
C LEU C 369 -3.54 11.21 -20.17
N SER C 370 -4.67 11.85 -20.10
CA SER C 370 -5.29 12.39 -21.28
C SER C 370 -6.10 13.58 -20.82
N PRO C 371 -5.77 14.76 -21.33
CA PRO C 371 -6.51 15.96 -20.91
C PRO C 371 -7.99 15.78 -21.07
N LEU C 372 -8.44 15.12 -22.13
CA LEU C 372 -9.87 14.94 -22.27
C LEU C 372 -10.38 13.84 -21.36
N LEU C 373 -9.64 12.73 -21.26
CA LEU C 373 -10.09 11.68 -20.36
C LEU C 373 -10.13 12.16 -18.92
N THR C 374 -9.12 12.94 -18.52
CA THR C 374 -9.09 13.42 -17.15
C THR C 374 -10.21 14.42 -16.91
N LEU C 375 -10.46 15.29 -17.87
CA LEU C 375 -11.57 16.23 -17.76
C LEU C 375 -12.90 15.50 -17.63
N LEU C 376 -13.17 14.57 -18.54
CA LEU C 376 -14.44 13.85 -18.51
C LEU C 376 -14.59 13.05 -17.24
N ALA C 377 -13.51 12.43 -16.77
CA ALA C 377 -13.59 11.64 -15.55
C ALA C 377 -13.91 12.53 -14.36
N LYS C 378 -13.23 13.67 -14.27
CA LYS C 378 -13.51 14.59 -13.18
C LYS C 378 -14.97 15.00 -13.19
N ASN C 379 -15.48 15.37 -14.36
CA ASN C 379 -16.83 15.87 -14.46
C ASN C 379 -17.86 14.78 -14.27
N GLY C 380 -17.62 13.62 -14.89
CA GLY C 380 -18.53 12.50 -14.71
C GLY C 380 -18.62 12.02 -13.29
N ALA C 381 -17.49 11.95 -12.60
CA ALA C 381 -17.51 11.55 -11.20
C ALA C 381 -18.31 12.53 -10.37
N PHE C 382 -18.14 13.83 -10.63
CA PHE C 382 -18.90 14.82 -9.88
C PHE C 382 -20.39 14.60 -10.10
N PHE C 383 -20.82 14.50 -11.36
CA PHE C 383 -22.24 14.36 -11.64
C PHE C 383 -22.78 13.05 -11.09
N ALA C 384 -22.08 11.95 -11.35
CA ALA C 384 -22.55 10.66 -10.88
C ALA C 384 -22.60 10.63 -9.36
N GLY C 385 -21.54 11.11 -8.71
CA GLY C 385 -21.52 11.16 -7.26
C GLY C 385 -22.52 12.11 -6.67
N SER C 386 -22.81 13.20 -7.37
CA SER C 386 -23.81 14.13 -6.87
C SER C 386 -25.20 13.54 -6.91
N ILE C 387 -25.50 12.71 -7.91
CA ILE C 387 -26.78 12.03 -7.92
C ILE C 387 -26.79 10.91 -6.91
N LEU C 388 -25.68 10.18 -6.80
CA LEU C 388 -25.62 9.04 -5.91
C LEU C 388 -25.67 9.46 -4.45
N ALA C 389 -25.13 10.63 -4.13
CA ALA C 389 -25.19 11.11 -2.76
C ALA C 389 -26.63 11.39 -2.35
N VAL C 390 -27.41 12.01 -3.23
CA VAL C 390 -28.83 12.25 -2.92
C VAL C 390 -29.54 10.92 -2.77
N LEU C 391 -29.26 9.99 -3.67
CA LEU C 391 -29.88 8.68 -3.61
C LEU C 391 -29.51 8.00 -2.31
N ILE C 392 -28.25 8.12 -1.90
CA ILE C 392 -27.81 7.45 -0.68
C ILE C 392 -28.50 8.07 0.53
N ALA C 393 -28.66 9.40 0.52
CA ALA C 393 -29.36 10.03 1.63
C ALA C 393 -30.82 9.59 1.71
N LEU C 394 -31.51 9.56 0.57
CA LEU C 394 -32.90 9.10 0.59
C LEU C 394 -32.96 7.64 0.99
N THR C 395 -31.95 6.86 0.58
CA THR C 395 -31.87 5.47 0.97
C THR C 395 -31.56 5.33 2.45
N ILE C 396 -30.68 6.19 2.97
CA ILE C 396 -30.25 6.08 4.35
C ILE C 396 -31.37 6.51 5.30
N TYR C 397 -32.12 7.56 4.97
CA TYR C 397 -33.17 8.01 5.88
C TYR C 397 -34.21 6.94 6.11
N ASP C 398 -34.90 6.56 5.05
CA ASP C 398 -35.92 5.52 5.10
C ASP C 398 -35.63 4.52 3.99
N GLU C 399 -35.51 3.24 4.38
CA GLU C 399 -35.03 2.20 3.49
C GLU C 399 -36.14 1.60 2.64
N ASP C 400 -37.39 2.01 2.84
CA ASP C 400 -38.46 1.58 1.94
C ASP C 400 -38.20 2.06 0.52
N VAL C 401 -37.30 3.04 0.35
CA VAL C 401 -36.89 3.47 -0.98
C VAL C 401 -36.17 2.34 -1.70
N LEU C 402 -35.56 1.43 -0.94
CA LEU C 402 -34.87 0.28 -1.52
C LEU C 402 -35.81 -0.69 -2.23
N ALA C 403 -37.12 -0.57 -2.01
CA ALA C 403 -38.07 -1.45 -2.67
C ALA C 403 -38.53 -0.91 -4.02
N VAL C 404 -38.27 0.37 -4.30
CA VAL C 404 -38.56 0.90 -5.63
C VAL C 404 -37.71 0.17 -6.65
N GLU C 405 -38.28 0.00 -7.85
CA GLU C 405 -37.72 -0.97 -8.78
C GLU C 405 -36.28 -0.64 -9.14
N HIS C 406 -36.08 0.51 -9.79
CA HIS C 406 -34.80 0.82 -10.41
C HIS C 406 -33.93 1.72 -9.55
N VAL C 407 -33.97 1.55 -8.23
CA VAL C 407 -33.12 2.36 -7.36
C VAL C 407 -31.79 1.66 -7.07
N LEU C 408 -31.84 0.35 -6.81
CA LEU C 408 -30.64 -0.41 -6.52
C LEU C 408 -29.71 -0.52 -7.73
N THR C 409 -30.28 -0.84 -8.89
CA THR C 409 -29.45 -0.93 -10.09
C THR C 409 -28.82 0.40 -10.43
N THR C 410 -29.55 1.49 -10.24
CA THR C 410 -28.97 2.79 -10.52
C THR C 410 -27.83 3.07 -9.55
N VAL C 411 -28.05 2.79 -8.28
CA VAL C 411 -27.00 2.98 -7.27
C VAL C 411 -25.82 2.09 -7.59
N THR C 412 -26.08 0.83 -7.93
CA THR C 412 -25.01 -0.12 -8.21
C THR C 412 -24.18 0.33 -9.41
N LEU C 413 -24.84 0.68 -10.51
CA LEU C 413 -24.08 1.05 -11.70
C LEU C 413 -23.33 2.34 -11.48
N LEU C 414 -23.93 3.26 -10.73
CA LEU C 414 -23.28 4.52 -10.43
C LEU C 414 -22.11 4.34 -9.47
N GLY C 415 -22.24 3.44 -8.49
CA GLY C 415 -21.09 3.17 -7.66
C GLY C 415 -19.96 2.60 -8.49
N VAL C 416 -20.30 1.68 -9.39
CA VAL C 416 -19.29 1.15 -10.31
C VAL C 416 -18.79 2.27 -11.20
N THR C 417 -19.70 3.13 -11.64
CA THR C 417 -19.31 4.23 -12.51
C THR C 417 -18.39 5.20 -11.80
N VAL C 418 -18.72 5.55 -10.56
CA VAL C 418 -17.84 6.45 -9.82
C VAL C 418 -16.49 5.80 -9.61
N THR C 419 -16.48 4.54 -9.22
CA THR C 419 -15.22 3.87 -8.94
C THR C 419 -14.38 3.72 -10.20
N VAL C 420 -15.02 3.45 -11.33
CA VAL C 420 -14.25 3.34 -12.56
C VAL C 420 -13.76 4.70 -12.99
N CYS C 421 -14.64 5.69 -12.95
CA CYS C 421 -14.26 7.02 -13.42
C CYS C 421 -13.24 7.64 -12.48
N ARG C 422 -13.36 7.38 -11.18
CA ARG C 422 -12.43 7.89 -10.21
C ARG C 422 -11.11 7.13 -10.25
N SER C 423 -10.97 6.21 -11.19
CA SER C 423 -9.73 5.48 -11.31
C SER C 423 -8.87 6.03 -12.42
N PHE C 424 -9.40 6.95 -13.20
CA PHE C 424 -8.62 7.62 -14.23
C PHE C 424 -8.15 8.97 -13.74
N ILE C 425 -8.57 9.36 -12.54
CA ILE C 425 -8.22 10.65 -11.96
C ILE C 425 -6.96 10.42 -11.14
N PRO C 426 -5.83 11.01 -11.51
CA PRO C 426 -4.61 10.77 -10.75
C PRO C 426 -4.62 11.45 -9.39
N ASP C 427 -3.59 11.11 -8.63
CA ASP C 427 -3.33 11.74 -7.34
C ASP C 427 -2.94 13.18 -7.60
N GLN C 428 -3.64 14.10 -6.95
CA GLN C 428 -3.49 15.51 -7.27
C GLN C 428 -2.09 16.01 -6.98
N HIS C 429 -1.34 15.35 -6.12
CA HIS C 429 0.00 15.84 -5.86
C HIS C 429 1.08 14.86 -6.28
N MET C 430 1.00 14.31 -7.49
CA MET C 430 2.00 13.38 -7.98
C MET C 430 3.07 14.14 -8.75
N VAL C 431 4.29 13.61 -8.72
CA VAL C 431 5.41 14.22 -9.43
C VAL C 431 5.42 13.65 -10.85
N PHE C 432 4.77 14.35 -11.77
CA PHE C 432 4.75 13.86 -13.14
C PHE C 432 6.17 13.90 -13.65
N CYS C 433 6.84 12.76 -13.60
CA CYS C 433 8.23 12.63 -14.03
C CYS C 433 8.35 11.41 -14.92
N PRO C 434 7.79 11.49 -16.13
CA PRO C 434 7.82 10.37 -17.08
C PRO C 434 9.12 10.28 -17.85
N GLU C 435 10.11 11.08 -17.49
CA GLU C 435 11.42 11.12 -18.10
C GLU C 435 12.43 10.34 -17.29
N GLN C 436 12.34 10.44 -15.96
CA GLN C 436 13.18 9.61 -15.12
C GLN C 436 12.73 8.15 -15.14
N LEU C 437 11.44 7.88 -15.42
CA LEU C 437 10.96 6.51 -15.45
C LEU C 437 11.60 5.69 -16.57
N LEU C 438 11.78 6.30 -17.73
CA LEU C 438 12.44 5.61 -18.84
C LEU C 438 13.90 5.32 -18.52
N ARG C 439 14.55 6.20 -17.76
CA ARG C 439 15.92 5.92 -17.35
C ARG C 439 15.98 4.66 -16.51
N VAL C 440 15.07 4.52 -15.54
CA VAL C 440 15.06 3.34 -14.69
C VAL C 440 14.75 2.07 -15.50
N ILE C 441 13.85 2.16 -16.47
CA ILE C 441 13.50 0.99 -17.26
C ILE C 441 14.64 0.59 -18.18
N LEU C 442 15.20 1.55 -18.90
CA LEU C 442 16.32 1.25 -19.79
C LEU C 442 17.52 0.69 -19.05
N ALA C 443 17.71 1.07 -17.79
CA ALA C 443 18.79 0.48 -17.03
C ALA C 443 18.62 -1.03 -16.79
N HIS C 444 17.45 -1.60 -17.08
CA HIS C 444 17.27 -3.04 -16.88
C HIS C 444 17.07 -3.82 -18.16
N ILE C 445 16.12 -3.41 -19.02
CA ILE C 445 15.86 -4.19 -20.22
C ILE C 445 16.88 -3.91 -21.32
N HIS C 446 17.64 -2.83 -21.23
CA HIS C 446 18.80 -2.55 -22.06
C HIS C 446 18.51 -2.21 -23.52
N TYR C 447 17.26 -2.25 -23.98
CA TYR C 447 16.96 -2.02 -25.40
C TYR C 447 15.78 -1.08 -25.53
N MET C 448 15.95 -0.05 -26.38
CA MET C 448 14.93 0.96 -26.66
C MET C 448 15.17 1.60 -28.02
N PRO C 449 14.13 1.81 -28.80
CA PRO C 449 14.27 2.56 -30.05
C PRO C 449 14.88 3.94 -29.84
N ASP C 450 15.60 4.40 -30.86
CA ASP C 450 16.38 5.63 -30.73
C ASP C 450 15.48 6.85 -30.58
N HIS C 451 14.25 6.79 -31.08
CA HIS C 451 13.38 7.94 -30.96
C HIS C 451 12.52 7.85 -29.71
N TRP C 452 13.15 7.58 -28.58
CA TRP C 452 12.47 7.47 -27.30
C TRP C 452 13.19 8.36 -26.31
N GLN C 453 14.50 8.54 -26.51
CA GLN C 453 15.28 9.26 -25.52
C GLN C 453 14.85 10.71 -25.43
N GLY C 454 14.81 11.41 -26.57
CA GLY C 454 14.41 12.79 -26.47
C GLY C 454 12.96 12.97 -26.12
N ASN C 455 12.08 12.56 -27.02
CA ASN C 455 10.64 12.71 -26.84
C ASN C 455 10.13 11.53 -26.03
N ALA C 456 10.31 11.63 -24.73
CA ALA C 456 9.97 10.57 -23.81
C ALA C 456 8.54 10.65 -23.34
N HIS C 457 7.86 11.75 -23.63
CA HIS C 457 6.53 11.99 -23.12
C HIS C 457 5.46 12.14 -24.20
N ARG C 458 5.78 11.90 -25.47
CA ARG C 458 4.72 12.07 -26.44
C ARG C 458 3.71 10.95 -26.28
N SER C 459 2.56 11.08 -26.94
CA SER C 459 1.58 10.01 -26.91
C SER C 459 1.95 8.87 -27.85
N GLN C 460 2.88 9.14 -28.76
CA GLN C 460 3.35 8.13 -29.69
C GLN C 460 4.39 7.22 -29.05
N THR C 461 5.22 7.75 -28.16
CA THR C 461 6.21 6.90 -27.50
C THR C 461 5.50 5.92 -26.58
N ARG C 462 4.43 6.36 -25.92
CA ARG C 462 3.71 5.44 -25.07
C ARG C 462 3.09 4.35 -25.90
N ASP C 463 2.49 4.71 -27.03
CA ASP C 463 1.85 3.73 -27.90
C ASP C 463 2.85 2.82 -28.59
N GLU C 464 4.13 3.17 -28.56
CA GLU C 464 5.19 2.32 -29.09
C GLU C 464 5.86 1.50 -28.01
N PHE C 465 5.83 1.98 -26.77
CA PHE C 465 6.26 1.22 -25.62
C PHE C 465 5.21 0.21 -25.20
N ALA C 466 3.93 0.51 -25.42
CA ALA C 466 2.90 -0.42 -25.02
C ALA C 466 2.96 -1.72 -25.79
N GLN C 467 3.66 -1.75 -26.93
CA GLN C 467 3.89 -3.00 -27.65
C GLN C 467 4.99 -3.85 -27.05
N LEU C 468 5.91 -3.27 -26.29
CA LEU C 468 6.90 -4.09 -25.60
C LEU C 468 6.40 -4.51 -24.24
N PHE C 469 5.50 -3.72 -23.67
CA PHE C 469 4.97 -3.89 -22.32
C PHE C 469 3.47 -3.74 -22.45
N GLN C 470 2.81 -4.83 -22.69
CA GLN C 470 1.40 -4.79 -23.03
C GLN C 470 0.55 -5.07 -21.81
N TYR C 471 -0.72 -4.75 -21.93
CA TYR C 471 -1.61 -5.06 -20.83
C TYR C 471 -1.66 -6.55 -20.65
N LYS C 472 -2.16 -6.97 -19.51
CA LYS C 472 -2.41 -8.38 -19.34
C LYS C 472 -3.71 -8.77 -20.02
N ALA C 473 -4.72 -7.90 -19.97
CA ALA C 473 -5.97 -8.20 -20.65
C ALA C 473 -5.75 -8.27 -22.16
N VAL C 474 -4.89 -7.39 -22.68
CA VAL C 474 -4.54 -7.42 -24.11
C VAL C 474 -3.76 -8.69 -24.44
N PHE C 475 -2.86 -9.09 -23.54
CA PHE C 475 -2.13 -10.34 -23.70
C PHE C 475 -3.09 -11.51 -23.83
N ILE C 476 -4.07 -11.57 -22.95
CA ILE C 476 -5.05 -12.65 -23.00
C ILE C 476 -5.80 -12.62 -24.31
N LEU C 477 -6.22 -11.44 -24.75
CA LEU C 477 -7.03 -11.34 -25.95
C LEU C 477 -6.29 -11.83 -27.19
N GLU C 478 -5.00 -11.50 -27.33
CA GLU C 478 -4.27 -11.98 -28.50
C GLU C 478 -3.76 -13.40 -28.35
N GLU C 479 -3.83 -13.99 -27.17
CA GLU C 479 -3.67 -15.43 -27.08
C GLU C 479 -4.92 -16.13 -27.58
N LEU C 480 -6.08 -15.50 -27.42
CA LEU C 480 -7.29 -16.10 -27.96
C LEU C 480 -7.31 -16.01 -29.47
N LEU C 481 -6.84 -14.89 -30.02
CA LEU C 481 -6.85 -14.72 -31.46
C LEU C 481 -5.67 -15.40 -32.15
N SER C 482 -4.70 -15.92 -31.41
CA SER C 482 -3.53 -16.53 -32.06
C SER C 482 -3.89 -17.71 -32.96
N PRO C 483 -4.71 -18.68 -32.55
CA PRO C 483 -5.00 -19.80 -33.45
C PRO C 483 -5.78 -19.44 -34.70
N ILE C 484 -6.39 -18.26 -34.76
CA ILE C 484 -7.10 -17.88 -35.98
C ILE C 484 -6.21 -17.11 -36.92
N VAL C 485 -5.40 -16.21 -36.38
CA VAL C 485 -4.59 -15.34 -37.22
C VAL C 485 -3.27 -15.98 -37.59
N THR C 486 -2.76 -16.87 -36.76
CA THR C 486 -1.47 -17.49 -37.03
C THR C 486 -1.43 -18.16 -38.41
N PRO C 487 -2.43 -18.95 -38.83
CA PRO C 487 -2.35 -19.53 -40.19
C PRO C 487 -2.35 -18.50 -41.31
N LEU C 488 -3.13 -17.43 -41.15
CA LEU C 488 -3.18 -16.37 -42.15
C LEU C 488 -1.85 -15.66 -42.26
N ILE C 489 -1.15 -15.52 -41.15
CA ILE C 489 0.13 -14.85 -41.15
C ILE C 489 1.17 -15.68 -41.90
N LEU C 490 1.11 -16.99 -41.74
CA LEU C 490 2.10 -17.88 -42.34
C LEU C 490 1.92 -18.06 -43.85
N ILE C 491 0.68 -18.03 -44.33
CA ILE C 491 0.40 -18.32 -45.73
C ILE C 491 0.65 -17.13 -46.62
N PHE C 492 0.24 -15.94 -46.19
CA PHE C 492 0.28 -14.82 -47.12
C PHE C 492 1.50 -13.94 -46.90
N CYS C 493 2.01 -13.89 -45.67
CA CYS C 493 3.08 -12.98 -45.34
C CYS C 493 4.41 -13.73 -45.26
N LEU C 494 4.43 -14.88 -44.59
CA LEU C 494 5.68 -15.59 -44.48
C LEU C 494 5.99 -16.38 -45.75
N ARG C 495 4.98 -16.86 -46.47
CA ARG C 495 5.28 -17.66 -47.65
C ARG C 495 6.05 -16.85 -48.68
N PRO C 496 5.68 -15.61 -49.01
CA PRO C 496 6.46 -14.88 -50.00
C PRO C 496 7.86 -14.61 -49.52
N ARG C 497 8.08 -14.65 -48.22
CA ARG C 497 9.40 -14.43 -47.67
C ARG C 497 10.23 -15.71 -47.68
N ALA C 498 9.65 -16.82 -48.14
CA ALA C 498 10.33 -18.11 -48.06
C ALA C 498 11.67 -18.08 -48.76
N LEU C 499 11.86 -17.14 -49.68
CA LEU C 499 13.15 -16.98 -50.35
C LEU C 499 14.10 -16.27 -49.41
N GLU C 500 13.63 -15.17 -48.81
CA GLU C 500 14.47 -14.34 -47.97
C GLU C 500 15.05 -15.17 -46.83
N ILE C 501 14.21 -16.00 -46.21
CA ILE C 501 14.67 -16.87 -45.13
C ILE C 501 15.81 -17.75 -45.62
N ILE C 502 15.65 -18.33 -46.81
CA ILE C 502 16.68 -19.19 -47.37
C ILE C 502 17.99 -18.44 -47.51
N ASP C 503 17.92 -17.16 -47.85
CA ASP C 503 19.13 -16.36 -47.92
C ASP C 503 19.68 -16.17 -46.52
N PHE C 504 18.79 -15.87 -45.57
CA PHE C 504 19.20 -15.63 -44.20
C PHE C 504 19.98 -16.80 -43.63
N PHE C 505 19.35 -17.99 -43.62
CA PHE C 505 20.00 -19.18 -43.11
C PHE C 505 21.29 -19.49 -43.84
N ARG C 506 21.48 -18.95 -45.03
CA ARG C 506 22.70 -19.16 -45.78
C ARG C 506 23.79 -18.15 -45.44
N ASN C 507 23.42 -16.93 -45.05
CA ASN C 507 24.41 -15.91 -44.80
C ASN C 507 24.76 -15.70 -43.34
N PHE C 508 23.94 -16.15 -42.40
CA PHE C 508 24.19 -15.85 -40.99
C PHE C 508 24.24 -17.13 -40.17
N THR C 509 24.97 -18.13 -40.65
CA THR C 509 25.18 -19.37 -39.91
C THR C 509 26.66 -19.69 -39.97
N VAL C 510 27.34 -19.63 -38.82
CA VAL C 510 28.75 -19.95 -38.75
C VAL C 510 28.91 -21.34 -38.16
N GLU C 511 30.12 -21.89 -38.28
CA GLU C 511 30.44 -23.24 -37.85
C GLU C 511 31.51 -23.18 -36.78
N VAL C 512 31.09 -23.19 -35.52
CA VAL C 512 32.05 -23.20 -34.42
C VAL C 512 32.61 -24.60 -34.29
N VAL C 513 33.94 -24.69 -34.29
CA VAL C 513 34.59 -25.99 -34.27
C VAL C 513 34.26 -26.69 -32.96
N GLY C 514 34.00 -28.00 -33.05
CA GLY C 514 33.63 -28.76 -31.88
C GLY C 514 32.20 -28.57 -31.44
N VAL C 515 31.58 -27.44 -31.79
CA VAL C 515 30.21 -27.18 -31.39
C VAL C 515 29.30 -27.57 -32.54
N GLY C 516 29.48 -26.94 -33.70
CA GLY C 516 28.64 -27.27 -34.83
C GLY C 516 28.17 -26.04 -35.57
N ASP C 517 26.98 -26.15 -36.14
CA ASP C 517 26.38 -25.07 -36.91
C ASP C 517 25.61 -24.18 -35.93
N THR C 518 26.11 -22.96 -35.70
CA THR C 518 25.42 -22.06 -34.79
C THR C 518 24.92 -20.81 -35.50
N CYS C 519 24.11 -20.04 -34.78
CA CYS C 519 23.57 -18.80 -35.32
C CYS C 519 24.56 -17.65 -35.08
N SER C 520 24.60 -16.72 -36.03
CA SER C 520 25.42 -15.52 -35.88
C SER C 520 24.93 -14.63 -34.75
N PHE C 521 25.86 -13.98 -34.06
CA PHE C 521 25.49 -13.18 -32.90
C PHE C 521 24.89 -11.87 -33.40
#